data_4BEJ
#
_entry.id   4BEJ
#
_cell.length_a   101.470
_cell.length_b   80.770
_cell.length_c   208.272
_cell.angle_alpha   90.00
_cell.angle_beta   93.45
_cell.angle_gamma   90.00
#
_symmetry.space_group_name_H-M   'P 1 2 1'
#
_entity_poly.entity_id   1
_entity_poly.type   'polypeptide(L)'
_entity_poly.pdbx_seq_one_letter_code
;GPHMGGSMEALIPVINKLQDVFNTVGADIIQLPQIVVVGTQSSGKSSVLESLVGRDLLPRGTGIVTRRPLILQLVHVSQE
DKRKTTGEENGVEAEEWGKFLHTKNKLYTDFDEIRQEIENETERISGNNKGVSPEPIHLKIFSPNVVNLTLVDLPGMTKV
PVGDQPKDIELQIRELILRFISNPNSIILAVTAANTDMATSEALKISREVDPDGRRTLAVITKLDLMDAGTDAMDVLMGR
VIPVKLGIIGVVNRSQLDINNKKSVTDSIRDEYAFLQKKYPSLANRNGTKYLARTLNRLLMHHIRDCLPELKTRINVLAA
QYQSLLNSYGEPVDDKSATLLQLITKFATEYCNTIEGTAKYIETSELCGGARICYIFHETFGRTLESVDPLGGLNTIDIL
TAIRNATAAAAALFVPEVSFELLVKRQIKRLEEPSLRCVELVHEEMQRIIQHCSNYSTQELLRFPKLHDAIVEVVTCLLR
KRLPVTNEMVHNLVAIELAYINTKHPDFADACGLMNNNIEEQRDCEVIERLIKSYFLIVRKNIQDSVPKAVMHFLVNHVK
DTLQSELVGQLYKSSLLDDLLTESEDMAQRRKEAADMLKALQGASQIIAEIRETHLW
;
_entity_poly.pdbx_strand_id   A,B,C,D
#
# COMPACT_ATOMS: atom_id res chain seq x y z
N MET A 8 55.92 80.27 -11.99
CA MET A 8 55.77 79.04 -11.23
C MET A 8 56.73 77.94 -11.70
N GLU A 9 57.75 77.76 -10.86
CA GLU A 9 58.75 76.67 -10.86
C GLU A 9 58.10 75.28 -11.02
N ALA A 10 57.03 75.11 -10.28
CA ALA A 10 56.16 73.94 -10.11
C ALA A 10 55.59 73.42 -11.43
N LEU A 11 55.31 74.28 -12.41
CA LEU A 11 54.71 73.80 -13.65
C LEU A 11 55.56 72.84 -14.53
N ILE A 12 56.87 73.03 -14.66
CA ILE A 12 57.62 72.08 -15.50
C ILE A 12 57.74 70.68 -14.83
N PRO A 13 57.89 70.60 -13.49
CA PRO A 13 57.96 69.30 -12.78
C PRO A 13 56.70 68.44 -12.85
N VAL A 14 55.54 69.09 -12.77
CA VAL A 14 54.23 68.43 -12.79
C VAL A 14 54.00 67.80 -14.16
N ILE A 15 54.46 68.47 -15.20
CA ILE A 15 54.36 67.98 -16.57
C ILE A 15 55.17 66.70 -16.62
N ASN A 16 56.38 66.72 -16.05
CA ASN A 16 57.23 65.52 -16.06
C ASN A 16 56.48 64.36 -15.39
N LYS A 17 55.82 64.62 -14.27
CA LYS A 17 55.03 63.60 -13.56
C LYS A 17 53.95 63.08 -14.51
N LEU A 18 53.38 64.04 -15.24
CA LEU A 18 52.32 63.85 -16.23
C LEU A 18 52.81 62.93 -17.34
N GLN A 19 54.07 63.05 -17.69
CA GLN A 19 54.63 62.22 -18.73
C GLN A 19 54.94 60.81 -18.23
N ASP A 20 55.47 60.69 -17.01
CA ASP A 20 55.77 59.35 -16.48
C ASP A 20 54.54 58.43 -16.36
N VAL A 21 53.42 59.02 -15.94
CA VAL A 21 52.14 58.32 -15.74
C VAL A 21 51.62 57.65 -17.01
N PHE A 22 51.98 58.21 -18.16
CA PHE A 22 51.52 57.69 -19.44
C PHE A 22 52.62 57.09 -20.34
N ASN A 23 53.71 56.64 -19.74
CA ASN A 23 54.76 56.00 -20.53
C ASN A 23 54.43 54.54 -20.86
N THR A 24 53.82 53.81 -19.93
CA THR A 24 53.45 52.40 -20.19
C THR A 24 52.24 52.29 -21.12
N VAL A 25 51.26 53.15 -20.92
CA VAL A 25 50.09 53.17 -21.78
C VAL A 25 50.38 54.28 -22.80
N GLY A 26 49.78 54.21 -23.98
CA GLY A 26 50.00 55.22 -25.01
C GLY A 26 49.65 56.65 -24.60
N ALA A 27 50.66 57.49 -24.51
CA ALA A 27 50.48 58.88 -24.08
C ALA A 27 49.95 59.90 -25.09
N ASP A 28 49.82 59.53 -26.37
CA ASP A 28 49.36 60.53 -27.35
C ASP A 28 47.85 60.73 -27.40
N ILE A 29 47.13 60.20 -26.42
CA ILE A 29 45.68 60.43 -26.31
C ILE A 29 45.42 61.77 -25.62
N ILE A 30 46.35 62.14 -24.74
CA ILE A 30 46.26 63.33 -23.90
C ILE A 30 46.78 64.64 -24.51
N GLN A 31 47.69 64.54 -25.47
CA GLN A 31 48.35 65.70 -26.07
C GLN A 31 48.87 66.72 -25.04
N LEU A 32 50.00 66.35 -24.41
CA LEU A 32 50.65 67.14 -23.37
C LEU A 32 51.44 68.33 -23.92
N PRO A 33 51.76 69.30 -23.04
CA PRO A 33 52.63 70.43 -23.42
C PRO A 33 54.12 70.06 -23.29
N GLN A 34 54.84 70.06 -24.40
CA GLN A 34 56.26 69.72 -24.38
C GLN A 34 56.93 70.17 -25.68
N ILE A 35 58.24 70.04 -25.74
CA ILE A 35 59.00 70.43 -26.92
C ILE A 35 59.64 69.20 -27.55
N VAL A 36 59.44 69.03 -28.85
CA VAL A 36 60.05 67.92 -29.57
C VAL A 36 61.17 68.47 -30.45
N VAL A 37 62.32 67.80 -30.42
CA VAL A 37 63.47 68.23 -31.19
C VAL A 37 63.59 67.45 -32.51
N VAL A 38 63.52 68.15 -33.63
CA VAL A 38 63.53 67.49 -34.92
C VAL A 38 64.76 68.00 -35.68
N GLY A 39 65.54 67.06 -36.22
CA GLY A 39 66.72 67.42 -36.98
C GLY A 39 67.27 66.27 -37.82
N THR A 40 68.04 66.60 -38.84
CA THR A 40 68.78 65.60 -39.59
C THR A 40 69.94 65.09 -38.73
N GLN A 41 70.38 63.86 -38.98
CA GLN A 41 71.48 63.26 -38.24
C GLN A 41 72.77 64.10 -38.29
N SER A 42 72.92 64.86 -39.36
CA SER A 42 74.13 65.67 -39.56
C SER A 42 73.98 67.06 -38.95
N SER A 43 72.82 67.34 -38.37
CA SER A 43 72.57 68.66 -37.80
C SER A 43 73.32 68.85 -36.49
N GLY A 44 73.80 67.75 -35.92
CA GLY A 44 74.53 67.80 -34.68
C GLY A 44 73.59 67.99 -33.50
N LYS A 45 72.39 67.45 -33.63
CA LYS A 45 71.39 67.59 -32.58
C LYS A 45 71.78 66.90 -31.28
N SER A 46 72.58 65.84 -31.38
CA SER A 46 73.07 65.16 -30.19
C SER A 46 73.94 66.13 -29.40
N SER A 47 74.76 66.90 -30.13
CA SER A 47 75.65 67.86 -29.52
C SER A 47 74.88 68.95 -28.78
N VAL A 48 73.75 69.35 -29.39
CA VAL A 48 72.87 70.35 -28.82
C VAL A 48 72.36 69.89 -27.46
N LEU A 49 71.90 68.65 -27.39
CA LEU A 49 71.39 68.10 -26.15
C LEU A 49 72.51 67.95 -25.14
N GLU A 50 73.66 67.46 -25.60
CA GLU A 50 74.79 67.27 -24.72
C GLU A 50 75.35 68.59 -24.20
N SER A 51 75.18 69.67 -24.96
CA SER A 51 75.65 70.97 -24.50
C SER A 51 74.71 71.60 -23.48
N LEU A 52 73.46 71.15 -23.46
CA LEU A 52 72.51 71.64 -22.48
C LEU A 52 72.83 71.02 -21.13
N VAL A 53 72.96 69.69 -21.11
CA VAL A 53 73.25 68.96 -19.89
C VAL A 53 74.66 69.25 -19.35
N GLY A 54 75.60 69.45 -20.26
CA GLY A 54 76.97 69.73 -19.85
C GLY A 54 77.84 68.50 -19.67
N ARG A 55 77.39 67.38 -20.23
CA ARG A 55 78.13 66.12 -20.17
C ARG A 55 77.88 65.33 -21.45
N ASP A 56 78.87 64.54 -21.88
CA ASP A 56 78.67 63.65 -23.01
C ASP A 56 77.96 62.39 -22.53
N LEU A 57 76.66 62.35 -22.74
CA LEU A 57 75.86 61.22 -22.29
C LEU A 57 75.03 60.57 -23.39
N LEU A 58 75.04 61.16 -24.57
CA LEU A 58 74.32 60.58 -25.68
C LEU A 58 75.31 59.74 -26.48
N PRO A 59 74.87 58.57 -26.95
CA PRO A 59 75.76 57.69 -27.73
C PRO A 59 76.04 58.24 -29.13
N ARG A 60 77.30 58.13 -29.56
CA ARG A 60 77.70 58.55 -30.89
C ARG A 60 78.13 57.34 -31.69
N GLY A 61 78.63 56.33 -30.98
CA GLY A 61 79.14 55.11 -31.60
C GLY A 61 80.21 55.32 -32.66
N VAL A 65 72.74 55.27 -33.88
CA VAL A 65 71.42 54.98 -34.43
C VAL A 65 70.41 54.59 -33.34
N THR A 66 69.57 55.57 -32.97
CA THR A 66 68.57 55.38 -31.93
C THR A 66 67.19 55.24 -32.58
N ARG A 67 66.43 54.25 -32.12
CA ARG A 67 65.16 53.92 -32.75
C ARG A 67 63.96 54.24 -31.87
N ARG A 68 64.22 54.83 -30.71
CA ARG A 68 63.13 55.24 -29.83
C ARG A 68 63.34 56.67 -29.33
N PRO A 69 62.24 57.44 -29.25
CA PRO A 69 62.27 58.82 -28.75
C PRO A 69 62.81 58.87 -27.33
N LEU A 70 63.76 59.76 -27.07
CA LEU A 70 64.33 59.85 -25.73
C LEU A 70 63.85 61.15 -25.10
N ILE A 71 63.02 61.00 -24.06
CA ILE A 71 62.49 62.14 -23.31
C ILE A 71 63.48 62.44 -22.20
N LEU A 72 64.25 63.52 -22.39
CA LEU A 72 65.30 63.89 -21.47
C LEU A 72 64.82 65.02 -20.58
N GLN A 73 64.65 64.70 -19.30
CA GLN A 73 64.16 65.65 -18.31
C GLN A 73 65.30 66.16 -17.43
N LEU A 74 65.68 67.42 -17.62
CA LEU A 74 66.76 68.02 -16.84
C LEU A 74 66.18 68.77 -15.65
N VAL A 75 66.75 68.52 -14.47
CA VAL A 75 66.25 69.14 -13.24
C VAL A 75 67.34 69.81 -12.40
N HIS A 76 67.21 71.12 -12.19
CA HIS A 76 68.17 71.90 -11.42
C HIS A 76 68.21 71.35 -10.00
N VAL A 77 69.41 71.19 -9.44
CA VAL A 77 69.55 70.62 -8.10
C VAL A 77 70.07 71.61 -7.06
N SER A 78 71.02 72.47 -7.41
CA SER A 78 71.53 73.47 -6.48
C SER A 78 70.44 74.45 -6.05
N VAL A 92 74.48 60.85 -1.48
CA VAL A 92 74.49 60.20 -2.80
C VAL A 92 75.88 59.76 -3.32
N GLU A 93 76.95 60.55 -3.15
CA GLU A 93 76.95 61.95 -2.71
C GLU A 93 77.30 62.90 -3.85
N ALA A 94 77.35 62.36 -5.07
CA ALA A 94 77.75 63.11 -6.25
C ALA A 94 76.88 64.31 -6.54
N GLU A 95 77.48 65.33 -7.15
CA GLU A 95 76.78 66.57 -7.48
C GLU A 95 75.91 66.36 -8.71
N GLU A 96 76.34 65.46 -9.60
CA GLU A 96 75.58 65.19 -10.81
C GLU A 96 75.17 63.74 -10.86
N TRP A 97 73.91 63.52 -11.20
CA TRP A 97 73.35 62.19 -11.33
C TRP A 97 72.01 62.02 -12.06
N GLY A 98 71.79 60.77 -12.44
CA GLY A 98 70.63 60.31 -13.20
C GLY A 98 69.81 59.11 -12.74
N LYS A 99 68.58 59.04 -13.23
CA LYS A 99 67.71 57.91 -12.94
C LYS A 99 66.83 57.74 -14.19
N PHE A 100 66.58 56.50 -14.59
CA PHE A 100 65.74 56.20 -15.74
C PHE A 100 64.40 55.72 -15.20
N LEU A 101 63.34 55.88 -15.98
CA LEU A 101 62.02 55.43 -15.56
C LEU A 101 61.89 53.92 -15.50
N HIS A 102 62.55 53.25 -16.43
CA HIS A 102 62.46 51.80 -16.48
C HIS A 102 63.28 51.10 -15.41
N THR A 103 64.50 51.57 -15.16
CA THR A 103 65.29 51.10 -14.01
C THR A 103 64.86 51.91 -12.80
N LYS A 104 63.54 51.99 -12.57
CA LYS A 104 62.96 52.79 -11.49
C LYS A 104 63.78 52.85 -10.20
N ASN A 105 63.92 54.08 -9.70
CA ASN A 105 64.59 54.44 -8.45
C ASN A 105 66.11 54.26 -8.45
N LYS A 106 66.65 53.53 -9.42
CA LYS A 106 68.09 53.34 -9.46
C LYS A 106 68.74 54.67 -9.80
N LEU A 107 69.72 55.09 -9.01
CA LEU A 107 70.38 56.38 -9.26
C LEU A 107 71.74 56.14 -9.91
N TYR A 108 71.91 56.72 -11.10
CA TYR A 108 73.12 56.56 -11.87
C TYR A 108 74.07 57.70 -11.51
N THR A 109 75.30 57.36 -11.17
CA THR A 109 76.32 58.35 -10.84
C THR A 109 77.43 58.31 -11.88
N ASP A 110 77.40 57.29 -12.72
CA ASP A 110 78.36 57.15 -13.80
C ASP A 110 77.65 57.46 -15.11
N PHE A 111 78.04 58.56 -15.76
CA PHE A 111 77.41 58.94 -17.02
C PHE A 111 77.78 58.03 -18.19
N ASP A 112 78.84 57.26 -18.03
CA ASP A 112 79.21 56.31 -19.06
C ASP A 112 78.16 55.20 -19.04
N GLU A 113 77.60 54.97 -17.86
CA GLU A 113 76.56 53.96 -17.71
C GLU A 113 75.23 54.42 -18.25
N ILE A 114 74.97 55.72 -18.11
CA ILE A 114 73.75 56.31 -18.65
C ILE A 114 73.70 56.18 -20.16
N ARG A 115 74.82 56.52 -20.80
CA ARG A 115 74.97 56.42 -22.25
C ARG A 115 74.82 54.98 -22.71
N GLN A 116 75.45 54.07 -21.96
CA GLN A 116 75.41 52.63 -22.25
C GLN A 116 74.00 52.04 -22.10
N GLU A 117 73.23 52.60 -21.16
CA GLU A 117 71.87 52.15 -20.91
C GLU A 117 70.93 52.59 -22.02
N ILE A 118 71.17 53.79 -22.56
CA ILE A 118 70.40 54.32 -23.68
C ILE A 118 70.57 53.40 -24.90
N GLU A 119 71.81 53.01 -25.16
CA GLU A 119 72.13 52.10 -26.27
C GLU A 119 71.41 50.78 -26.04
N ASN A 120 71.46 50.32 -24.81
CA ASN A 120 70.86 49.06 -24.42
C ASN A 120 69.34 49.03 -24.55
N GLU A 121 68.69 50.07 -24.02
CA GLU A 121 67.24 50.15 -24.08
C GLU A 121 66.77 50.16 -25.54
N THR A 122 67.55 50.79 -26.41
CA THR A 122 67.24 50.86 -27.84
C THR A 122 67.35 49.53 -28.58
N GLU A 123 68.49 48.85 -28.40
CA GLU A 123 68.77 47.55 -28.99
C GLU A 123 67.79 46.46 -28.54
N ARG A 124 67.42 46.55 -27.27
CA ARG A 124 66.50 45.65 -26.59
C ARG A 124 65.15 45.48 -27.30
N ILE A 125 64.57 46.54 -27.88
CA ILE A 125 63.29 46.33 -28.56
C ILE A 125 63.45 45.85 -29.99
N VAL A 132 62.10 50.66 -35.48
CA VAL A 132 61.79 51.86 -34.73
C VAL A 132 60.59 51.57 -33.82
N SER A 133 60.45 52.31 -32.72
CA SER A 133 59.33 52.14 -31.82
C SER A 133 58.87 53.46 -31.24
N PRO A 134 57.55 53.63 -31.06
CA PRO A 134 56.99 54.89 -30.54
C PRO A 134 57.09 55.03 -29.03
N GLU A 135 57.41 53.94 -28.33
CA GLU A 135 57.51 53.97 -26.87
C GLU A 135 58.74 54.74 -26.41
N PRO A 136 58.52 55.87 -25.71
CA PRO A 136 59.63 56.69 -25.24
C PRO A 136 60.39 56.12 -24.03
N ILE A 137 61.60 56.61 -23.84
CA ILE A 137 62.47 56.25 -22.72
C ILE A 137 62.67 57.53 -21.93
N HIS A 138 62.47 57.46 -20.61
CA HIS A 138 62.42 58.67 -19.76
C HIS A 138 63.61 58.79 -18.82
N LEU A 139 64.58 59.58 -19.25
CA LEU A 139 65.82 59.76 -18.52
C LEU A 139 65.83 61.13 -17.87
N LYS A 140 66.05 61.13 -16.56
CA LYS A 140 66.09 62.35 -15.80
C LYS A 140 67.50 62.55 -15.26
N ILE A 141 68.03 63.74 -15.45
CA ILE A 141 69.38 64.05 -14.99
C ILE A 141 69.33 65.23 -14.04
N PHE A 142 69.95 65.04 -12.87
CA PHE A 142 70.02 66.07 -11.86
C PHE A 142 71.41 66.67 -11.84
N SER A 143 71.47 67.99 -11.89
CA SER A 143 72.73 68.71 -11.95
C SER A 143 72.51 70.17 -11.60
N PRO A 144 73.49 70.80 -10.95
CA PRO A 144 73.41 72.23 -10.62
C PRO A 144 73.81 73.10 -11.81
N ASN A 145 74.42 72.49 -12.82
CA ASN A 145 74.89 73.21 -13.98
C ASN A 145 73.86 73.31 -15.10
N VAL A 146 72.68 72.75 -14.87
CA VAL A 146 71.63 72.75 -15.90
C VAL A 146 70.42 73.52 -15.39
N VAL A 147 69.59 73.98 -16.32
CA VAL A 147 68.35 74.65 -15.97
C VAL A 147 67.22 73.65 -15.99
N ASN A 148 66.08 74.00 -15.40
CA ASN A 148 64.93 73.12 -15.41
C ASN A 148 64.34 73.13 -16.80
N LEU A 149 64.36 71.99 -17.47
CA LEU A 149 63.93 71.91 -18.86
C LEU A 149 63.71 70.45 -19.22
N THR A 150 62.73 70.21 -20.08
CA THR A 150 62.44 68.87 -20.57
C THR A 150 62.33 68.89 -22.09
N LEU A 151 62.90 67.89 -22.76
CA LEU A 151 62.85 67.82 -24.21
C LEU A 151 62.64 66.38 -24.67
N VAL A 152 61.90 66.22 -25.77
CA VAL A 152 61.69 64.90 -26.31
C VAL A 152 62.49 64.77 -27.61
N ASP A 153 63.60 64.04 -27.54
CA ASP A 153 64.46 63.85 -28.71
C ASP A 153 63.83 62.79 -29.62
N LEU A 154 63.91 63.01 -30.93
CA LEU A 154 63.39 62.05 -31.89
C LEU A 154 64.48 61.62 -32.86
N PRO A 155 64.37 60.41 -33.42
CA PRO A 155 65.33 59.88 -34.40
C PRO A 155 65.54 60.81 -35.60
N GLY A 156 66.79 60.97 -36.02
CA GLY A 156 67.12 61.86 -37.11
C GLY A 156 66.86 61.32 -38.51
N MET A 157 66.50 62.22 -39.43
CA MET A 157 66.27 61.88 -40.82
C MET A 157 67.58 61.90 -41.60
N THR A 158 67.62 61.24 -42.76
CA THR A 158 68.84 61.25 -43.57
C THR A 158 68.63 61.69 -45.01
N LYS A 159 67.97 62.84 -45.19
CA LYS A 159 67.71 63.43 -46.52
C LYS A 159 67.25 62.45 -47.61
N ASP A 168 63.06 52.87 -46.68
CA ASP A 168 61.77 53.02 -46.02
C ASP A 168 61.86 52.78 -44.53
N ILE A 169 63.07 52.89 -43.98
CA ILE A 169 63.27 52.78 -42.54
C ILE A 169 63.08 54.21 -42.04
N GLU A 170 63.69 55.11 -42.81
CA GLU A 170 63.69 56.56 -42.63
C GLU A 170 62.25 57.09 -42.55
N LEU A 171 61.36 56.50 -43.35
CA LEU A 171 59.96 56.93 -43.43
C LEU A 171 59.19 56.52 -42.18
N GLN A 172 59.52 55.38 -41.59
CA GLN A 172 58.89 54.95 -40.35
C GLN A 172 59.21 56.05 -39.35
N ILE A 173 60.47 56.49 -39.34
CA ILE A 173 60.93 57.55 -38.45
C ILE A 173 60.23 58.87 -38.75
N ARG A 174 60.19 59.28 -40.02
CA ARG A 174 59.55 60.52 -40.43
C ARG A 174 58.10 60.43 -39.95
N GLU A 175 57.49 59.26 -40.14
CA GLU A 175 56.11 59.00 -39.73
C GLU A 175 56.00 59.14 -38.22
N LEU A 176 57.04 58.66 -37.53
CA LEU A 176 57.13 58.73 -36.07
C LEU A 176 57.25 60.17 -35.59
N ILE A 177 58.09 60.94 -36.26
CA ILE A 177 58.25 62.35 -35.93
C ILE A 177 56.87 63.02 -36.01
N LEU A 178 56.11 62.68 -37.05
CA LEU A 178 54.80 63.27 -37.25
C LEU A 178 53.81 62.94 -36.13
N ARG A 179 53.90 61.73 -35.57
CA ARG A 179 53.01 61.32 -34.48
C ARG A 179 53.14 62.25 -33.29
N PHE A 180 54.36 62.69 -33.04
CA PHE A 180 54.67 63.61 -31.94
C PHE A 180 54.35 65.05 -32.33
N ILE A 181 54.89 65.52 -33.44
CA ILE A 181 54.74 66.94 -33.79
C ILE A 181 53.35 67.31 -34.32
N SER A 182 52.50 66.30 -34.54
CA SER A 182 51.10 66.54 -34.90
C SER A 182 50.35 67.01 -33.67
N ASN A 183 51.02 66.93 -32.53
CA ASN A 183 50.46 67.32 -31.25
C ASN A 183 50.24 68.83 -31.24
N PRO A 184 48.99 69.26 -30.96
CA PRO A 184 48.67 70.69 -30.97
C PRO A 184 49.47 71.51 -29.96
N ASN A 185 49.70 70.94 -28.78
CA ASN A 185 50.42 71.62 -27.72
C ASN A 185 51.93 71.40 -27.75
N SER A 186 52.41 70.77 -28.82
CA SER A 186 53.82 70.43 -28.99
C SER A 186 54.60 71.51 -29.71
N ILE A 187 55.56 72.11 -29.02
CA ILE A 187 56.41 73.10 -29.64
C ILE A 187 57.50 72.29 -30.36
N ILE A 188 57.90 72.77 -31.53
CA ILE A 188 58.88 72.06 -32.34
C ILE A 188 60.23 72.78 -32.33
N LEU A 189 61.26 72.07 -31.89
CA LEU A 189 62.60 72.62 -31.90
C LEU A 189 63.30 72.08 -33.13
N ALA A 190 63.32 72.89 -34.19
CA ALA A 190 63.89 72.47 -35.47
C ALA A 190 65.36 72.87 -35.53
N VAL A 191 66.23 71.88 -35.58
CA VAL A 191 67.67 72.11 -35.57
C VAL A 191 68.24 71.95 -36.98
N THR A 192 68.95 72.98 -37.43
CA THR A 192 69.56 72.95 -38.76
C THR A 192 70.98 73.49 -38.67
N ALA A 193 71.89 72.90 -39.44
CA ALA A 193 73.28 73.32 -39.46
C ALA A 193 73.38 74.52 -40.39
N ALA A 194 74.21 75.50 -40.02
CA ALA A 194 74.45 76.66 -40.86
C ALA A 194 75.22 76.21 -42.10
N ASN A 195 75.89 75.07 -41.95
CA ASN A 195 76.66 74.45 -43.04
C ASN A 195 75.84 74.32 -44.32
N THR A 196 74.58 73.91 -44.18
CA THR A 196 73.71 73.70 -45.32
C THR A 196 72.68 74.82 -45.49
N ASP A 197 71.80 74.68 -46.47
CA ASP A 197 70.75 75.65 -46.74
C ASP A 197 69.49 75.30 -45.94
N MET A 198 69.17 76.13 -44.95
CA MET A 198 68.02 75.88 -44.08
C MET A 198 66.63 76.00 -44.73
N ALA A 199 66.49 76.79 -45.79
CA ALA A 199 65.18 76.89 -46.44
C ALA A 199 64.79 75.56 -47.09
N THR A 200 65.78 74.73 -47.40
CA THR A 200 65.51 73.44 -48.01
C THR A 200 65.64 72.36 -46.93
N SER A 201 65.57 72.78 -45.68
CA SER A 201 65.73 71.88 -44.54
C SER A 201 64.66 70.82 -44.43
N GLU A 202 65.09 69.57 -44.36
CA GLU A 202 64.19 68.45 -44.16
C GLU A 202 63.41 68.64 -42.87
N ALA A 203 64.09 69.19 -41.86
CA ALA A 203 63.48 69.40 -40.55
C ALA A 203 62.43 70.50 -40.64
N LEU A 204 62.78 71.59 -41.31
CA LEU A 204 61.89 72.74 -41.44
C LEU A 204 60.72 72.35 -42.34
N LYS A 205 60.97 71.45 -43.29
CA LYS A 205 59.94 71.01 -44.22
C LYS A 205 58.89 70.13 -43.53
N ILE A 206 59.33 69.20 -42.69
CA ILE A 206 58.39 68.35 -41.98
C ILE A 206 57.61 69.16 -40.95
N SER A 207 58.26 70.19 -40.39
CA SER A 207 57.63 71.06 -39.42
C SER A 207 56.53 71.87 -40.12
N ARG A 208 56.83 72.25 -41.36
CA ARG A 208 55.90 72.99 -42.21
C ARG A 208 54.69 72.16 -42.63
N GLU A 209 54.90 70.85 -42.70
CA GLU A 209 53.85 69.89 -43.05
C GLU A 209 52.72 69.87 -42.01
N VAL A 210 53.05 69.98 -40.72
CA VAL A 210 52.04 69.94 -39.68
C VAL A 210 51.71 71.33 -39.14
N ASP A 211 52.64 72.25 -39.28
CA ASP A 211 52.45 73.63 -38.86
C ASP A 211 52.92 74.52 -40.00
N PRO A 212 51.99 74.90 -40.90
CA PRO A 212 52.32 75.61 -42.14
C PRO A 212 53.15 76.87 -41.90
N ASP A 213 52.67 77.78 -41.05
CA ASP A 213 53.49 78.93 -40.71
C ASP A 213 54.34 78.46 -39.54
N GLY A 214 55.41 79.18 -39.21
CA GLY A 214 56.26 78.81 -38.10
C GLY A 214 55.67 79.19 -36.76
N ARG A 215 54.37 79.01 -36.59
CA ARG A 215 53.65 79.50 -35.43
C ARG A 215 53.98 78.83 -34.09
N ARG A 216 54.49 77.60 -34.15
CA ARG A 216 54.87 76.90 -32.92
C ARG A 216 56.18 76.13 -33.10
N THR A 217 57.08 76.70 -33.90
CA THR A 217 58.35 76.07 -34.21
C THR A 217 59.50 77.01 -33.89
N LEU A 218 60.46 76.54 -33.09
CA LEU A 218 61.63 77.34 -32.77
C LEU A 218 62.81 76.72 -33.50
N ALA A 219 63.50 77.55 -34.29
CA ALA A 219 64.63 77.08 -35.08
C ALA A 219 65.96 77.27 -34.34
N VAL A 220 66.84 76.28 -34.47
CA VAL A 220 68.19 76.33 -33.90
C VAL A 220 69.26 76.10 -34.97
N ILE A 221 70.25 76.99 -35.02
CA ILE A 221 71.32 76.88 -36.00
C ILE A 221 72.63 76.54 -35.32
N THR A 222 73.16 75.38 -35.68
CA THR A 222 74.40 74.88 -35.11
C THR A 222 75.49 75.11 -36.14
N LYS A 223 76.73 74.81 -35.76
CA LYS A 223 77.87 74.94 -36.68
C LYS A 223 78.06 76.37 -37.20
N LEU A 224 77.83 77.36 -36.34
CA LEU A 224 77.99 78.75 -36.70
C LEU A 224 79.39 79.09 -37.20
N ASP A 225 80.43 78.39 -36.75
CA ASP A 225 81.73 78.78 -37.25
C ASP A 225 81.97 78.33 -38.69
N LEU A 226 81.05 77.51 -39.22
CA LEU A 226 81.16 77.06 -40.60
C LEU A 226 80.18 77.91 -41.40
N MET A 227 79.87 79.10 -40.88
CA MET A 227 78.92 80.00 -41.52
C MET A 227 79.62 81.02 -42.40
N ASP A 228 79.04 81.24 -43.58
CA ASP A 228 79.59 82.18 -44.56
C ASP A 228 78.44 82.83 -45.32
N ALA A 229 78.73 83.98 -45.92
CA ALA A 229 77.76 84.76 -46.69
C ALA A 229 76.80 83.97 -47.58
N GLY A 230 77.31 82.96 -48.29
CA GLY A 230 76.43 82.21 -49.18
C GLY A 230 75.65 81.08 -48.53
N THR A 231 74.76 81.45 -47.61
CA THR A 231 73.81 80.53 -46.96
C THR A 231 72.56 81.32 -46.60
N ASP A 232 71.50 80.62 -46.21
CA ASP A 232 70.27 81.28 -45.80
C ASP A 232 70.36 81.69 -44.34
N ALA A 233 71.49 81.43 -43.69
CA ALA A 233 71.49 81.30 -42.23
C ALA A 233 71.86 82.59 -41.50
N MET A 234 72.89 83.29 -41.97
CA MET A 234 73.22 84.60 -41.42
C MET A 234 71.97 85.51 -41.46
N ASP A 235 71.24 85.47 -42.58
CA ASP A 235 70.05 86.33 -42.75
C ASP A 235 68.89 86.10 -41.79
N VAL A 236 68.70 84.85 -41.43
CA VAL A 236 67.66 84.41 -40.51
C VAL A 236 68.01 84.72 -39.06
N LEU A 237 69.26 84.46 -38.69
CA LEU A 237 69.70 84.68 -37.32
C LEU A 237 69.55 86.17 -37.01
N MET A 238 69.65 87.00 -38.04
CA MET A 238 69.46 88.44 -37.88
C MET A 238 67.97 88.78 -37.88
N VAL A 241 64.78 87.38 -42.97
CA VAL A 241 63.55 86.69 -43.31
C VAL A 241 63.19 85.64 -42.24
N ILE A 242 62.00 85.77 -41.68
CA ILE A 242 61.59 84.86 -40.61
C ILE A 242 60.82 83.62 -41.12
N PRO A 243 61.43 82.44 -41.02
CA PRO A 243 60.71 81.23 -41.43
C PRO A 243 59.75 80.78 -40.34
N VAL A 244 60.27 80.73 -39.11
CA VAL A 244 59.54 80.35 -37.93
C VAL A 244 59.21 81.57 -37.06
N LYS A 245 58.13 81.48 -36.29
CA LYS A 245 57.63 82.61 -35.50
C LYS A 245 58.23 82.66 -34.09
N LEU A 246 58.52 81.48 -33.52
CA LEU A 246 59.17 81.35 -32.21
C LEU A 246 60.63 81.82 -32.24
N GLY A 247 61.07 82.33 -33.38
CA GLY A 247 62.39 82.88 -33.57
C GLY A 247 63.53 81.90 -33.73
N ILE A 248 64.75 82.43 -33.80
CA ILE A 248 65.94 81.63 -34.00
C ILE A 248 67.04 81.84 -32.95
N ILE A 249 67.79 80.78 -32.65
CA ILE A 249 68.91 80.87 -31.73
C ILE A 249 70.14 80.20 -32.35
N GLY A 250 71.28 80.88 -32.35
CA GLY A 250 72.53 80.33 -32.85
C GLY A 250 73.43 79.73 -31.80
N VAL A 251 74.10 78.62 -32.13
CA VAL A 251 75.08 78.00 -31.23
C VAL A 251 76.26 77.39 -31.99
N VAL A 252 77.34 77.11 -31.27
CA VAL A 252 78.44 76.30 -31.81
C VAL A 252 78.81 75.24 -30.79
N ASN A 253 78.69 73.99 -31.22
CA ASN A 253 78.96 72.84 -30.38
C ASN A 253 80.25 72.13 -30.76
N ARG A 254 80.50 71.01 -30.09
CA ARG A 254 81.64 70.16 -30.38
C ARG A 254 81.39 69.41 -31.69
N SER A 255 82.37 69.44 -32.58
CA SER A 255 82.29 68.69 -33.83
C SER A 255 83.07 67.39 -33.68
N GLN A 256 83.08 66.58 -34.73
CA GLN A 256 83.81 65.31 -34.71
C GLN A 256 85.29 65.60 -34.53
N LEU A 257 86.06 64.58 -34.14
CA LEU A 257 87.48 64.77 -33.80
C LEU A 257 87.65 65.73 -32.63
N ASP A 258 86.68 65.74 -31.73
CA ASP A 258 86.74 66.54 -30.50
C ASP A 258 86.14 65.82 -29.31
N LYS A 263 87.38 66.90 -25.92
CA LYS A 263 87.14 68.28 -25.51
C LYS A 263 85.94 68.36 -24.57
N SER A 264 86.19 68.82 -23.35
CA SER A 264 85.13 68.93 -22.34
C SER A 264 83.98 69.77 -22.87
N VAL A 265 82.75 69.36 -22.57
CA VAL A 265 81.58 70.11 -23.01
C VAL A 265 81.61 71.49 -22.37
N THR A 266 82.05 71.52 -21.11
CA THR A 266 82.16 72.73 -20.31
C THR A 266 83.14 73.68 -20.96
N ASP A 267 84.25 73.13 -21.45
CA ASP A 267 85.28 73.90 -22.12
C ASP A 267 84.75 74.39 -23.46
N SER A 268 83.99 73.53 -24.14
CA SER A 268 83.39 73.88 -25.42
C SER A 268 82.43 75.07 -25.34
N ILE A 269 81.59 75.12 -24.29
CA ILE A 269 80.63 76.21 -24.16
C ILE A 269 81.38 77.51 -23.83
N ARG A 270 82.52 77.37 -23.15
CA ARG A 270 83.35 78.51 -22.79
C ARG A 270 84.01 78.98 -24.08
N ASP A 271 84.44 78.01 -24.87
CA ASP A 271 85.08 78.22 -26.16
C ASP A 271 84.10 78.93 -27.08
N GLU A 272 82.83 78.56 -26.96
CA GLU A 272 81.76 79.12 -27.77
C GLU A 272 81.49 80.59 -27.46
N TYR A 273 81.57 80.94 -26.19
CA TYR A 273 81.32 82.31 -25.78
C TYR A 273 82.41 83.22 -26.38
N ALA A 274 83.66 82.76 -26.29
CA ALA A 274 84.80 83.48 -26.84
C ALA A 274 84.64 83.73 -28.34
N PHE A 275 84.19 82.69 -29.05
CA PHE A 275 83.98 82.74 -30.50
C PHE A 275 83.03 83.88 -30.86
N LEU A 276 81.91 83.92 -30.14
CA LEU A 276 80.83 84.88 -30.31
C LEU A 276 81.29 86.29 -29.93
N GLN A 277 82.11 86.39 -28.89
CA GLN A 277 82.62 87.67 -28.45
C GLN A 277 83.52 88.33 -29.50
N LYS A 278 84.21 87.55 -30.32
CA LYS A 278 85.10 88.15 -31.31
C LYS A 278 84.40 88.27 -32.67
N LYS A 279 83.98 87.14 -33.25
CA LYS A 279 83.18 87.14 -34.45
C LYS A 279 81.71 87.20 -34.06
N TYR A 280 80.94 88.01 -34.77
CA TYR A 280 79.53 88.26 -34.46
C TYR A 280 79.31 88.86 -33.06
N PRO A 281 80.03 89.96 -32.75
CA PRO A 281 79.92 90.59 -31.43
C PRO A 281 78.53 91.12 -31.07
N SER A 282 77.88 91.71 -32.07
CA SER A 282 76.56 92.30 -31.90
C SER A 282 75.47 91.28 -31.64
N LEU A 283 75.77 89.98 -31.75
CA LEU A 283 74.73 88.99 -31.53
C LEU A 283 75.03 88.06 -30.36
N ALA A 284 76.17 88.25 -29.70
CA ALA A 284 76.58 87.34 -28.63
C ALA A 284 75.45 87.14 -27.61
N ASN A 285 74.75 88.24 -27.35
CA ASN A 285 73.65 88.29 -26.39
C ASN A 285 72.35 87.59 -26.82
N ARG A 286 72.26 87.25 -28.10
CA ARG A 286 71.11 86.51 -28.62
C ARG A 286 71.48 85.11 -29.08
N ASN A 287 72.66 84.66 -28.73
CA ASN A 287 73.11 83.35 -29.16
C ASN A 287 73.92 82.64 -28.07
N GLY A 288 74.30 81.39 -28.36
CA GLY A 288 75.10 80.62 -27.45
C GLY A 288 74.30 79.63 -26.64
N THR A 289 75.00 78.64 -26.09
CA THR A 289 74.37 77.56 -25.33
C THR A 289 73.65 78.06 -24.08
N LYS A 290 74.32 78.96 -23.35
CA LYS A 290 73.77 79.53 -22.13
C LYS A 290 72.46 80.26 -22.41
N TYR A 291 72.42 81.04 -23.49
CA TYR A 291 71.22 81.79 -23.81
C TYR A 291 70.10 80.85 -24.26
N LEU A 292 70.45 79.83 -25.04
CA LEU A 292 69.47 78.84 -25.51
C LEU A 292 68.80 78.09 -24.37
N ALA A 293 69.56 77.73 -23.34
CA ALA A 293 69.00 77.01 -22.21
C ALA A 293 67.98 77.90 -21.54
N ARG A 294 68.31 79.19 -21.48
CA ARG A 294 67.48 80.19 -20.84
C ARG A 294 66.17 80.36 -21.63
N THR A 295 66.30 80.39 -22.95
CA THR A 295 65.15 80.54 -23.84
C THR A 295 64.18 79.35 -23.78
N LEU A 296 64.70 78.13 -23.84
CA LEU A 296 63.86 76.95 -23.78
C LEU A 296 63.12 76.85 -22.46
N ASN A 297 63.81 77.13 -21.36
CA ASN A 297 63.18 77.05 -20.03
C ASN A 297 62.02 78.04 -19.90
N ARG A 298 62.22 79.25 -20.43
CA ARG A 298 61.22 80.31 -20.39
C ARG A 298 60.03 80.04 -21.29
N LEU A 299 60.33 79.67 -22.53
CA LEU A 299 59.31 79.42 -23.52
C LEU A 299 58.47 78.21 -23.15
N LEU A 300 59.10 77.19 -22.58
CA LEU A 300 58.35 76.01 -22.17
C LEU A 300 57.41 76.32 -21.01
N MET A 301 57.93 77.02 -20.00
CA MET A 301 57.15 77.40 -18.81
C MET A 301 55.88 78.21 -19.06
N HIS A 302 56.02 79.28 -19.84
CA HIS A 302 54.90 80.15 -20.16
C HIS A 302 53.88 79.41 -20.99
N HIS A 303 54.37 78.51 -21.83
CA HIS A 303 53.50 77.74 -22.68
C HIS A 303 52.65 76.77 -21.87
N ILE A 304 53.22 76.14 -20.83
CA ILE A 304 52.42 75.19 -20.05
C ILE A 304 51.30 75.79 -19.21
N ARG A 305 51.61 76.88 -18.48
CA ARG A 305 50.59 77.56 -17.67
C ARG A 305 49.42 77.94 -18.54
N ASP A 306 49.75 78.36 -19.75
CA ASP A 306 48.81 78.83 -20.75
C ASP A 306 47.88 77.71 -21.27
N CYS A 307 48.45 76.52 -21.42
CA CYS A 307 47.72 75.39 -21.99
C CYS A 307 47.15 74.51 -20.88
N LEU A 308 47.62 74.70 -19.67
CA LEU A 308 47.20 73.88 -18.51
C LEU A 308 45.72 73.91 -18.14
N PRO A 309 45.06 75.09 -18.18
CA PRO A 309 43.62 75.05 -17.89
C PRO A 309 42.84 74.07 -18.78
N GLU A 310 43.06 74.14 -20.08
CA GLU A 310 42.39 73.24 -21.01
C GLU A 310 42.85 71.79 -20.81
N LEU A 311 44.11 71.61 -20.40
CA LEU A 311 44.62 70.27 -20.16
C LEU A 311 43.87 69.61 -19.00
N LYS A 312 43.60 70.38 -17.94
CA LYS A 312 42.84 69.87 -16.80
C LYS A 312 41.47 69.39 -17.27
N THR A 313 40.81 70.27 -18.01
CA THR A 313 39.50 70.02 -18.57
C THR A 313 39.55 68.79 -19.48
N ARG A 314 40.62 68.69 -20.28
CA ARG A 314 40.77 67.58 -21.21
C ARG A 314 40.95 66.21 -20.54
N ILE A 315 41.76 66.16 -19.49
CA ILE A 315 41.98 64.88 -18.80
C ILE A 315 40.74 64.36 -18.09
N ASN A 316 39.98 65.27 -17.49
CA ASN A 316 38.75 64.92 -16.80
C ASN A 316 37.74 64.25 -17.73
N VAL A 317 37.56 64.81 -18.92
CA VAL A 317 36.63 64.26 -19.89
C VAL A 317 37.03 62.86 -20.33
N LEU A 318 38.29 62.67 -20.71
CA LEU A 318 38.76 61.36 -21.11
C LEU A 318 38.61 60.34 -19.99
N ALA A 319 38.86 60.77 -18.74
CA ALA A 319 38.71 59.88 -17.61
C ALA A 319 37.27 59.37 -17.51
N ALA A 320 36.32 60.31 -17.52
CA ALA A 320 34.91 59.98 -17.47
C ALA A 320 34.52 59.09 -18.66
N GLN A 321 35.06 59.43 -19.82
CA GLN A 321 34.80 58.71 -21.06
C GLN A 321 35.28 57.26 -21.00
N TYR A 322 36.53 57.09 -20.56
CA TYR A 322 37.15 55.77 -20.42
C TYR A 322 36.45 54.90 -19.38
N GLN A 323 36.01 55.52 -18.29
CA GLN A 323 35.30 54.81 -17.22
C GLN A 323 34.03 54.14 -17.76
N SER A 324 33.28 54.87 -18.57
CA SER A 324 32.06 54.33 -19.17
C SER A 324 32.43 53.15 -20.08
N LEU A 325 33.56 53.28 -20.77
CA LEU A 325 34.03 52.24 -21.69
C LEU A 325 34.31 50.96 -20.90
N LEU A 326 34.94 51.13 -19.75
CA LEU A 326 35.28 50.03 -18.83
C LEU A 326 33.95 49.42 -18.35
N ASN A 327 32.98 50.30 -18.13
CA ASN A 327 31.65 49.94 -17.69
C ASN A 327 30.94 49.16 -18.80
N SER A 328 31.18 49.56 -20.05
CA SER A 328 30.55 48.88 -21.18
C SER A 328 31.09 47.46 -21.34
N TYR A 329 32.33 47.24 -20.93
CA TYR A 329 32.84 45.88 -20.82
C TYR A 329 32.28 45.28 -19.51
N GLY A 330 32.24 46.14 -18.50
CA GLY A 330 31.82 45.88 -17.13
C GLY A 330 31.61 44.49 -16.55
N GLU A 331 32.71 43.79 -16.27
CA GLU A 331 32.70 42.47 -15.63
C GLU A 331 33.98 42.20 -14.81
N PRO A 332 33.89 42.40 -13.49
CA PRO A 332 35.00 42.14 -12.56
C PRO A 332 35.31 40.66 -12.45
N VAL A 333 34.26 39.83 -12.51
CA VAL A 333 34.34 38.38 -12.32
C VAL A 333 35.00 38.02 -10.99
N ASP A 334 34.65 38.78 -9.95
CA ASP A 334 35.11 38.53 -8.59
C ASP A 334 34.69 37.15 -8.08
N ASP A 335 33.42 36.83 -8.25
CA ASP A 335 32.90 35.52 -7.85
C ASP A 335 32.39 34.83 -9.11
N LYS A 336 33.12 33.77 -9.49
CA LYS A 336 32.77 32.95 -10.66
C LYS A 336 31.42 32.20 -10.60
N SER A 337 31.09 31.66 -9.44
CA SER A 337 29.80 30.98 -9.22
C SER A 337 28.62 31.92 -9.36
N ALA A 338 28.80 33.13 -8.85
CA ALA A 338 27.78 34.19 -8.91
C ALA A 338 27.48 34.61 -10.34
N THR A 339 28.52 34.68 -11.18
CA THR A 339 28.31 34.98 -12.61
C THR A 339 27.43 33.95 -13.30
N LEU A 340 27.70 32.67 -13.05
CA LEU A 340 26.87 31.60 -13.64
C LEU A 340 25.42 31.71 -13.22
N LEU A 341 25.22 32.02 -11.95
CA LEU A 341 23.94 32.24 -11.26
C LEU A 341 23.10 33.40 -11.78
N GLN A 342 23.75 34.46 -12.23
CA GLN A 342 23.11 35.71 -12.60
C GLN A 342 23.06 35.78 -14.11
N LEU A 343 24.13 35.41 -14.78
CA LEU A 343 24.13 35.44 -16.23
C LEU A 343 23.06 34.48 -16.77
N ILE A 344 22.88 33.35 -16.09
CA ILE A 344 21.91 32.32 -16.52
C ILE A 344 20.48 32.60 -16.05
N THR A 345 20.36 33.20 -14.88
CA THR A 345 19.04 33.52 -14.36
C THR A 345 18.46 34.63 -15.21
N LYS A 346 19.31 35.53 -15.71
CA LYS A 346 18.75 36.57 -16.53
C LYS A 346 18.34 36.07 -17.93
N PHE A 347 19.02 35.05 -18.47
CA PHE A 347 18.58 34.52 -19.76
C PHE A 347 17.21 33.85 -19.65
N ALA A 348 16.93 33.40 -18.44
CA ALA A 348 15.67 32.77 -18.07
C ALA A 348 14.56 33.78 -18.06
N THR A 349 14.80 34.90 -17.40
CA THR A 349 13.81 35.96 -17.36
C THR A 349 13.77 36.60 -18.74
N GLU A 350 14.89 36.56 -19.48
CA GLU A 350 14.94 37.09 -20.84
C GLU A 350 14.03 36.25 -21.74
N TYR A 351 13.56 35.15 -21.18
CA TYR A 351 12.72 34.15 -21.83
C TYR A 351 11.24 34.06 -21.55
N CYS A 352 10.91 33.73 -20.30
CA CYS A 352 9.54 33.69 -19.84
C CYS A 352 8.82 34.94 -20.29
N ASN A 353 9.52 36.06 -20.13
CA ASN A 353 9.00 37.35 -20.55
C ASN A 353 8.53 37.38 -21.99
N THR A 354 9.45 37.10 -22.92
CA THR A 354 9.12 37.21 -24.34
C THR A 354 8.09 36.23 -24.89
N ILE A 355 8.11 34.98 -24.43
CA ILE A 355 7.14 33.99 -24.89
C ILE A 355 5.74 34.50 -24.51
N GLU A 356 5.60 35.03 -23.30
CA GLU A 356 4.30 35.50 -22.80
C GLU A 356 4.09 37.02 -22.80
N GLY A 357 4.98 37.76 -23.46
CA GLY A 357 4.82 39.19 -23.55
C GLY A 357 6.04 39.94 -24.03
N LEU A 367 9.89 41.13 -32.65
CA LEU A 367 10.59 40.84 -31.40
C LEU A 367 9.95 39.66 -30.69
N CYS A 368 8.66 39.80 -30.39
CA CYS A 368 7.88 38.73 -29.79
C CYS A 368 7.61 37.67 -30.85
N GLY A 369 7.30 36.43 -30.49
CA GLY A 369 7.33 35.75 -29.20
C GLY A 369 6.03 35.79 -28.40
N GLY A 370 5.69 36.93 -27.81
CA GLY A 370 4.46 37.09 -27.04
C GLY A 370 3.19 36.87 -27.84
N ALA A 371 3.14 37.54 -28.99
CA ALA A 371 1.99 37.47 -29.89
C ALA A 371 2.24 36.75 -31.20
N ARG A 372 3.51 36.65 -31.64
CA ARG A 372 3.84 35.84 -32.80
C ARG A 372 3.26 34.45 -32.57
N ILE A 373 3.28 34.02 -31.32
CA ILE A 373 2.77 32.71 -30.96
C ILE A 373 1.26 32.77 -31.16
N CYS A 374 0.60 33.71 -30.48
CA CYS A 374 -0.85 33.79 -30.57
C CYS A 374 -1.17 33.95 -32.04
N TYR A 375 -0.42 34.81 -32.74
CA TYR A 375 -0.60 34.99 -34.17
C TYR A 375 -0.75 33.63 -34.80
N ILE A 376 0.28 32.80 -34.58
CA ILE A 376 0.28 31.47 -35.16
C ILE A 376 -0.91 30.68 -34.66
N PHE A 377 -1.33 30.91 -33.42
CA PHE A 377 -2.50 30.15 -33.01
C PHE A 377 -3.80 30.67 -33.54
N HIS A 378 -4.02 31.98 -33.50
CA HIS A 378 -5.30 32.40 -33.99
C HIS A 378 -5.30 33.02 -35.38
N GLU A 379 -4.14 33.15 -36.03
CA GLU A 379 -4.21 33.58 -37.41
C GLU A 379 -3.76 32.56 -38.42
N THR A 380 -2.86 31.64 -38.07
CA THR A 380 -2.58 30.68 -39.10
C THR A 380 -3.23 29.33 -38.88
N PHE A 381 -3.07 28.74 -37.68
CA PHE A 381 -3.72 27.46 -37.49
C PHE A 381 -5.22 27.57 -37.74
N GLY A 382 -5.74 28.79 -37.57
CA GLY A 382 -7.13 29.05 -37.86
C GLY A 382 -7.59 29.16 -39.28
N ARG A 383 -6.85 29.94 -40.07
CA ARG A 383 -7.19 30.13 -41.46
C ARG A 383 -7.23 28.81 -42.21
N THR A 384 -6.30 27.93 -41.85
CA THR A 384 -6.26 26.61 -42.46
C THR A 384 -7.49 25.79 -42.11
N LEU A 385 -7.59 25.46 -40.83
CA LEU A 385 -8.69 24.67 -40.29
C LEU A 385 -10.05 25.17 -40.75
N GLU A 386 -10.23 26.48 -40.70
CA GLU A 386 -11.47 27.08 -41.15
C GLU A 386 -11.68 26.78 -42.63
N SER A 387 -10.57 26.78 -43.37
CA SER A 387 -10.63 26.51 -44.80
C SER A 387 -10.66 25.02 -45.13
N VAL A 388 -10.46 24.14 -44.14
CA VAL A 388 -10.61 22.73 -44.44
C VAL A 388 -12.10 22.49 -44.68
N ASP A 389 -12.44 22.08 -45.90
CA ASP A 389 -13.85 22.01 -46.25
C ASP A 389 -14.47 20.72 -45.75
N PRO A 390 -15.72 20.77 -45.29
CA PRO A 390 -16.38 19.49 -45.02
C PRO A 390 -16.70 18.86 -46.37
N LEU A 391 -16.98 17.56 -46.39
CA LEU A 391 -17.29 16.85 -47.63
C LEU A 391 -16.12 16.91 -48.61
N GLY A 392 -14.94 17.26 -48.12
CA GLY A 392 -13.78 17.47 -48.97
C GLY A 392 -13.28 16.10 -49.36
N GLY A 393 -13.44 15.75 -50.63
CA GLY A 393 -12.92 14.49 -51.12
C GLY A 393 -14.09 13.53 -51.26
N LEU A 394 -14.95 13.52 -50.24
CA LEU A 394 -16.17 12.72 -50.21
C LEU A 394 -17.24 13.03 -51.26
N ASN A 395 -17.07 12.47 -52.46
CA ASN A 395 -18.04 12.62 -53.54
C ASN A 395 -19.35 11.92 -53.15
N THR A 396 -20.42 12.19 -53.89
CA THR A 396 -21.68 11.49 -53.66
C THR A 396 -21.53 9.96 -53.74
N ILE A 397 -20.76 9.47 -54.69
CA ILE A 397 -20.55 8.02 -54.87
C ILE A 397 -20.03 7.30 -53.63
N ASP A 398 -19.08 7.89 -52.92
CA ASP A 398 -18.57 7.25 -51.72
C ASP A 398 -19.69 7.03 -50.71
N ILE A 399 -20.58 8.01 -50.61
CA ILE A 399 -21.71 7.92 -49.70
C ILE A 399 -22.66 6.79 -50.09
N LEU A 400 -22.93 6.66 -51.39
CA LEU A 400 -23.78 5.59 -51.90
C LEU A 400 -23.14 4.23 -51.65
N THR A 401 -21.82 4.17 -51.79
CA THR A 401 -21.05 2.97 -51.53
C THR A 401 -21.11 2.60 -50.06
N ALA A 402 -21.01 3.62 -49.21
CA ALA A 402 -21.07 3.43 -47.76
C ALA A 402 -22.43 2.85 -47.34
N ILE A 403 -23.49 3.36 -47.95
CA ILE A 403 -24.86 2.89 -47.67
C ILE A 403 -25.07 1.42 -48.05
N ARG A 404 -24.54 1.01 -49.19
CA ARG A 404 -24.74 -0.36 -49.69
C ARG A 404 -24.21 -1.36 -48.67
N ASN A 405 -23.02 -1.07 -48.17
CA ASN A 405 -22.36 -1.88 -47.15
C ASN A 405 -22.95 -1.64 -45.76
N ALA A 406 -23.52 -0.45 -45.55
CA ALA A 406 -24.23 -0.16 -44.32
C ALA A 406 -25.43 -1.11 -44.28
N THR A 407 -26.09 -1.22 -45.43
CA THR A 407 -27.12 -2.24 -45.64
C THR A 407 -26.40 -3.60 -45.64
N ALA A 408 -27.13 -4.67 -45.39
CA ALA A 408 -26.55 -6.01 -45.34
C ALA A 408 -25.46 -6.12 -44.28
N VAL A 415 -30.57 1.60 -41.38
CA VAL A 415 -30.49 2.88 -40.67
C VAL A 415 -29.36 3.77 -41.21
N PRO A 416 -29.68 5.04 -41.52
CA PRO A 416 -28.76 6.04 -42.06
C PRO A 416 -27.57 6.36 -41.16
N GLU A 417 -27.78 6.32 -39.84
CA GLU A 417 -26.77 6.67 -38.85
C GLU A 417 -25.47 5.86 -38.93
N VAL A 418 -25.57 4.56 -39.21
CA VAL A 418 -24.39 3.72 -39.32
C VAL A 418 -23.54 4.21 -40.50
N SER A 419 -24.18 4.59 -41.60
CA SER A 419 -23.46 5.11 -42.76
C SER A 419 -22.74 6.39 -42.33
N PHE A 420 -23.45 7.21 -41.56
CA PHE A 420 -22.92 8.46 -41.04
C PHE A 420 -21.67 8.39 -40.16
N GLU A 421 -21.59 7.38 -39.30
CA GLU A 421 -20.42 7.28 -38.44
C GLU A 421 -19.16 6.97 -39.25
N LEU A 422 -19.25 6.04 -40.18
CA LEU A 422 -18.11 5.66 -41.03
C LEU A 422 -17.58 6.80 -41.88
N LEU A 423 -18.50 7.60 -42.40
CA LEU A 423 -18.25 8.77 -43.25
C LEU A 423 -17.50 9.87 -42.50
N VAL A 424 -18.12 10.39 -41.46
CA VAL A 424 -17.59 11.49 -40.64
C VAL A 424 -16.27 11.04 -40.05
N LYS A 425 -16.26 9.87 -39.42
CA LYS A 425 -15.06 9.29 -38.80
C LYS A 425 -13.85 9.32 -39.75
N ARG A 426 -14.11 9.46 -41.04
CA ARG A 426 -13.09 9.56 -42.09
C ARG A 426 -12.78 11.02 -42.43
N GLN A 427 -13.72 11.89 -42.10
CA GLN A 427 -13.63 13.33 -42.34
C GLN A 427 -12.79 13.97 -41.22
N ILE A 428 -13.11 13.60 -40.00
CA ILE A 428 -12.44 14.04 -38.76
C ILE A 428 -10.93 13.70 -38.77
N LYS A 429 -10.57 12.64 -39.48
CA LYS A 429 -9.17 12.22 -39.62
C LYS A 429 -8.33 13.28 -40.29
N ARG A 430 -8.96 14.10 -41.13
CA ARG A 430 -8.22 15.13 -41.82
C ARG A 430 -7.87 16.38 -41.02
N LEU A 431 -8.35 16.48 -39.79
CA LEU A 431 -7.99 17.65 -38.98
C LEU A 431 -6.68 17.51 -38.20
N GLU A 432 -6.17 16.28 -38.08
CA GLU A 432 -4.90 16.00 -37.40
C GLU A 432 -3.60 16.61 -37.91
N GLU A 433 -3.33 16.47 -39.21
CA GLU A 433 -2.13 17.00 -39.85
C GLU A 433 -1.93 18.49 -39.54
N PRO A 434 -2.94 19.34 -39.81
CA PRO A 434 -2.78 20.77 -39.52
C PRO A 434 -2.49 20.96 -38.03
N SER A 435 -3.18 20.22 -37.17
CA SER A 435 -2.98 20.36 -35.73
C SER A 435 -1.50 20.07 -35.50
N LEU A 436 -1.02 18.90 -35.92
CA LEU A 436 0.37 18.52 -35.73
C LEU A 436 1.29 19.63 -36.22
N ARG A 437 0.95 20.17 -37.41
CA ARG A 437 1.69 21.25 -38.04
C ARG A 437 1.78 22.45 -37.11
N CYS A 438 0.67 22.75 -36.45
CA CYS A 438 0.56 23.86 -35.51
C CYS A 438 1.63 23.78 -34.43
N VAL A 439 1.70 22.64 -33.74
CA VAL A 439 2.69 22.41 -32.70
C VAL A 439 4.09 22.82 -33.13
N GLU A 440 4.52 22.32 -34.27
CA GLU A 440 5.84 22.64 -34.79
C GLU A 440 6.06 24.13 -35.03
N LEU A 441 5.04 24.79 -35.57
CA LEU A 441 5.14 26.22 -35.85
C LEU A 441 5.46 26.93 -34.56
N VAL A 442 4.90 26.43 -33.46
CA VAL A 442 5.17 27.02 -32.17
C VAL A 442 6.64 26.75 -31.86
N HIS A 443 7.09 25.52 -32.11
CA HIS A 443 8.48 25.10 -31.87
C HIS A 443 9.40 26.03 -32.64
N GLU A 444 9.05 26.24 -33.90
CA GLU A 444 9.77 27.08 -34.83
C GLU A 444 10.03 28.41 -34.15
N GLU A 445 8.94 29.07 -33.80
CA GLU A 445 8.96 30.38 -33.19
C GLU A 445 9.59 30.38 -31.80
N MET A 446 9.72 29.23 -31.16
CA MET A 446 10.30 29.25 -29.82
C MET A 446 11.81 29.07 -29.83
N GLN A 447 12.32 28.04 -30.48
CA GLN A 447 13.77 27.83 -30.53
C GLN A 447 14.43 29.06 -31.16
N ARG A 448 13.62 29.81 -31.91
CA ARG A 448 14.04 31.02 -32.61
C ARG A 448 14.09 32.22 -31.67
N ILE A 449 13.28 32.17 -30.61
CA ILE A 449 13.29 33.22 -29.59
C ILE A 449 14.65 33.23 -28.89
N ILE A 450 15.29 32.08 -28.82
CA ILE A 450 16.60 31.99 -28.18
C ILE A 450 17.63 32.90 -28.88
N GLN A 451 17.54 32.99 -30.20
CA GLN A 451 18.47 33.81 -30.97
C GLN A 451 18.14 35.28 -30.73
N HIS A 452 16.86 35.51 -30.46
CA HIS A 452 16.28 36.81 -30.11
C HIS A 452 16.79 37.35 -28.77
N CYS A 453 17.55 36.52 -28.04
CA CYS A 453 18.09 36.94 -26.75
C CYS A 453 19.49 36.38 -26.65
N SER A 454 20.00 36.01 -27.83
CA SER A 454 21.42 35.92 -28.08
C SER A 454 21.79 37.25 -28.70
N ASN A 455 20.83 37.83 -29.43
CA ASN A 455 21.02 39.11 -30.11
C ASN A 455 20.56 40.34 -29.30
N TYR A 456 19.87 40.12 -28.19
CA TYR A 456 19.42 41.24 -27.37
C TYR A 456 19.88 41.09 -25.92
N LEU A 461 25.67 41.79 -22.50
CA LEU A 461 25.46 40.45 -23.05
C LEU A 461 26.75 39.67 -23.05
N LEU A 462 26.87 38.71 -23.98
CA LEU A 462 28.03 37.83 -24.03
C LEU A 462 28.73 37.85 -25.38
N ARG A 463 30.07 37.81 -25.41
CA ARG A 463 31.03 38.03 -24.30
C ARG A 463 31.28 36.93 -23.24
N PHE A 464 30.69 35.76 -23.48
CA PHE A 464 31.07 34.49 -22.85
C PHE A 464 30.64 33.43 -23.87
N PRO A 465 31.44 33.27 -24.93
CA PRO A 465 31.24 32.41 -26.11
C PRO A 465 31.09 30.90 -25.86
N LYS A 466 31.83 30.38 -24.90
CA LYS A 466 31.80 28.97 -24.53
C LYS A 466 30.49 28.72 -23.82
N LEU A 467 30.14 29.68 -22.97
CA LEU A 467 29.03 29.56 -22.04
C LEU A 467 27.73 29.80 -22.79
N HIS A 468 27.72 30.85 -23.60
CA HIS A 468 26.56 31.24 -24.38
C HIS A 468 26.11 30.14 -25.34
N ASP A 469 27.10 29.54 -26.01
CA ASP A 469 26.84 28.47 -26.97
C ASP A 469 26.25 27.25 -26.28
N ALA A 470 26.76 26.94 -25.09
CA ALA A 470 26.27 25.83 -24.29
C ALA A 470 24.80 26.01 -23.92
N ILE A 471 24.45 27.21 -23.50
CA ILE A 471 23.09 27.55 -23.10
C ILE A 471 22.06 27.34 -24.22
N VAL A 472 22.43 27.72 -25.44
CA VAL A 472 21.58 27.58 -26.61
C VAL A 472 21.28 26.10 -26.77
N GLU A 473 22.32 25.29 -26.64
CA GLU A 473 22.25 23.83 -26.79
C GLU A 473 21.31 23.28 -25.71
N VAL A 474 21.43 23.84 -24.50
CA VAL A 474 20.70 23.42 -23.31
C VAL A 474 19.20 23.70 -23.50
N VAL A 475 18.88 24.84 -24.13
CA VAL A 475 17.49 25.21 -24.31
C VAL A 475 16.97 24.53 -25.57
N THR A 476 17.63 24.75 -26.71
CA THR A 476 17.20 24.18 -27.99
C THR A 476 16.89 22.68 -27.85
N CYS A 477 17.68 21.99 -27.02
CA CYS A 477 17.50 20.56 -26.80
C CYS A 477 16.32 20.30 -25.87
N LEU A 478 16.13 21.20 -24.89
CA LEU A 478 15.04 21.07 -23.91
C LEU A 478 13.71 20.97 -24.65
N LEU A 479 13.54 21.79 -25.68
CA LEU A 479 12.34 21.81 -26.52
C LEU A 479 12.11 20.47 -27.24
N ARG A 480 13.20 19.88 -27.69
CA ARG A 480 13.22 18.59 -28.36
C ARG A 480 12.63 17.48 -27.46
N LYS A 481 12.81 17.63 -26.15
CA LYS A 481 12.29 16.68 -25.15
C LYS A 481 10.77 16.66 -24.96
N ARG A 482 10.12 17.81 -25.08
CA ARG A 482 8.65 17.97 -24.89
C ARG A 482 7.86 17.71 -26.18
N LEU A 483 8.49 17.94 -27.34
CA LEU A 483 7.87 17.65 -28.63
C LEU A 483 7.29 16.25 -28.83
N PRO A 484 7.81 15.21 -28.15
CA PRO A 484 7.10 13.95 -28.36
C PRO A 484 5.79 13.99 -27.59
N VAL A 485 5.86 14.32 -26.30
CA VAL A 485 4.71 14.39 -25.42
C VAL A 485 3.57 15.23 -26.01
N THR A 486 3.83 16.51 -26.31
CA THR A 486 2.77 17.36 -26.85
C THR A 486 2.16 16.76 -28.13
N ASN A 487 3.01 16.38 -29.09
CA ASN A 487 2.55 15.77 -30.33
C ASN A 487 1.66 14.54 -30.12
N GLU A 488 1.92 13.78 -29.05
CA GLU A 488 1.10 12.63 -28.76
C GLU A 488 -0.27 13.07 -28.25
N MET A 489 -0.30 14.11 -27.40
CA MET A 489 -1.55 14.64 -26.90
C MET A 489 -2.40 15.24 -28.02
N VAL A 490 -1.72 15.76 -29.03
CA VAL A 490 -2.41 16.33 -30.18
C VAL A 490 -3.13 15.23 -30.92
N HIS A 491 -2.39 14.15 -31.20
CA HIS A 491 -2.94 13.00 -31.92
C HIS A 491 -4.17 12.46 -31.20
N ASN A 492 -4.06 12.29 -29.89
CA ASN A 492 -5.17 11.80 -29.06
C ASN A 492 -6.40 12.65 -29.25
N LEU A 493 -6.26 13.95 -29.02
CA LEU A 493 -7.37 14.91 -29.15
C LEU A 493 -8.14 14.71 -30.43
N VAL A 494 -7.45 14.50 -31.54
CA VAL A 494 -8.17 14.29 -32.77
C VAL A 494 -8.82 12.91 -32.71
N ALA A 495 -7.99 11.90 -32.45
CA ALA A 495 -8.47 10.51 -32.31
C ALA A 495 -9.63 10.32 -31.34
N ILE A 496 -9.71 11.17 -30.32
CA ILE A 496 -10.82 11.11 -29.38
C ILE A 496 -12.16 11.31 -30.08
N GLU A 497 -12.21 12.28 -30.99
CA GLU A 497 -13.45 12.58 -31.71
C GLU A 497 -13.88 11.34 -32.50
N LEU A 498 -12.96 10.78 -33.25
CA LEU A 498 -13.17 9.54 -34.01
C LEU A 498 -13.59 8.33 -33.20
N ALA A 499 -13.73 8.47 -31.89
CA ALA A 499 -14.00 7.32 -31.03
C ALA A 499 -15.46 7.23 -30.57
N TYR A 500 -16.13 8.35 -30.39
CA TYR A 500 -17.50 8.32 -29.88
C TYR A 500 -18.56 8.98 -30.74
N ILE A 501 -18.24 10.12 -31.34
CA ILE A 501 -19.12 10.82 -32.28
C ILE A 501 -20.58 10.94 -31.78
N ASN A 502 -20.77 11.63 -30.65
CA ASN A 502 -22.12 11.80 -30.10
C ASN A 502 -22.97 12.70 -30.98
N THR A 503 -24.28 12.46 -30.97
CA THR A 503 -25.21 13.26 -31.75
C THR A 503 -26.09 14.07 -30.81
N LYS A 504 -25.88 13.89 -29.51
CA LYS A 504 -26.62 14.61 -28.48
C LYS A 504 -25.90 15.91 -28.08
N HIS A 505 -24.90 16.30 -28.86
CA HIS A 505 -24.18 17.54 -28.60
C HIS A 505 -25.15 18.70 -28.78
N PRO A 506 -25.07 19.70 -27.90
CA PRO A 506 -26.00 20.85 -27.93
C PRO A 506 -25.97 21.66 -29.24
N ASP A 507 -24.80 21.82 -29.83
CA ASP A 507 -24.66 22.58 -31.07
C ASP A 507 -24.93 21.77 -32.33
N PHE A 508 -25.64 20.65 -32.19
CA PHE A 508 -25.85 19.79 -33.35
C PHE A 508 -27.20 20.09 -33.99
N ALA A 509 -28.24 20.21 -33.16
CA ALA A 509 -29.58 20.54 -33.66
C ALA A 509 -29.58 21.83 -34.50
N ASP A 510 -28.79 22.82 -34.06
CA ASP A 510 -28.74 24.10 -34.75
C ASP A 510 -27.99 23.97 -36.08
N ALA A 511 -26.71 23.59 -35.98
CA ALA A 511 -25.88 23.42 -37.17
C ALA A 511 -26.32 22.31 -38.12
N CYS A 512 -27.31 21.52 -37.71
CA CYS A 512 -27.78 20.41 -38.54
C CYS A 512 -28.64 20.87 -39.72
N GLY A 513 -28.59 22.16 -40.01
CA GLY A 513 -29.36 22.70 -41.11
C GLY A 513 -30.83 22.90 -40.79
N LEU A 514 -31.33 22.04 -39.89
CA LEU A 514 -32.70 21.93 -39.33
C LEU A 514 -33.13 20.47 -39.32
N ARG A 523 -33.84 12.75 -49.98
CA ARG A 523 -33.14 11.67 -50.66
C ARG A 523 -32.31 10.97 -49.58
N ASP A 524 -31.70 9.82 -49.88
CA ASP A 524 -30.93 9.13 -48.85
C ASP A 524 -29.66 9.88 -48.48
N CYS A 525 -28.79 10.07 -49.46
CA CYS A 525 -27.54 10.80 -49.28
C CYS A 525 -27.78 12.29 -49.07
N GLU A 526 -28.96 12.72 -49.46
CA GLU A 526 -29.40 14.11 -49.33
C GLU A 526 -29.15 14.62 -47.92
N VAL A 527 -29.69 13.87 -46.96
CA VAL A 527 -29.57 14.19 -45.55
C VAL A 527 -28.20 13.87 -44.92
N ILE A 528 -27.65 12.68 -45.17
CA ILE A 528 -26.35 12.29 -44.62
C ILE A 528 -25.32 13.38 -44.85
N GLU A 529 -25.32 13.86 -46.09
CA GLU A 529 -24.45 14.95 -46.53
C GLU A 529 -24.54 16.15 -45.59
N ARG A 530 -25.77 16.53 -45.25
CA ARG A 530 -26.04 17.66 -44.35
C ARG A 530 -25.58 17.36 -42.92
N LEU A 531 -25.73 16.11 -42.52
CA LEU A 531 -25.35 15.66 -41.18
C LEU A 531 -23.84 15.86 -41.06
N ILE A 532 -23.09 15.16 -41.92
CA ILE A 532 -21.63 15.20 -41.93
C ILE A 532 -21.12 16.64 -41.88
N LYS A 533 -21.70 17.53 -42.69
CA LYS A 533 -21.27 18.93 -42.71
C LYS A 533 -21.46 19.51 -41.32
N SER A 534 -22.65 19.29 -40.79
CA SER A 534 -23.06 19.79 -39.48
C SER A 534 -22.09 19.38 -38.39
N TYR A 535 -21.91 18.06 -38.24
CA TYR A 535 -21.08 17.51 -37.19
C TYR A 535 -19.60 17.89 -37.32
N PHE A 536 -19.04 17.67 -38.51
CA PHE A 536 -17.63 18.02 -38.76
C PHE A 536 -17.37 19.47 -38.36
N LEU A 537 -18.35 20.33 -38.60
CA LEU A 537 -18.26 21.73 -38.25
C LEU A 537 -17.99 21.92 -36.75
N ILE A 538 -18.73 21.22 -35.90
CA ILE A 538 -18.55 21.39 -34.45
C ILE A 538 -17.22 20.75 -34.06
N VAL A 539 -16.90 19.59 -34.62
CA VAL A 539 -15.68 18.87 -34.28
C VAL A 539 -14.47 19.73 -34.66
N ARG A 540 -14.63 20.52 -35.72
CA ARG A 540 -13.58 21.42 -36.17
C ARG A 540 -13.40 22.53 -35.15
N LYS A 541 -14.53 23.14 -34.79
CA LYS A 541 -14.58 24.21 -33.78
C LYS A 541 -13.83 23.78 -32.53
N ASN A 542 -13.96 22.50 -32.21
CA ASN A 542 -13.29 21.91 -31.05
C ASN A 542 -11.78 22.02 -31.17
N ILE A 543 -11.23 21.28 -32.12
CA ILE A 543 -9.78 21.20 -32.32
C ILE A 543 -9.05 22.56 -32.45
N GLN A 544 -9.53 23.46 -33.33
CA GLN A 544 -8.90 24.77 -33.51
C GLN A 544 -8.75 25.58 -32.23
N ASP A 545 -9.45 25.16 -31.17
CA ASP A 545 -9.37 25.83 -29.89
C ASP A 545 -8.61 24.91 -28.94
N SER A 546 -8.86 23.60 -29.01
CA SER A 546 -8.24 22.65 -28.08
C SER A 546 -6.74 22.41 -28.33
N VAL A 547 -6.31 22.36 -29.59
CA VAL A 547 -4.89 22.16 -29.94
C VAL A 547 -3.96 23.26 -29.38
N PRO A 548 -4.28 24.55 -29.61
CA PRO A 548 -3.44 25.60 -29.04
C PRO A 548 -3.33 25.40 -27.53
N LYS A 549 -4.47 25.13 -26.92
CA LYS A 549 -4.58 24.88 -25.49
C LYS A 549 -3.59 23.76 -25.18
N ALA A 550 -3.66 22.68 -25.97
CA ALA A 550 -2.77 21.54 -25.83
C ALA A 550 -1.33 22.02 -25.79
N VAL A 551 -0.89 22.62 -26.91
CA VAL A 551 0.49 23.12 -27.05
C VAL A 551 0.91 23.90 -25.82
N MET A 552 0.08 24.88 -25.44
CA MET A 552 0.35 25.71 -24.27
C MET A 552 0.63 24.94 -23.00
N HIS A 553 -0.02 23.80 -22.82
CA HIS A 553 0.21 23.03 -21.61
C HIS A 553 1.56 22.32 -21.66
N PHE A 554 1.78 21.57 -22.73
CA PHE A 554 2.91 20.66 -22.79
C PHE A 554 4.20 21.26 -23.34
N LEU A 555 4.09 22.27 -24.20
CA LEU A 555 5.31 22.81 -24.80
C LEU A 555 5.62 24.21 -24.30
N VAL A 556 4.76 25.18 -24.56
CA VAL A 556 5.05 26.54 -24.15
C VAL A 556 5.17 26.71 -22.62
N ASN A 557 4.11 26.36 -21.88
CA ASN A 557 4.06 26.67 -20.44
C ASN A 557 4.99 25.83 -19.55
N HIS A 558 5.12 24.56 -19.93
CA HIS A 558 6.04 23.60 -19.31
C HIS A 558 7.46 24.12 -19.28
N VAL A 559 7.90 24.63 -20.43
CA VAL A 559 9.25 25.14 -20.66
C VAL A 559 9.44 26.37 -19.79
N LYS A 560 8.50 27.31 -19.80
CA LYS A 560 8.66 28.53 -19.02
C LYS A 560 9.05 28.19 -17.57
N ASP A 561 8.28 27.32 -16.93
CA ASP A 561 8.55 26.84 -15.56
C ASP A 561 9.95 26.21 -15.49
N THR A 562 10.12 25.24 -16.38
CA THR A 562 11.28 24.37 -16.62
C THR A 562 12.65 25.06 -16.72
N LEU A 563 12.80 25.96 -17.70
CA LEU A 563 14.05 26.67 -18.04
C LEU A 563 14.79 27.40 -16.89
N GLN A 564 14.07 27.81 -15.87
CA GLN A 564 14.58 28.50 -14.69
C GLN A 564 15.61 27.62 -13.95
N SER A 565 15.37 26.31 -13.91
CA SER A 565 16.20 25.37 -13.15
C SER A 565 16.79 24.22 -13.99
N GLU A 566 16.14 23.66 -15.01
CA GLU A 566 16.89 22.57 -15.64
C GLU A 566 18.07 23.24 -16.37
N LEU A 567 17.97 24.55 -16.59
CA LEU A 567 19.06 25.28 -17.23
C LEU A 567 20.14 25.32 -16.18
N VAL A 568 19.74 25.78 -14.99
CA VAL A 568 20.66 25.94 -13.90
C VAL A 568 21.25 24.60 -13.49
N GLY A 569 20.42 23.59 -13.32
CA GLY A 569 20.99 22.32 -12.94
C GLY A 569 22.02 21.66 -13.83
N GLN A 570 21.82 21.59 -15.15
CA GLN A 570 22.90 20.99 -15.91
C GLN A 570 24.17 21.85 -15.96
N LEU A 571 23.97 23.15 -16.15
CA LEU A 571 25.04 24.16 -16.19
C LEU A 571 25.84 24.59 -14.93
N TYR A 572 25.12 24.79 -13.83
CA TYR A 572 25.68 25.15 -12.53
C TYR A 572 26.54 24.06 -11.90
N LYS A 573 27.69 23.77 -12.50
CA LYS A 573 28.60 22.78 -11.95
C LYS A 573 30.03 23.29 -11.88
N SER A 574 30.63 23.14 -10.70
CA SER A 574 31.96 23.67 -10.41
C SER A 574 32.95 23.14 -11.45
N SER A 575 32.69 21.93 -11.92
CA SER A 575 33.46 21.32 -12.99
C SER A 575 33.48 22.23 -14.22
N LEU A 576 32.32 22.75 -14.59
CA LEU A 576 32.15 23.53 -15.80
C LEU A 576 32.47 25.03 -15.68
N LEU A 577 32.78 25.51 -14.48
CA LEU A 577 33.04 26.95 -14.30
C LEU A 577 34.21 27.47 -15.10
N ASP A 578 35.33 26.76 -15.06
CA ASP A 578 36.54 27.20 -15.74
C ASP A 578 36.34 27.28 -17.25
N ASP A 579 35.60 26.31 -17.78
CA ASP A 579 35.37 26.23 -19.21
C ASP A 579 34.40 27.31 -19.69
N LEU A 580 33.24 27.38 -19.04
CA LEU A 580 32.18 28.30 -19.48
C LEU A 580 32.52 29.77 -19.30
N LEU A 581 33.11 30.11 -18.17
CA LEU A 581 33.42 31.51 -17.87
C LEU A 581 34.72 32.01 -18.49
N THR A 582 35.33 31.20 -19.34
CA THR A 582 36.52 31.64 -20.06
C THR A 582 36.15 32.76 -21.03
N GLU A 583 36.72 33.93 -20.83
CA GLU A 583 36.44 35.04 -21.73
C GLU A 583 37.24 34.87 -23.01
N SER A 584 36.77 35.50 -24.09
CA SER A 584 37.49 35.44 -25.36
C SER A 584 38.76 36.28 -25.26
N GLU A 585 39.89 35.72 -25.70
CA GLU A 585 41.17 36.40 -25.57
C GLU A 585 41.25 37.69 -26.39
N ASP A 586 40.54 37.72 -27.52
CA ASP A 586 40.49 38.92 -28.34
C ASP A 586 39.80 40.06 -27.60
N MET A 587 38.70 39.75 -26.91
CA MET A 587 37.96 40.78 -26.19
C MET A 587 38.33 40.93 -24.71
N ALA A 588 39.22 40.08 -24.21
CA ALA A 588 39.69 40.24 -22.83
C ALA A 588 40.85 41.21 -22.72
N GLN A 589 41.55 41.42 -23.83
CA GLN A 589 42.68 42.33 -23.88
C GLN A 589 42.27 43.79 -24.04
N ARG A 590 41.19 44.04 -24.77
CA ARG A 590 40.69 45.40 -24.96
C ARG A 590 40.27 46.00 -23.60
N ARG A 591 39.72 45.15 -22.74
CA ARG A 591 39.31 45.58 -21.41
C ARG A 591 40.54 45.93 -20.56
N LYS A 592 41.67 45.28 -20.85
CA LYS A 592 42.88 45.50 -20.09
C LYS A 592 43.58 46.77 -20.53
N GLU A 593 43.52 47.04 -21.83
CA GLU A 593 44.05 48.29 -22.38
C GLU A 593 43.27 49.50 -21.90
N ALA A 594 42.03 49.27 -21.47
CA ALA A 594 41.14 50.34 -21.03
C ALA A 594 41.22 50.54 -19.52
N ALA A 595 41.29 49.46 -18.76
CA ALA A 595 41.40 49.56 -17.31
C ALA A 595 42.68 50.26 -16.90
N ASP A 596 43.78 49.96 -17.59
CA ASP A 596 45.07 50.57 -17.33
C ASP A 596 45.11 52.04 -17.74
N MET A 597 44.48 52.34 -18.88
CA MET A 597 44.40 53.70 -19.41
C MET A 597 43.60 54.60 -18.48
N LEU A 598 42.48 54.08 -18.00
CA LEU A 598 41.61 54.79 -17.07
C LEU A 598 42.34 55.06 -15.77
N LYS A 599 43.05 54.05 -15.29
CA LYS A 599 43.82 54.12 -14.05
C LYS A 599 44.78 55.32 -14.11
N ALA A 600 45.51 55.42 -15.23
CA ALA A 600 46.48 56.48 -15.44
C ALA A 600 45.79 57.85 -15.51
N LEU A 601 44.64 57.93 -16.17
CA LEU A 601 43.90 59.17 -16.31
C LEU A 601 43.50 59.67 -14.91
N GLN A 602 43.11 58.74 -14.06
CA GLN A 602 42.73 59.02 -12.68
C GLN A 602 43.96 59.57 -11.95
N GLY A 603 45.06 58.85 -12.12
CA GLY A 603 46.36 59.17 -11.54
C GLY A 603 46.84 60.57 -11.94
N ALA A 604 46.73 60.86 -13.22
CA ALA A 604 47.14 62.15 -13.79
C ALA A 604 46.35 63.29 -13.17
N SER A 605 45.06 63.08 -12.98
CA SER A 605 44.21 64.10 -12.38
C SER A 605 44.68 64.49 -10.97
N GLN A 606 45.00 63.50 -10.11
CA GLN A 606 45.43 63.87 -8.77
C GLN A 606 46.73 64.69 -8.78
N ILE A 607 47.58 64.43 -9.77
CA ILE A 607 48.84 65.15 -9.92
C ILE A 607 48.52 66.61 -10.27
N ILE A 608 47.52 66.78 -11.12
CA ILE A 608 47.04 68.09 -11.58
C ILE A 608 46.27 68.81 -10.48
N ALA A 609 45.79 68.03 -9.51
CA ALA A 609 45.01 68.60 -8.43
C ALA A 609 45.83 69.41 -7.42
N GLU A 610 46.89 70.04 -7.91
CA GLU A 610 47.66 70.99 -7.11
C GLU A 610 48.37 72.03 -7.99
N MET B 8 -50.58 -61.78 -32.10
CA MET B 8 -50.60 -61.20 -30.76
C MET B 8 -49.58 -61.90 -29.87
N GLU B 9 -49.12 -63.06 -30.31
CA GLU B 9 -48.01 -63.76 -29.65
C GLU B 9 -46.81 -62.84 -29.48
N ALA B 10 -46.50 -62.08 -30.53
CA ALA B 10 -45.39 -61.12 -30.56
C ALA B 10 -45.54 -60.04 -29.49
N LEU B 11 -46.78 -59.69 -29.18
CA LEU B 11 -47.08 -58.56 -28.28
C LEU B 11 -46.65 -58.66 -26.82
N ILE B 12 -46.76 -59.84 -26.20
CA ILE B 12 -46.37 -59.98 -24.78
C ILE B 12 -44.84 -59.81 -24.52
N PRO B 13 -43.97 -60.47 -25.33
CA PRO B 13 -42.50 -60.44 -25.26
C PRO B 13 -41.88 -59.05 -25.49
N VAL B 14 -42.50 -58.26 -26.37
CA VAL B 14 -42.02 -56.93 -26.70
C VAL B 14 -42.16 -56.04 -25.47
N ILE B 15 -43.23 -56.23 -24.70
CA ILE B 15 -43.40 -55.41 -23.50
C ILE B 15 -42.33 -55.83 -22.48
N ASN B 16 -42.03 -57.12 -22.44
CA ASN B 16 -41.00 -57.64 -21.53
C ASN B 16 -39.65 -57.08 -21.91
N LYS B 17 -39.42 -57.03 -23.23
CA LYS B 17 -38.17 -56.53 -23.78
C LYS B 17 -38.07 -55.04 -23.49
N LEU B 18 -39.22 -54.36 -23.57
CA LEU B 18 -39.31 -52.94 -23.29
C LEU B 18 -38.96 -52.66 -21.84
N GLN B 19 -39.53 -53.42 -20.92
CA GLN B 19 -39.29 -53.27 -19.49
C GLN B 19 -37.82 -53.44 -19.10
N ASP B 20 -37.17 -54.45 -19.69
CA ASP B 20 -35.75 -54.75 -19.45
C ASP B 20 -34.79 -53.59 -19.80
N VAL B 21 -35.09 -52.91 -20.90
CA VAL B 21 -34.32 -51.79 -21.45
C VAL B 21 -34.20 -50.60 -20.50
N PHE B 22 -35.31 -50.42 -19.82
CA PHE B 22 -35.66 -49.44 -18.83
C PHE B 22 -35.18 -49.63 -17.37
N ASN B 23 -35.06 -50.84 -16.86
CA ASN B 23 -34.65 -50.95 -15.45
C ASN B 23 -33.37 -50.26 -14.97
N THR B 24 -32.30 -50.23 -15.74
CA THR B 24 -31.10 -49.55 -15.28
C THR B 24 -31.34 -48.05 -15.04
N VAL B 25 -32.29 -47.48 -15.78
CA VAL B 25 -32.61 -46.05 -15.75
C VAL B 25 -33.98 -45.48 -15.26
N GLY B 26 -34.94 -46.34 -14.95
CA GLY B 26 -36.21 -45.87 -14.42
C GLY B 26 -37.33 -45.74 -15.44
N ALA B 27 -38.27 -46.67 -15.31
CA ALA B 27 -39.45 -46.83 -16.15
C ALA B 27 -40.66 -45.93 -15.85
N ASP B 28 -40.66 -45.34 -14.66
CA ASP B 28 -41.75 -44.46 -14.21
C ASP B 28 -42.01 -43.26 -15.12
N ILE B 29 -41.05 -42.85 -15.94
CA ILE B 29 -41.31 -41.68 -16.80
C ILE B 29 -42.19 -42.06 -17.98
N ILE B 30 -42.04 -43.28 -18.48
CA ILE B 30 -42.91 -43.78 -19.54
C ILE B 30 -44.07 -44.58 -18.92
N GLN B 31 -45.30 -44.30 -19.32
CA GLN B 31 -46.43 -45.04 -18.79
C GLN B 31 -46.57 -46.43 -19.43
N LEU B 32 -45.74 -47.37 -18.99
CA LEU B 32 -45.69 -48.72 -19.56
C LEU B 32 -46.87 -49.59 -19.16
N PRO B 33 -47.40 -50.38 -20.11
CA PRO B 33 -48.51 -51.31 -19.89
C PRO B 33 -48.07 -52.59 -19.19
N GLN B 34 -48.58 -52.82 -17.98
CA GLN B 34 -48.24 -54.00 -17.22
C GLN B 34 -49.26 -54.18 -16.09
N ILE B 35 -49.15 -55.29 -15.36
CA ILE B 35 -50.06 -55.56 -14.26
C ILE B 35 -49.29 -55.58 -12.95
N VAL B 36 -49.78 -54.82 -11.97
CA VAL B 36 -49.16 -54.80 -10.66
C VAL B 36 -50.03 -55.57 -9.67
N VAL B 37 -49.40 -56.41 -8.88
CA VAL B 37 -50.10 -57.23 -7.90
C VAL B 37 -50.05 -56.61 -6.51
N VAL B 38 -51.21 -56.28 -5.97
CA VAL B 38 -51.24 -55.60 -4.68
C VAL B 38 -52.00 -56.49 -3.71
N GLY B 39 -51.41 -56.73 -2.54
CA GLY B 39 -52.04 -57.53 -1.52
C GLY B 39 -51.39 -57.37 -0.16
N THR B 40 -52.13 -57.69 0.90
CA THR B 40 -51.54 -57.78 2.22
C THR B 40 -50.69 -59.05 2.33
N GLN B 41 -49.69 -59.04 3.20
CA GLN B 41 -48.84 -60.21 3.40
C GLN B 41 -49.62 -61.46 3.78
N SER B 42 -50.79 -61.27 4.41
CA SER B 42 -51.58 -62.40 4.86
C SER B 42 -52.57 -62.86 3.79
N SER B 43 -52.58 -62.17 2.65
CA SER B 43 -53.50 -62.52 1.57
C SER B 43 -53.02 -63.76 0.83
N GLY B 44 -51.75 -64.11 1.01
CA GLY B 44 -51.19 -65.27 0.35
C GLY B 44 -50.89 -65.03 -1.11
N LYS B 45 -50.55 -63.80 -1.46
CA LYS B 45 -50.28 -63.45 -2.86
C LYS B 45 -49.07 -64.16 -3.45
N SER B 46 -48.10 -64.51 -2.60
CA SER B 46 -46.93 -65.24 -3.05
C SER B 46 -47.36 -66.60 -3.57
N SER B 47 -48.30 -67.23 -2.87
CA SER B 47 -48.80 -68.54 -3.26
C SER B 47 -49.48 -68.49 -4.62
N VAL B 48 -50.17 -67.38 -4.86
CA VAL B 48 -50.86 -67.14 -6.12
C VAL B 48 -49.83 -67.13 -7.26
N LEU B 49 -48.73 -66.41 -7.04
CA LEU B 49 -47.68 -66.30 -8.04
C LEU B 49 -46.99 -67.64 -8.23
N GLU B 50 -46.73 -68.34 -7.13
CA GLU B 50 -46.07 -69.64 -7.21
C GLU B 50 -46.95 -70.68 -7.89
N SER B 51 -48.27 -70.49 -7.81
CA SER B 51 -49.18 -71.41 -8.47
C SER B 51 -49.29 -71.16 -9.97
N LEU B 52 -48.92 -69.97 -10.41
CA LEU B 52 -48.91 -69.65 -11.83
C LEU B 52 -47.73 -70.36 -12.48
N VAL B 53 -46.55 -70.17 -11.89
CA VAL B 53 -45.32 -70.78 -12.41
C VAL B 53 -45.37 -72.30 -12.23
N GLY B 54 -46.00 -72.74 -11.14
CA GLY B 54 -46.13 -74.14 -10.83
C GLY B 54 -44.99 -74.72 -10.00
N ARG B 55 -44.21 -73.83 -9.40
CA ARG B 55 -43.11 -74.23 -8.52
C ARG B 55 -42.91 -73.15 -7.46
N ASP B 56 -42.40 -73.54 -6.29
CA ASP B 56 -42.07 -72.58 -5.26
C ASP B 56 -40.73 -71.92 -5.54
N LEU B 57 -40.77 -70.70 -6.07
CA LEU B 57 -39.55 -69.96 -6.39
C LEU B 57 -39.46 -68.64 -5.63
N LEU B 58 -40.50 -68.30 -4.88
CA LEU B 58 -40.47 -67.11 -4.04
C LEU B 58 -40.05 -67.46 -2.63
N PRO B 59 -39.25 -66.60 -1.97
CA PRO B 59 -38.85 -66.95 -0.61
C PRO B 59 -39.99 -66.85 0.40
N ARG B 60 -40.11 -67.85 1.27
CA ARG B 60 -41.08 -67.83 2.34
C ARG B 60 -40.32 -67.89 3.65
N GLY B 61 -39.00 -67.83 3.52
CA GLY B 61 -38.03 -67.91 4.59
C GLY B 61 -38.42 -67.28 5.91
N THR B 62 -38.05 -67.94 7.01
CA THR B 62 -38.42 -67.48 8.35
C THR B 62 -37.94 -66.06 8.68
N GLY B 63 -36.74 -65.72 8.22
CA GLY B 63 -36.02 -64.56 8.70
C GLY B 63 -36.63 -63.19 8.54
N ILE B 64 -36.74 -62.73 7.30
CA ILE B 64 -37.19 -61.37 7.04
C ILE B 64 -38.10 -61.33 5.80
N VAL B 65 -38.55 -60.12 5.44
CA VAL B 65 -39.43 -59.92 4.30
C VAL B 65 -38.66 -59.33 3.12
N THR B 66 -39.32 -59.28 1.97
CA THR B 66 -38.68 -58.79 0.75
C THR B 66 -39.09 -57.33 0.53
N ARG B 67 -38.10 -56.52 0.17
CA ARG B 67 -38.24 -55.07 0.14
C ARG B 67 -38.23 -54.45 -1.25
N ARG B 68 -38.19 -55.26 -2.29
CA ARG B 68 -38.19 -54.72 -3.65
C ARG B 68 -39.17 -55.42 -4.58
N PRO B 69 -39.82 -54.64 -5.46
CA PRO B 69 -40.78 -55.17 -6.45
C PRO B 69 -40.10 -56.19 -7.36
N LEU B 70 -40.73 -57.34 -7.53
CA LEU B 70 -40.17 -58.39 -8.36
C LEU B 70 -41.00 -58.54 -9.64
N ILE B 71 -40.38 -58.20 -10.77
CA ILE B 71 -41.05 -58.30 -12.06
C ILE B 71 -40.78 -59.70 -12.59
N LEU B 72 -41.79 -60.56 -12.52
CA LEU B 72 -41.65 -61.95 -12.90
C LEU B 72 -42.23 -62.18 -14.28
N GLN B 73 -41.35 -62.47 -15.23
CA GLN B 73 -41.74 -62.68 -16.62
C GLN B 73 -41.72 -64.17 -16.93
N LEU B 74 -42.90 -64.76 -17.09
CA LEU B 74 -42.99 -66.17 -17.39
C LEU B 74 -43.12 -66.34 -18.90
N VAL B 75 -42.33 -67.24 -19.48
CA VAL B 75 -42.39 -67.42 -20.91
C VAL B 75 -42.54 -68.89 -21.29
N HIS B 76 -43.64 -69.20 -21.96
CA HIS B 76 -43.92 -70.57 -22.38
C HIS B 76 -42.81 -71.01 -23.33
N VAL B 77 -42.20 -72.17 -23.07
CA VAL B 77 -41.17 -72.64 -23.98
C VAL B 77 -41.57 -74.01 -24.57
N SER B 78 -42.07 -73.96 -25.80
CA SER B 78 -42.46 -75.13 -26.56
C SER B 78 -42.90 -74.76 -27.97
N GLN B 79 -42.52 -75.57 -28.96
CA GLN B 79 -41.63 -76.69 -28.71
C GLN B 79 -40.32 -76.55 -29.47
N GLU B 80 -39.25 -77.09 -28.88
CA GLU B 80 -37.91 -77.07 -29.47
C GLU B 80 -37.40 -75.63 -29.66
N GLY B 91 -25.29 -84.22 -23.97
CA GLY B 91 -26.14 -84.21 -22.81
C GLY B 91 -27.61 -84.15 -23.15
N VAL B 92 -28.35 -83.29 -22.45
CA VAL B 92 -29.79 -83.14 -22.66
C VAL B 92 -30.23 -81.78 -22.11
N GLU B 93 -31.39 -81.30 -22.51
CA GLU B 93 -31.80 -79.93 -22.20
C GLU B 93 -32.82 -79.90 -21.07
N ALA B 94 -32.55 -79.07 -20.06
CA ALA B 94 -33.44 -78.97 -18.90
C ALA B 94 -34.82 -78.49 -19.33
N GLU B 95 -35.85 -78.95 -18.63
CA GLU B 95 -37.21 -78.59 -18.98
C GLU B 95 -37.59 -77.21 -18.45
N GLU B 96 -37.09 -76.87 -17.27
CA GLU B 96 -37.41 -75.59 -16.66
C GLU B 96 -36.16 -74.81 -16.28
N TRP B 97 -36.18 -73.51 -16.54
CA TRP B 97 -35.06 -72.64 -16.21
C TRP B 97 -35.30 -71.12 -16.18
N GLY B 98 -34.37 -70.45 -15.50
CA GLY B 98 -34.37 -69.01 -15.28
C GLY B 98 -33.17 -68.14 -15.56
N LYS B 99 -33.41 -66.84 -15.72
CA LYS B 99 -32.31 -65.88 -15.92
C LYS B 99 -32.76 -64.55 -15.30
N PHE B 100 -31.85 -63.87 -14.62
CA PHE B 100 -32.14 -62.56 -14.03
C PHE B 100 -31.49 -61.53 -14.92
N LEU B 101 -32.05 -60.32 -14.89
CA LEU B 101 -31.46 -59.21 -15.62
C LEU B 101 -30.24 -58.67 -14.86
N HIS B 102 -30.22 -58.72 -13.52
CA HIS B 102 -29.05 -58.16 -12.82
C HIS B 102 -27.84 -59.10 -12.97
N THR B 103 -28.08 -60.41 -12.92
CA THR B 103 -27.03 -61.32 -13.34
C THR B 103 -27.30 -61.09 -14.80
N LYS B 104 -26.34 -61.25 -15.69
CA LYS B 104 -26.70 -60.95 -17.06
C LYS B 104 -27.14 -62.19 -17.82
N ASN B 105 -26.14 -62.96 -18.21
CA ASN B 105 -26.34 -64.19 -18.94
C ASN B 105 -26.56 -65.47 -18.15
N LYS B 106 -26.28 -65.44 -16.85
CA LYS B 106 -26.23 -66.69 -16.11
C LYS B 106 -27.58 -67.36 -16.11
N LEU B 107 -27.56 -68.62 -16.52
CA LEU B 107 -28.76 -69.43 -16.68
C LEU B 107 -28.88 -70.39 -15.52
N TYR B 108 -30.00 -70.28 -14.82
CA TYR B 108 -30.26 -71.07 -13.64
C TYR B 108 -31.04 -72.35 -13.95
N THR B 109 -30.55 -73.47 -13.44
CA THR B 109 -31.25 -74.75 -13.62
C THR B 109 -31.67 -75.28 -12.25
N ASP B 110 -31.16 -74.65 -11.20
CA ASP B 110 -31.50 -75.03 -9.83
C ASP B 110 -32.42 -73.96 -9.27
N PHE B 111 -33.68 -74.33 -9.02
CA PHE B 111 -34.66 -73.35 -8.53
C PHE B 111 -34.47 -72.88 -7.10
N ASP B 112 -33.69 -73.63 -6.31
CA ASP B 112 -33.40 -73.20 -4.95
C ASP B 112 -32.44 -72.02 -4.99
N GLU B 113 -31.62 -71.97 -6.02
CA GLU B 113 -30.68 -70.86 -6.18
C GLU B 113 -31.38 -69.61 -6.68
N ILE B 114 -32.41 -69.79 -7.49
CA ILE B 114 -33.20 -68.67 -7.98
C ILE B 114 -33.89 -67.95 -6.83
N ARG B 115 -34.51 -68.75 -5.96
CA ARG B 115 -35.18 -68.25 -4.77
C ARG B 115 -34.19 -67.54 -3.86
N GLN B 116 -33.01 -68.12 -3.69
CA GLN B 116 -31.97 -67.51 -2.86
C GLN B 116 -31.46 -66.19 -3.41
N GLU B 117 -31.44 -66.06 -4.74
CA GLU B 117 -30.98 -64.84 -5.37
C GLU B 117 -32.00 -63.71 -5.21
N ILE B 118 -33.28 -64.06 -5.27
CA ILE B 118 -34.35 -63.10 -5.05
C ILE B 118 -34.25 -62.53 -3.63
N GLU B 119 -34.05 -63.43 -2.68
CA GLU B 119 -33.89 -63.11 -1.26
C GLU B 119 -32.66 -62.23 -1.04
N ASN B 120 -31.58 -62.62 -1.71
CA ASN B 120 -30.27 -61.98 -1.65
C ASN B 120 -30.24 -60.55 -2.18
N GLU B 121 -30.85 -60.34 -3.34
CA GLU B 121 -30.90 -59.04 -3.99
C GLU B 121 -31.61 -58.05 -3.03
N THR B 122 -32.57 -58.54 -2.26
CA THR B 122 -33.30 -57.72 -1.28
C THR B 122 -32.36 -57.33 -0.13
N GLU B 123 -31.67 -58.34 0.40
CA GLU B 123 -30.69 -58.24 1.49
C GLU B 123 -29.54 -57.34 1.10
N ARG B 124 -29.20 -57.43 -0.18
CA ARG B 124 -28.13 -56.69 -0.83
C ARG B 124 -28.13 -55.17 -0.61
N ILE B 125 -29.30 -54.54 -0.47
CA ILE B 125 -29.30 -53.09 -0.20
C ILE B 125 -29.12 -52.78 1.29
N SER B 126 -28.08 -52.01 1.60
CA SER B 126 -27.76 -51.61 2.97
C SER B 126 -28.91 -50.91 3.67
N GLY B 131 -35.74 -50.87 5.29
CA GLY B 131 -36.43 -49.96 4.39
C GLY B 131 -36.94 -50.67 3.16
N VAL B 132 -37.49 -49.89 2.22
CA VAL B 132 -38.00 -50.45 0.97
C VAL B 132 -37.23 -49.78 -0.17
N SER B 133 -37.22 -50.39 -1.35
CA SER B 133 -36.52 -49.81 -2.49
C SER B 133 -37.30 -50.01 -3.77
N PRO B 134 -37.29 -48.98 -4.64
CA PRO B 134 -38.04 -48.95 -5.90
C PRO B 134 -37.38 -49.72 -7.04
N GLU B 135 -36.14 -50.15 -6.86
CA GLU B 135 -35.45 -50.86 -7.93
C GLU B 135 -36.08 -52.23 -8.14
N PRO B 136 -36.70 -52.43 -9.32
CA PRO B 136 -37.36 -53.71 -9.58
C PRO B 136 -36.36 -54.82 -9.87
N ILE B 137 -36.80 -56.06 -9.72
CA ILE B 137 -35.96 -57.21 -10.01
C ILE B 137 -36.60 -57.94 -11.17
N HIS B 138 -35.83 -58.25 -12.21
CA HIS B 138 -36.42 -58.78 -13.43
C HIS B 138 -36.01 -60.22 -13.63
N LEU B 139 -36.91 -61.10 -13.21
CA LEU B 139 -36.69 -62.54 -13.22
C LEU B 139 -37.53 -63.14 -14.32
N LYS B 140 -36.88 -63.89 -15.20
CA LYS B 140 -37.57 -64.53 -16.29
C LYS B 140 -37.46 -66.03 -16.06
N ILE B 141 -38.59 -66.73 -16.17
CA ILE B 141 -38.62 -68.16 -15.95
C ILE B 141 -39.14 -68.82 -17.21
N PHE B 142 -38.40 -69.81 -17.70
CA PHE B 142 -38.80 -70.54 -18.88
C PHE B 142 -39.32 -71.92 -18.49
N SER B 143 -40.50 -72.26 -19.01
CA SER B 143 -41.13 -73.53 -18.67
C SER B 143 -42.24 -73.85 -19.67
N PRO B 144 -42.46 -75.14 -19.95
CA PRO B 144 -43.54 -75.57 -20.83
C PRO B 144 -44.87 -75.66 -20.07
N ASN B 145 -44.78 -75.61 -18.75
CA ASN B 145 -45.97 -75.74 -17.90
C ASN B 145 -46.65 -74.41 -17.57
N VAL B 146 -46.10 -73.32 -18.10
CA VAL B 146 -46.65 -72.00 -17.81
C VAL B 146 -47.15 -71.33 -19.08
N VAL B 147 -48.03 -70.35 -18.91
CA VAL B 147 -48.52 -69.57 -20.03
C VAL B 147 -47.66 -68.32 -20.10
N ASN B 148 -47.68 -67.62 -21.23
CA ASN B 148 -46.92 -66.39 -21.36
C ASN B 148 -47.63 -65.29 -20.59
N LEU B 149 -46.97 -64.76 -19.57
CA LEU B 149 -47.60 -63.77 -18.70
C LEU B 149 -46.49 -63.09 -17.89
N THR B 150 -46.69 -61.80 -17.62
CA THR B 150 -45.75 -61.04 -16.80
C THR B 150 -46.50 -60.29 -15.71
N LEU B 151 -45.95 -60.29 -14.50
CA LEU B 151 -46.58 -59.62 -13.37
C LEU B 151 -45.53 -58.94 -12.52
N VAL B 152 -45.89 -57.80 -11.94
CA VAL B 152 -44.99 -57.08 -11.06
C VAL B 152 -45.46 -57.21 -9.62
N ASP B 153 -44.77 -58.03 -8.85
CA ASP B 153 -45.13 -58.26 -7.45
C ASP B 153 -44.64 -57.09 -6.60
N LEU B 154 -45.44 -56.69 -5.62
CA LEU B 154 -45.05 -55.61 -4.73
C LEU B 154 -45.07 -56.08 -3.27
N PRO B 155 -44.26 -55.45 -2.41
CA PRO B 155 -44.22 -55.77 -0.98
C PRO B 155 -45.59 -55.68 -0.33
N GLY B 156 -45.87 -56.62 0.58
CA GLY B 156 -47.18 -56.70 1.21
C GLY B 156 -47.45 -55.71 2.32
N MET B 157 -48.73 -55.34 2.45
CA MET B 157 -49.21 -54.42 3.47
C MET B 157 -49.49 -55.16 4.78
N THR B 158 -49.57 -54.44 5.89
CA THR B 158 -49.78 -55.04 7.21
C THR B 158 -51.01 -54.50 7.96
N LYS B 159 -52.01 -54.03 7.21
CA LYS B 159 -53.25 -53.49 7.77
C LYS B 159 -52.99 -52.41 8.83
N LYS B 167 -45.27 -47.97 12.00
CA LYS B 167 -46.02 -47.47 10.85
C LYS B 167 -45.04 -46.74 9.96
N ASP B 168 -43.78 -46.78 10.37
CA ASP B 168 -42.69 -46.11 9.69
C ASP B 168 -42.30 -46.71 8.33
N ILE B 169 -42.36 -48.04 8.22
CA ILE B 169 -42.03 -48.74 6.97
C ILE B 169 -43.20 -49.02 6.03
N GLU B 170 -44.29 -49.42 6.65
CA GLU B 170 -45.52 -49.81 5.98
C GLU B 170 -46.00 -48.65 5.07
N LEU B 171 -45.83 -47.40 5.51
CA LEU B 171 -46.28 -46.21 4.74
C LEU B 171 -45.28 -46.07 3.58
N GLN B 172 -44.01 -46.42 3.81
CA GLN B 172 -43.00 -46.39 2.77
C GLN B 172 -43.49 -47.34 1.68
N ILE B 173 -43.98 -48.49 2.11
CA ILE B 173 -44.50 -49.50 1.18
C ILE B 173 -45.71 -48.97 0.42
N ARG B 174 -46.70 -48.42 1.12
CA ARG B 174 -47.89 -47.88 0.48
C ARG B 174 -47.53 -46.82 -0.55
N GLU B 175 -46.59 -45.95 -0.19
CA GLU B 175 -46.15 -44.89 -1.09
C GLU B 175 -45.53 -45.49 -2.33
N LEU B 176 -44.75 -46.55 -2.15
CA LEU B 176 -44.12 -47.26 -3.27
C LEU B 176 -45.17 -47.93 -4.15
N ILE B 177 -46.13 -48.60 -3.52
CA ILE B 177 -47.21 -49.24 -4.27
C ILE B 177 -47.91 -48.19 -5.12
N LEU B 178 -48.14 -47.02 -4.53
CA LEU B 178 -48.85 -45.94 -5.23
C LEU B 178 -48.06 -45.45 -6.45
N ARG B 179 -46.74 -45.45 -6.33
CA ARG B 179 -45.85 -45.03 -7.42
C ARG B 179 -46.07 -45.86 -8.68
N PHE B 180 -46.32 -47.15 -8.47
CA PHE B 180 -46.58 -48.12 -9.54
C PHE B 180 -48.03 -48.05 -10.00
N ILE B 181 -48.94 -48.16 -9.05
CA ILE B 181 -50.38 -48.27 -9.34
C ILE B 181 -51.02 -46.94 -9.75
N SER B 182 -50.28 -45.84 -9.65
CA SER B 182 -50.76 -44.55 -10.16
C SER B 182 -50.65 -44.48 -11.68
N ASN B 183 -49.97 -45.46 -12.26
CA ASN B 183 -49.80 -45.52 -13.71
C ASN B 183 -51.13 -45.79 -14.39
N PRO B 184 -51.51 -44.95 -15.37
CA PRO B 184 -52.77 -45.06 -16.10
C PRO B 184 -52.95 -46.40 -16.83
N ASN B 185 -51.86 -46.92 -17.39
CA ASN B 185 -51.89 -48.17 -18.13
C ASN B 185 -51.66 -49.40 -17.25
N SER B 186 -51.65 -49.18 -15.95
CA SER B 186 -51.38 -50.25 -14.98
C SER B 186 -52.68 -50.94 -14.55
N ILE B 187 -52.76 -52.22 -14.88
CA ILE B 187 -53.90 -53.05 -14.48
C ILE B 187 -53.58 -53.47 -13.05
N ILE B 188 -54.61 -53.54 -12.21
CA ILE B 188 -54.40 -53.88 -10.82
C ILE B 188 -54.88 -55.27 -10.48
N LEU B 189 -53.97 -56.11 -10.00
CA LEU B 189 -54.35 -57.45 -9.57
C LEU B 189 -54.48 -57.38 -8.05
N ALA B 190 -55.71 -57.20 -7.57
CA ALA B 190 -55.95 -57.04 -6.13
C ALA B 190 -56.22 -58.40 -5.49
N VAL B 191 -55.32 -58.83 -4.60
CA VAL B 191 -55.46 -60.15 -3.99
C VAL B 191 -55.99 -60.04 -2.56
N THR B 192 -57.08 -60.75 -2.29
CA THR B 192 -57.69 -60.77 -0.97
C THR B 192 -58.08 -62.18 -0.57
N ALA B 193 -57.92 -62.50 0.71
CA ALA B 193 -58.26 -63.82 1.21
C ALA B 193 -59.77 -63.81 1.47
N ALA B 194 -60.44 -64.91 1.16
CA ALA B 194 -61.88 -65.04 1.40
C ALA B 194 -62.12 -65.06 2.91
N ASN B 195 -61.06 -65.43 3.64
CA ASN B 195 -61.08 -65.50 5.09
C ASN B 195 -61.65 -64.24 5.74
N THR B 196 -61.28 -63.08 5.21
CA THR B 196 -61.73 -61.81 5.77
C THR B 196 -62.85 -61.18 4.95
N ASP B 197 -63.26 -59.98 5.36
CA ASP B 197 -64.32 -59.24 4.69
C ASP B 197 -63.70 -58.41 3.57
N MET B 198 -64.02 -58.74 2.32
CA MET B 198 -63.40 -58.07 1.18
C MET B 198 -63.71 -56.59 1.00
N ALA B 199 -64.86 -56.12 1.48
CA ALA B 199 -65.18 -54.70 1.37
C ALA B 199 -64.27 -53.81 2.21
N THR B 200 -63.67 -54.38 3.25
CA THR B 200 -62.77 -53.63 4.12
C THR B 200 -61.31 -53.93 3.82
N SER B 201 -61.04 -54.49 2.64
CA SER B 201 -59.69 -54.87 2.25
C SER B 201 -58.73 -53.70 2.10
N GLU B 202 -57.58 -53.82 2.76
CA GLU B 202 -56.50 -52.85 2.67
C GLU B 202 -56.09 -52.72 1.21
N ALA B 203 -56.12 -53.85 0.52
CA ALA B 203 -55.71 -53.93 -0.88
C ALA B 203 -56.72 -53.18 -1.76
N LEU B 204 -58.00 -53.40 -1.49
CA LEU B 204 -59.07 -52.81 -2.27
C LEU B 204 -59.11 -51.30 -2.02
N LYS B 205 -58.72 -50.88 -0.81
CA LYS B 205 -58.72 -49.46 -0.47
C LYS B 205 -57.64 -48.66 -1.20
N ILE B 206 -56.42 -49.18 -1.27
CA ILE B 206 -55.35 -48.48 -1.96
C ILE B 206 -55.58 -48.42 -3.48
N SER B 207 -56.22 -49.45 -4.02
CA SER B 207 -56.55 -49.52 -5.44
C SER B 207 -57.57 -48.43 -5.78
N ARG B 208 -58.49 -48.22 -4.85
CA ARG B 208 -59.55 -47.21 -4.96
C ARG B 208 -59.04 -45.76 -4.93
N GLU B 209 -57.92 -45.53 -4.25
CA GLU B 209 -57.33 -44.19 -4.18
C GLU B 209 -56.91 -43.72 -5.57
N VAL B 210 -56.39 -44.61 -6.39
CA VAL B 210 -55.93 -44.24 -7.72
C VAL B 210 -56.94 -44.63 -8.79
N ASP B 211 -57.76 -45.63 -8.49
CA ASP B 211 -58.80 -46.04 -9.42
C ASP B 211 -60.12 -46.19 -8.65
N PRO B 212 -60.84 -45.07 -8.51
CA PRO B 212 -62.07 -44.91 -7.73
C PRO B 212 -63.22 -45.84 -8.13
N ASP B 213 -63.54 -45.88 -9.42
CA ASP B 213 -64.64 -46.72 -9.91
C ASP B 213 -64.20 -48.15 -10.19
N GLY B 214 -62.94 -48.45 -9.93
CA GLY B 214 -62.39 -49.78 -10.14
C GLY B 214 -62.46 -50.20 -11.60
N ARG B 215 -62.19 -49.25 -12.49
CA ARG B 215 -62.29 -49.48 -13.93
C ARG B 215 -61.15 -50.33 -14.47
N ARG B 216 -60.07 -50.41 -13.71
CA ARG B 216 -58.89 -51.17 -14.12
C ARG B 216 -58.28 -52.03 -13.00
N THR B 217 -59.15 -52.61 -12.18
CA THR B 217 -58.71 -53.44 -11.06
C THR B 217 -59.34 -54.83 -11.18
N LEU B 218 -58.51 -55.86 -11.13
CA LEU B 218 -59.00 -57.23 -11.19
C LEU B 218 -58.81 -57.84 -9.80
N ALA B 219 -59.89 -58.36 -9.23
CA ALA B 219 -59.87 -58.95 -7.90
C ALA B 219 -59.59 -60.45 -7.92
N VAL B 220 -58.78 -60.90 -6.97
CA VAL B 220 -58.48 -62.33 -6.82
C VAL B 220 -58.82 -62.74 -5.39
N ILE B 221 -59.61 -63.79 -5.26
CA ILE B 221 -60.02 -64.29 -3.95
C ILE B 221 -59.39 -65.64 -3.69
N THR B 222 -58.56 -65.70 -2.65
CA THR B 222 -57.86 -66.92 -2.30
C THR B 222 -58.60 -67.52 -1.11
N LYS B 223 -58.18 -68.71 -0.69
CA LYS B 223 -58.77 -69.38 0.48
C LYS B 223 -60.28 -69.62 0.36
N LEU B 224 -60.72 -70.01 -0.84
CA LEU B 224 -62.13 -70.30 -1.12
C LEU B 224 -62.72 -71.35 -0.18
N ASP B 225 -61.91 -72.27 0.31
CA ASP B 225 -62.50 -73.29 1.18
C ASP B 225 -62.83 -72.71 2.54
N LEU B 226 -62.41 -71.48 2.78
CA LEU B 226 -62.69 -70.83 4.05
C LEU B 226 -63.86 -69.86 3.81
N MET B 227 -64.75 -70.23 2.90
CA MET B 227 -65.88 -69.36 2.55
C MET B 227 -67.14 -69.75 3.30
N ASP B 228 -67.86 -68.74 3.78
CA ASP B 228 -69.07 -68.94 4.56
C ASP B 228 -69.79 -67.59 4.73
N ALA B 229 -71.08 -67.66 5.03
CA ALA B 229 -71.92 -66.49 5.21
C ALA B 229 -72.42 -66.24 6.65
N GLY B 230 -71.53 -66.12 7.64
CA GLY B 230 -70.13 -65.87 7.42
C GLY B 230 -69.91 -64.44 6.98
N THR B 231 -68.82 -64.20 6.26
CA THR B 231 -68.57 -62.89 5.68
C THR B 231 -68.56 -62.93 4.15
N ASP B 232 -68.62 -61.76 3.53
CA ASP B 232 -68.52 -61.66 2.09
C ASP B 232 -67.00 -61.76 1.88
N ALA B 233 -66.48 -61.93 0.67
CA ALA B 233 -67.19 -61.72 -0.58
C ALA B 233 -67.65 -62.95 -1.37
N MET B 234 -68.39 -63.83 -0.72
CA MET B 234 -69.09 -64.92 -1.41
C MET B 234 -69.95 -64.34 -2.52
N ASP B 235 -70.62 -63.26 -2.14
CA ASP B 235 -71.56 -62.45 -2.91
C ASP B 235 -70.97 -61.76 -4.16
N VAL B 236 -69.70 -61.36 -4.08
CA VAL B 236 -69.02 -60.69 -5.21
C VAL B 236 -68.71 -61.73 -6.28
N LEU B 237 -68.27 -62.92 -5.90
CA LEU B 237 -67.92 -63.93 -6.89
C LEU B 237 -69.19 -64.26 -7.67
N MET B 238 -70.34 -64.08 -7.03
CA MET B 238 -71.62 -64.23 -7.70
C MET B 238 -72.08 -62.94 -8.42
N GLY B 239 -71.35 -61.86 -8.20
CA GLY B 239 -71.58 -60.60 -8.88
C GLY B 239 -72.47 -59.60 -8.14
N ARG B 240 -72.81 -59.92 -6.89
CA ARG B 240 -73.68 -59.08 -6.07
C ARG B 240 -73.08 -58.73 -4.70
N VAL B 241 -72.24 -57.71 -4.57
CA VAL B 241 -72.11 -56.60 -5.50
C VAL B 241 -70.74 -56.66 -6.14
N ILE B 242 -70.41 -55.75 -7.06
CA ILE B 242 -69.12 -55.82 -7.73
C ILE B 242 -68.35 -54.51 -7.63
N PRO B 243 -67.27 -54.50 -6.83
CA PRO B 243 -66.44 -53.32 -6.61
C PRO B 243 -65.41 -53.04 -7.71
N VAL B 244 -65.31 -53.93 -8.69
CA VAL B 244 -64.35 -53.77 -9.79
C VAL B 244 -64.97 -54.23 -11.11
N LYS B 245 -64.48 -53.68 -12.22
CA LYS B 245 -65.10 -53.98 -13.52
C LYS B 245 -64.48 -55.17 -14.28
N LEU B 246 -63.16 -55.38 -14.13
CA LEU B 246 -62.49 -56.54 -14.74
C LEU B 246 -62.89 -57.86 -14.09
N GLY B 247 -63.81 -57.80 -13.14
CA GLY B 247 -64.34 -58.98 -12.49
C GLY B 247 -63.43 -59.62 -11.46
N ILE B 248 -63.88 -60.76 -10.94
CA ILE B 248 -63.18 -61.49 -9.90
C ILE B 248 -62.93 -62.96 -10.25
N ILE B 249 -61.81 -63.50 -9.76
CA ILE B 249 -61.48 -64.91 -9.94
C ILE B 249 -61.08 -65.52 -8.60
N GLY B 250 -61.67 -66.66 -8.28
CA GLY B 250 -61.36 -67.37 -7.05
C GLY B 250 -60.32 -68.47 -7.23
N VAL B 251 -59.47 -68.65 -6.22
CA VAL B 251 -58.48 -69.72 -6.23
C VAL B 251 -58.27 -70.30 -4.84
N VAL B 252 -57.66 -71.49 -4.77
CA VAL B 252 -57.18 -72.01 -3.50
C VAL B 252 -55.76 -72.53 -3.67
N ASN B 253 -54.85 -71.95 -2.90
CA ASN B 253 -53.46 -72.36 -2.97
C ASN B 253 -53.10 -73.17 -1.74
N ARG B 254 -51.84 -73.58 -1.65
CA ARG B 254 -51.38 -74.27 -0.47
C ARG B 254 -51.13 -73.29 0.68
N SER B 255 -51.68 -73.63 1.85
CA SER B 255 -51.48 -72.85 3.06
C SER B 255 -50.38 -73.54 3.86
N GLN B 256 -49.84 -72.88 4.89
CA GLN B 256 -48.80 -73.52 5.70
C GLN B 256 -49.48 -74.73 6.31
N LEU B 257 -48.77 -75.87 6.33
CA LEU B 257 -49.36 -77.17 6.65
C LEU B 257 -50.69 -77.22 5.89
N ASP B 258 -50.62 -77.20 4.56
CA ASP B 258 -49.69 -77.97 3.74
C ASP B 258 -48.27 -77.48 3.34
N ILE B 259 -47.87 -76.26 3.69
CA ILE B 259 -46.52 -75.79 3.34
C ILE B 259 -45.43 -76.53 4.15
N ASN B 260 -45.74 -77.01 5.36
CA ASN B 260 -44.74 -77.77 6.11
C ASN B 260 -44.41 -79.07 5.41
N ASN B 261 -45.42 -79.75 4.87
CA ASN B 261 -45.16 -80.94 4.09
C ASN B 261 -44.82 -80.41 2.70
N LYS B 262 -43.98 -81.10 1.95
CA LYS B 262 -43.67 -80.54 0.64
C LYS B 262 -44.85 -80.93 -0.21
N LYS B 263 -45.96 -80.21 -0.07
CA LYS B 263 -47.08 -80.49 -0.94
C LYS B 263 -46.72 -79.72 -2.19
N SER B 264 -46.32 -80.45 -3.22
CA SER B 264 -45.91 -79.86 -4.47
C SER B 264 -47.01 -79.00 -5.04
N VAL B 265 -46.61 -77.90 -5.69
CA VAL B 265 -47.56 -76.97 -6.28
C VAL B 265 -48.41 -77.72 -7.30
N THR B 266 -47.78 -78.65 -8.00
CA THR B 266 -48.44 -79.44 -9.03
C THR B 266 -49.58 -80.27 -8.43
N ASP B 267 -49.34 -80.86 -7.27
CA ASP B 267 -50.38 -81.64 -6.59
C ASP B 267 -51.49 -80.73 -6.06
N SER B 268 -51.08 -79.58 -5.53
CA SER B 268 -52.03 -78.60 -4.99
C SER B 268 -53.02 -78.04 -6.02
N ILE B 269 -52.54 -77.75 -7.23
CA ILE B 269 -53.41 -77.20 -8.26
C ILE B 269 -54.38 -78.27 -8.74
N ARG B 270 -53.95 -79.52 -8.67
CA ARG B 270 -54.76 -80.67 -9.04
C ARG B 270 -55.83 -80.84 -7.98
N ASP B 271 -55.40 -80.68 -6.73
CA ASP B 271 -56.24 -80.77 -5.54
C ASP B 271 -57.32 -79.70 -5.60
N GLU B 272 -56.95 -78.53 -6.13
CA GLU B 272 -57.85 -77.39 -6.25
C GLU B 272 -58.98 -77.60 -7.25
N TYR B 273 -58.69 -78.27 -8.36
CA TYR B 273 -59.72 -78.50 -9.36
C TYR B 273 -60.81 -79.41 -8.79
N ALA B 274 -60.39 -80.47 -8.09
CA ALA B 274 -61.32 -81.41 -7.46
C ALA B 274 -62.23 -80.69 -6.47
N PHE B 275 -61.64 -79.79 -5.68
CA PHE B 275 -62.36 -79.02 -4.67
C PHE B 275 -63.52 -78.23 -5.27
N LEU B 276 -63.21 -77.52 -6.35
CA LEU B 276 -64.15 -76.66 -7.06
C LEU B 276 -65.27 -77.45 -7.73
N GLN B 277 -64.94 -78.61 -8.26
CA GLN B 277 -65.95 -79.47 -8.88
C GLN B 277 -66.98 -79.98 -7.87
N LYS B 278 -66.62 -80.14 -6.59
CA LYS B 278 -67.59 -80.66 -5.62
C LYS B 278 -68.29 -79.52 -4.88
N LYS B 279 -67.53 -78.71 -4.16
CA LYS B 279 -68.11 -77.50 -3.61
C LYS B 279 -67.97 -76.45 -4.69
N TYR B 280 -69.03 -75.67 -4.88
CA TYR B 280 -69.11 -74.67 -5.95
C TYR B 280 -69.00 -75.24 -7.37
N PRO B 281 -69.82 -76.27 -7.69
CA PRO B 281 -69.75 -76.85 -9.04
C PRO B 281 -70.06 -75.90 -10.19
N SER B 282 -71.06 -75.05 -9.94
CA SER B 282 -71.54 -74.08 -10.90
C SER B 282 -70.54 -72.96 -11.17
N LEU B 283 -69.45 -72.90 -10.40
CA LEU B 283 -68.49 -71.83 -10.63
C LEU B 283 -67.14 -72.37 -11.04
N ALA B 284 -67.01 -73.69 -11.14
CA ALA B 284 -65.72 -74.30 -11.45
C ALA B 284 -65.05 -73.67 -12.67
N ASN B 285 -65.89 -73.37 -13.65
CA ASN B 285 -65.44 -72.78 -14.92
C ASN B 285 -64.97 -71.32 -14.87
N ARG B 286 -65.25 -70.61 -13.79
CA ARG B 286 -64.76 -69.24 -13.64
C ARG B 286 -63.75 -69.08 -12.52
N ASN B 287 -63.22 -70.20 -12.04
CA ASN B 287 -62.27 -70.14 -10.94
C ASN B 287 -61.15 -71.15 -11.10
N GLY B 288 -60.17 -71.09 -10.21
CA GLY B 288 -59.06 -72.03 -10.22
C GLY B 288 -57.81 -71.44 -10.86
N THR B 289 -56.67 -72.02 -10.55
CA THR B 289 -55.39 -71.52 -11.03
C THR B 289 -55.18 -71.58 -12.54
N LYS B 290 -55.53 -72.71 -13.16
CA LYS B 290 -55.36 -72.84 -14.60
C LYS B 290 -56.18 -71.78 -15.32
N TYR B 291 -57.41 -71.55 -14.87
CA TYR B 291 -58.28 -70.56 -15.49
C TYR B 291 -57.78 -69.15 -15.25
N LEU B 292 -57.29 -68.88 -14.03
CA LEU B 292 -56.77 -67.56 -13.72
C LEU B 292 -55.60 -67.19 -14.62
N ALA B 293 -54.71 -68.15 -14.87
CA ALA B 293 -53.55 -67.89 -15.71
C ALA B 293 -53.97 -67.56 -17.14
N ARG B 294 -55.00 -68.25 -17.62
CA ARG B 294 -55.49 -68.07 -18.99
C ARG B 294 -56.11 -66.67 -19.14
N THR B 295 -56.88 -66.25 -18.13
CA THR B 295 -57.52 -64.93 -18.16
C THR B 295 -56.51 -63.79 -18.11
N LEU B 296 -55.53 -63.88 -17.21
CA LEU B 296 -54.50 -62.85 -17.09
C LEU B 296 -53.72 -62.77 -18.40
N ASN B 297 -53.39 -63.92 -18.97
CA ASN B 297 -52.63 -63.98 -20.22
C ASN B 297 -53.40 -63.28 -21.33
N ARG B 298 -54.71 -63.51 -21.34
CA ARG B 298 -55.61 -62.93 -22.33
C ARG B 298 -55.75 -61.43 -22.08
N LEU B 299 -56.01 -61.09 -20.81
CA LEU B 299 -56.21 -59.70 -20.40
C LEU B 299 -54.96 -58.84 -20.54
N LEU B 300 -53.79 -59.40 -20.24
CA LEU B 300 -52.55 -58.62 -20.38
C LEU B 300 -52.38 -58.35 -21.86
N MET B 301 -52.56 -59.40 -22.65
CA MET B 301 -52.45 -59.36 -24.10
C MET B 301 -53.39 -58.34 -24.72
N HIS B 302 -54.64 -58.38 -24.31
CA HIS B 302 -55.66 -57.48 -24.82
C HIS B 302 -55.40 -56.03 -24.41
N HIS B 303 -54.84 -55.83 -23.21
CA HIS B 303 -54.56 -54.49 -22.74
C HIS B 303 -53.43 -53.74 -23.46
N ILE B 304 -52.35 -54.44 -23.78
CA ILE B 304 -51.21 -53.79 -24.45
C ILE B 304 -51.55 -53.37 -25.88
N ARG B 305 -52.22 -54.25 -26.62
CA ARG B 305 -52.62 -53.95 -27.99
C ARG B 305 -53.42 -52.68 -28.08
N ASP B 306 -54.27 -52.52 -27.10
CA ASP B 306 -55.17 -51.40 -26.97
C ASP B 306 -54.42 -50.08 -26.69
N CYS B 307 -53.39 -50.19 -25.86
CA CYS B 307 -52.62 -49.03 -25.40
C CYS B 307 -51.38 -48.79 -26.24
N LEU B 308 -50.98 -49.79 -27.03
CA LEU B 308 -49.76 -49.71 -27.84
C LEU B 308 -49.74 -48.57 -28.88
N PRO B 309 -50.86 -48.31 -29.58
CA PRO B 309 -50.84 -47.14 -30.48
C PRO B 309 -50.44 -45.81 -29.82
N GLU B 310 -50.86 -45.59 -28.58
CA GLU B 310 -50.50 -44.35 -27.89
C GLU B 310 -49.07 -44.42 -27.35
N LEU B 311 -48.62 -45.63 -27.00
CA LEU B 311 -47.29 -45.84 -26.46
C LEU B 311 -46.17 -45.48 -27.45
N LYS B 312 -46.33 -45.85 -28.72
CA LYS B 312 -45.32 -45.52 -29.73
C LYS B 312 -45.18 -43.99 -29.78
N THR B 313 -46.30 -43.30 -29.88
CA THR B 313 -46.36 -41.84 -29.91
C THR B 313 -45.72 -41.29 -28.66
N ARG B 314 -45.98 -41.94 -27.52
CA ARG B 314 -45.47 -41.49 -26.25
C ARG B 314 -43.95 -41.59 -26.11
N ILE B 315 -43.32 -42.68 -26.56
CA ILE B 315 -41.85 -42.75 -26.46
C ILE B 315 -41.16 -41.72 -27.39
N ASN B 316 -41.69 -41.53 -28.60
CA ASN B 316 -41.13 -40.57 -29.57
C ASN B 316 -41.07 -39.11 -29.13
N VAL B 317 -42.14 -38.62 -28.52
CA VAL B 317 -42.16 -37.23 -28.05
C VAL B 317 -41.07 -37.12 -26.99
N LEU B 318 -41.08 -38.09 -26.05
CA LEU B 318 -40.11 -38.16 -24.98
C LEU B 318 -38.69 -38.24 -25.54
N ALA B 319 -38.52 -38.98 -26.62
CA ALA B 319 -37.22 -39.13 -27.26
C ALA B 319 -36.70 -37.77 -27.69
N ALA B 320 -37.54 -37.04 -28.42
CA ALA B 320 -37.22 -35.70 -28.90
C ALA B 320 -36.89 -34.75 -27.74
N GLN B 321 -37.65 -34.85 -26.66
CA GLN B 321 -37.45 -34.00 -25.49
C GLN B 321 -36.08 -34.21 -24.86
N TYR B 322 -35.76 -35.48 -24.64
CA TYR B 322 -34.49 -35.88 -24.04
C TYR B 322 -33.33 -35.50 -24.96
N GLN B 323 -33.56 -35.67 -26.26
CA GLN B 323 -32.56 -35.32 -27.28
C GLN B 323 -32.20 -33.85 -27.20
N SER B 324 -33.22 -33.01 -27.07
CA SER B 324 -32.99 -31.57 -26.96
C SER B 324 -32.22 -31.25 -25.69
N LEU B 325 -32.51 -31.96 -24.61
CA LEU B 325 -31.83 -31.73 -23.35
C LEU B 325 -30.34 -32.03 -23.52
N LEU B 326 -30.07 -33.15 -24.18
CA LEU B 326 -28.71 -33.58 -24.46
C LEU B 326 -28.00 -32.58 -25.38
N ASN B 327 -28.72 -32.06 -26.36
CA ASN B 327 -28.14 -31.09 -27.28
C ASN B 327 -27.85 -29.76 -26.58
N SER B 328 -28.75 -29.37 -25.69
CA SER B 328 -28.59 -28.12 -24.95
C SER B 328 -27.46 -28.20 -23.93
N TYR B 329 -27.27 -29.39 -23.38
CA TYR B 329 -26.18 -29.63 -22.46
C TYR B 329 -24.87 -29.79 -23.25
N GLY B 330 -24.79 -30.89 -23.98
CA GLY B 330 -23.65 -31.24 -24.85
C GLY B 330 -23.14 -30.14 -25.75
N GLU B 331 -21.96 -29.55 -25.50
CA GLU B 331 -20.89 -30.03 -24.60
C GLU B 331 -20.34 -31.44 -24.89
N PRO B 332 -20.14 -31.79 -26.17
CA PRO B 332 -19.56 -33.12 -26.26
C PRO B 332 -18.11 -33.20 -25.79
N VAL B 333 -17.43 -32.06 -25.63
CA VAL B 333 -16.01 -32.07 -25.28
C VAL B 333 -15.26 -32.94 -26.29
N ASP B 334 -15.54 -32.70 -27.57
CA ASP B 334 -14.98 -33.54 -28.64
C ASP B 334 -13.45 -33.65 -28.61
N ASP B 335 -12.77 -32.52 -28.68
CA ASP B 335 -11.32 -32.51 -28.56
C ASP B 335 -11.05 -31.28 -27.63
N LYS B 336 -10.22 -31.41 -26.59
CA LYS B 336 -9.93 -30.25 -25.71
C LYS B 336 -9.30 -28.97 -26.27
N SER B 337 -8.32 -29.02 -27.14
CA SER B 337 -7.84 -27.75 -27.68
C SER B 337 -8.86 -26.96 -28.48
N ALA B 338 -9.64 -27.66 -29.29
CA ALA B 338 -10.72 -27.08 -30.11
C ALA B 338 -11.92 -26.46 -29.40
N THR B 339 -12.36 -27.09 -28.32
CA THR B 339 -13.45 -26.60 -27.46
C THR B 339 -13.16 -25.21 -26.83
N LEU B 340 -11.93 -24.99 -26.34
CA LEU B 340 -11.50 -23.70 -25.76
C LEU B 340 -11.63 -22.52 -26.71
N LEU B 341 -11.31 -22.79 -27.96
CA LEU B 341 -11.38 -21.92 -29.14
C LEU B 341 -12.83 -21.51 -29.39
N GLN B 342 -13.78 -22.33 -29.01
CA GLN B 342 -15.19 -22.14 -29.32
C GLN B 342 -15.85 -21.59 -28.09
N LEU B 343 -15.55 -22.10 -26.92
CA LEU B 343 -16.16 -21.55 -25.73
C LEU B 343 -15.75 -20.07 -25.46
N ILE B 344 -14.48 -19.72 -25.65
CA ILE B 344 -13.99 -18.36 -25.33
C ILE B 344 -14.14 -17.33 -26.45
N THR B 345 -14.17 -17.78 -27.69
CA THR B 345 -14.36 -16.87 -28.80
C THR B 345 -15.77 -16.32 -28.72
N LYS B 346 -16.70 -17.14 -28.23
CA LYS B 346 -18.05 -16.65 -28.09
C LYS B 346 -18.16 -15.67 -26.91
N PHE B 347 -17.31 -15.82 -25.90
CA PHE B 347 -17.35 -14.86 -24.79
C PHE B 347 -16.92 -13.47 -25.28
N ALA B 348 -16.16 -13.47 -26.37
CA ALA B 348 -15.71 -12.23 -26.97
C ALA B 348 -16.85 -11.48 -27.63
N THR B 349 -17.63 -12.18 -28.46
CA THR B 349 -18.76 -11.51 -29.07
C THR B 349 -19.94 -11.24 -28.11
N GLU B 350 -20.15 -12.02 -27.06
CA GLU B 350 -21.24 -11.71 -26.12
C GLU B 350 -20.88 -10.39 -25.43
N TYR B 351 -19.66 -9.93 -25.70
CA TYR B 351 -19.07 -8.74 -25.12
C TYR B 351 -19.02 -7.52 -25.99
N CYS B 352 -18.27 -7.59 -27.08
CA CYS B 352 -18.25 -6.49 -28.03
C CYS B 352 -19.68 -6.09 -28.29
N ASN B 353 -20.54 -7.09 -28.49
CA ASN B 353 -21.96 -6.89 -28.72
C ASN B 353 -22.63 -6.03 -27.66
N THR B 354 -22.61 -6.49 -26.41
CA THR B 354 -23.34 -5.76 -25.40
C THR B 354 -22.83 -4.36 -25.10
N ILE B 355 -21.51 -4.17 -25.07
CA ILE B 355 -20.96 -2.83 -24.82
C ILE B 355 -21.45 -1.92 -25.95
N GLU B 356 -21.61 -2.49 -27.14
CA GLU B 356 -21.99 -1.73 -28.34
C GLU B 356 -23.48 -1.84 -28.62
N GLY B 357 -24.23 -2.35 -27.65
CA GLY B 357 -25.67 -2.47 -27.77
C GLY B 357 -26.12 -3.90 -28.05
N CYS B 368 -28.52 -2.64 -19.53
CA CYS B 368 -27.08 -2.67 -19.28
C CYS B 368 -26.30 -2.17 -20.47
N GLY B 369 -26.55 -2.77 -21.64
CA GLY B 369 -25.83 -2.44 -22.85
C GLY B 369 -24.35 -2.28 -22.54
N GLY B 370 -23.70 -1.29 -23.14
CA GLY B 370 -24.21 -0.49 -24.25
C GLY B 370 -25.10 0.71 -24.00
N ALA B 371 -26.15 0.62 -23.20
CA ALA B 371 -26.92 1.84 -23.02
C ALA B 371 -26.82 2.39 -21.61
N ARG B 372 -26.53 1.54 -20.61
CA ARG B 372 -26.23 2.02 -19.26
C ARG B 372 -25.12 3.03 -19.42
N ILE B 373 -24.24 2.72 -20.36
CA ILE B 373 -23.08 3.53 -20.64
C ILE B 373 -23.52 4.85 -21.23
N CYS B 374 -24.25 4.84 -22.34
CA CYS B 374 -24.63 6.11 -22.93
C CYS B 374 -25.39 6.81 -21.82
N TYR B 375 -26.27 6.07 -21.15
CA TYR B 375 -27.01 6.61 -20.01
C TYR B 375 -26.07 7.36 -19.10
N ILE B 376 -25.04 6.64 -18.64
CA ILE B 376 -24.09 7.23 -17.72
C ILE B 376 -23.40 8.41 -18.37
N PHE B 377 -23.16 8.33 -19.67
CA PHE B 377 -22.54 9.49 -20.27
C PHE B 377 -23.50 10.61 -20.50
N HIS B 378 -24.69 10.30 -21.03
CA HIS B 378 -25.54 11.43 -21.26
C HIS B 378 -26.68 11.66 -20.28
N GLU B 379 -26.85 10.82 -19.27
CA GLU B 379 -27.84 11.20 -18.28
C GLU B 379 -27.27 11.47 -16.91
N THR B 380 -26.14 10.84 -16.56
CA THR B 380 -25.63 11.22 -15.27
C THR B 380 -24.42 12.11 -15.24
N PHE B 381 -23.35 11.78 -15.98
CA PHE B 381 -22.22 12.68 -15.94
C PHE B 381 -22.60 14.10 -16.35
N GLY B 382 -23.68 14.20 -17.13
CA GLY B 382 -24.21 15.50 -17.51
C GLY B 382 -24.94 16.29 -16.47
N ARG B 383 -25.86 15.58 -15.78
CA ARG B 383 -26.64 16.19 -14.74
C ARG B 383 -25.74 16.76 -13.66
N THR B 384 -24.65 16.04 -13.41
CA THR B 384 -23.66 16.50 -12.45
C THR B 384 -22.96 17.77 -12.90
N LEU B 385 -22.19 17.64 -13.99
CA LEU B 385 -21.43 18.74 -14.56
C LEU B 385 -22.24 20.03 -14.73
N GLU B 386 -23.45 19.88 -15.25
CA GLU B 386 -24.36 21.00 -15.44
C GLU B 386 -24.69 21.65 -14.10
N SER B 387 -24.73 20.85 -13.04
CA SER B 387 -25.06 21.37 -11.73
C SER B 387 -23.88 22.07 -11.08
N VAL B 388 -22.71 21.96 -11.69
CA VAL B 388 -21.56 22.70 -11.19
C VAL B 388 -21.76 24.20 -11.46
N ASP B 389 -21.68 25.01 -10.41
CA ASP B 389 -21.97 26.43 -10.55
C ASP B 389 -20.77 27.14 -11.16
N PRO B 390 -21.00 28.08 -12.08
CA PRO B 390 -19.82 28.76 -12.65
C PRO B 390 -19.18 29.73 -11.67
N LEU B 391 -19.82 29.97 -10.54
CA LEU B 391 -19.27 30.83 -9.52
C LEU B 391 -19.33 30.28 -8.10
N GLY B 392 -19.26 28.97 -7.95
CA GLY B 392 -19.43 28.41 -6.62
C GLY B 392 -18.13 28.70 -5.90
N GLY B 393 -18.16 28.78 -4.58
CA GLY B 393 -16.94 28.98 -3.81
C GLY B 393 -16.36 30.38 -3.95
N LEU B 394 -16.32 30.91 -5.17
CA LEU B 394 -15.86 32.27 -5.43
C LEU B 394 -16.71 33.38 -4.82
N ASN B 395 -16.25 33.90 -3.68
CA ASN B 395 -16.84 35.06 -3.03
C ASN B 395 -16.39 36.34 -3.73
N THR B 396 -17.13 37.44 -3.52
CA THR B 396 -16.74 38.75 -4.04
C THR B 396 -15.36 39.16 -3.51
N ILE B 397 -15.10 38.90 -2.24
CA ILE B 397 -13.82 39.24 -1.62
C ILE B 397 -12.66 38.62 -2.38
N ASP B 398 -12.83 37.37 -2.80
CA ASP B 398 -11.81 36.66 -3.57
C ASP B 398 -11.49 37.40 -4.86
N ILE B 399 -12.52 37.93 -5.51
CA ILE B 399 -12.36 38.70 -6.74
C ILE B 399 -11.56 39.97 -6.49
N LEU B 400 -11.85 40.63 -5.37
CA LEU B 400 -11.18 41.84 -4.94
C LEU B 400 -9.70 41.59 -4.63
N THR B 401 -9.41 40.42 -4.06
CA THR B 401 -8.06 40.03 -3.75
C THR B 401 -7.23 39.82 -5.03
N ALA B 402 -7.85 39.22 -6.03
CA ALA B 402 -7.18 39.00 -7.31
C ALA B 402 -6.83 40.34 -7.96
N ILE B 403 -7.76 41.28 -7.90
CA ILE B 403 -7.56 42.62 -8.43
C ILE B 403 -6.43 43.39 -7.76
N ARG B 404 -6.38 43.30 -6.43
CA ARG B 404 -5.38 44.03 -5.66
C ARG B 404 -3.98 43.61 -6.04
N ASN B 405 -3.76 42.31 -6.19
CA ASN B 405 -2.44 41.81 -6.56
C ASN B 405 -2.15 42.09 -8.02
N ALA B 406 -3.21 42.15 -8.82
CA ALA B 406 -3.10 42.46 -10.24
C ALA B 406 -2.54 43.86 -10.47
N THR B 407 -3.02 44.83 -9.69
CA THR B 407 -2.46 46.17 -9.71
C THR B 407 -1.03 46.19 -9.17
N ALA B 408 -0.76 45.30 -8.22
CA ALA B 408 0.56 45.20 -7.60
C ALA B 408 1.46 44.24 -8.36
N VAL B 415 -5.36 46.24 -14.91
CA VAL B 415 -5.88 45.31 -15.92
C VAL B 415 -6.72 44.18 -15.31
N PRO B 416 -8.04 44.21 -15.57
CA PRO B 416 -9.05 43.26 -15.09
C PRO B 416 -8.79 41.84 -15.58
N GLU B 417 -8.27 41.72 -16.79
CA GLU B 417 -8.00 40.44 -17.44
C GLU B 417 -7.06 39.55 -16.64
N VAL B 418 -6.03 40.14 -16.03
CA VAL B 418 -5.08 39.37 -15.25
C VAL B 418 -5.81 38.77 -14.04
N SER B 419 -6.69 39.56 -13.43
CA SER B 419 -7.49 39.06 -12.31
C SER B 419 -8.35 37.93 -12.83
N PHE B 420 -8.95 38.15 -14.01
CA PHE B 420 -9.78 37.14 -14.66
C PHE B 420 -9.22 35.78 -15.01
N GLU B 421 -7.98 35.72 -15.46
CA GLU B 421 -7.43 34.42 -15.80
C GLU B 421 -7.24 33.59 -14.53
N LEU B 422 -6.71 34.21 -13.48
CA LEU B 422 -6.46 33.56 -12.19
C LEU B 422 -7.74 33.03 -11.52
N LEU B 423 -8.81 33.81 -11.64
CA LEU B 423 -10.15 33.55 -11.09
C LEU B 423 -10.73 32.30 -11.77
N VAL B 424 -10.89 32.38 -13.08
CA VAL B 424 -11.48 31.34 -13.94
C VAL B 424 -10.62 30.10 -13.76
N LYS B 425 -9.30 30.24 -13.88
CA LYS B 425 -8.35 29.13 -13.73
C LYS B 425 -8.63 28.27 -12.47
N ARG B 426 -9.35 28.83 -11.50
CA ARG B 426 -9.74 28.10 -10.28
C ARG B 426 -11.14 27.50 -10.41
N GLN B 427 -11.93 28.04 -11.32
CA GLN B 427 -13.31 27.59 -11.58
C GLN B 427 -13.25 26.34 -12.45
N ILE B 428 -12.44 26.40 -13.50
CA ILE B 428 -12.23 25.28 -14.41
C ILE B 428 -11.67 24.01 -13.71
N LYS B 429 -10.93 24.22 -12.62
CA LYS B 429 -10.31 23.18 -11.76
C LYS B 429 -11.33 22.26 -11.07
N ARG B 430 -12.55 22.74 -10.81
CA ARG B 430 -13.51 21.88 -10.14
C ARG B 430 -14.17 20.84 -11.03
N LEU B 431 -13.85 20.88 -12.32
CA LEU B 431 -14.41 19.92 -13.26
C LEU B 431 -13.66 18.58 -13.38
N GLU B 432 -12.40 18.47 -12.93
CA GLU B 432 -11.68 17.19 -13.01
C GLU B 432 -12.27 15.98 -12.27
N GLU B 433 -12.60 16.16 -10.99
CA GLU B 433 -13.18 15.10 -10.15
C GLU B 433 -14.40 14.44 -10.81
N PRO B 434 -15.41 15.25 -11.20
CA PRO B 434 -16.58 14.62 -11.83
C PRO B 434 -16.13 13.87 -13.07
N SER B 435 -15.23 14.47 -13.87
CA SER B 435 -14.78 13.81 -15.09
C SER B 435 -14.18 12.47 -14.62
N LEU B 436 -13.21 12.54 -13.71
CA LEU B 436 -12.54 11.33 -13.21
C LEU B 436 -13.59 10.33 -12.71
N ARG B 437 -14.58 10.83 -11.98
CA ARG B 437 -15.67 10.04 -11.43
C ARG B 437 -16.40 9.30 -12.56
N CYS B 438 -16.60 10.01 -13.67
CA CYS B 438 -17.28 9.46 -14.83
C CYS B 438 -16.58 8.18 -15.26
N VAL B 439 -15.27 8.29 -15.48
CA VAL B 439 -14.43 7.15 -15.88
C VAL B 439 -14.74 5.95 -14.99
N GLU B 440 -14.70 6.17 -13.67
CA GLU B 440 -14.96 5.11 -12.71
C GLU B 440 -16.33 4.48 -12.89
N LEU B 441 -17.34 5.31 -13.14
CA LEU B 441 -18.70 4.82 -13.34
C LEU B 441 -18.76 3.85 -14.52
N VAL B 442 -17.97 4.16 -15.56
CA VAL B 442 -17.90 3.34 -16.75
C VAL B 442 -17.26 1.98 -16.43
N HIS B 443 -16.16 2.03 -15.68
CA HIS B 443 -15.41 0.84 -15.29
C HIS B 443 -16.37 -0.10 -14.59
N GLU B 444 -17.14 0.47 -13.67
CA GLU B 444 -18.14 -0.19 -12.86
C GLU B 444 -19.04 -1.03 -13.77
N GLU B 445 -19.70 -0.33 -14.69
CA GLU B 445 -20.66 -0.90 -15.62
C GLU B 445 -20.06 -1.89 -16.58
N MET B 446 -18.74 -1.86 -16.70
CA MET B 446 -18.08 -2.76 -17.64
C MET B 446 -17.79 -4.02 -16.84
N GLN B 447 -17.17 -3.87 -15.68
CA GLN B 447 -16.87 -5.02 -14.83
C GLN B 447 -18.16 -5.78 -14.50
N ARG B 448 -19.29 -5.07 -14.59
CA ARG B 448 -20.61 -5.66 -14.33
C ARG B 448 -21.17 -6.41 -15.54
N ILE B 449 -20.75 -6.00 -16.73
CA ILE B 449 -21.22 -6.64 -17.97
C ILE B 449 -20.77 -8.10 -18.09
N ILE B 450 -19.59 -8.42 -17.56
CA ILE B 450 -19.11 -9.80 -17.63
C ILE B 450 -20.04 -10.78 -16.90
N GLN B 451 -20.61 -10.36 -15.77
CA GLN B 451 -21.49 -11.24 -15.00
C GLN B 451 -22.80 -11.39 -15.77
N HIS B 452 -23.11 -10.35 -16.53
CA HIS B 452 -24.26 -10.29 -17.43
C HIS B 452 -24.13 -11.29 -18.57
N CYS B 453 -22.97 -11.93 -18.67
CA CYS B 453 -22.69 -12.93 -19.69
C CYS B 453 -21.89 -14.02 -19.02
N SER B 454 -21.97 -14.00 -17.69
CA SER B 454 -21.70 -15.15 -16.86
C SER B 454 -23.06 -15.79 -16.62
N ASN B 455 -24.08 -14.93 -16.57
CA ASN B 455 -25.47 -15.34 -16.35
C ASN B 455 -26.25 -15.55 -17.65
N TYR B 456 -25.63 -15.22 -18.78
CA TYR B 456 -26.29 -15.34 -20.08
C TYR B 456 -25.53 -16.25 -21.03
N LEU B 462 -21.54 -20.80 -19.10
CA LEU B 462 -20.33 -21.61 -18.96
C LEU B 462 -20.50 -22.48 -17.72
N ARG B 463 -20.02 -23.72 -17.74
CA ARG B 463 -20.10 -24.56 -16.54
C ARG B 463 -18.72 -25.04 -16.10
N PHE B 464 -17.66 -24.44 -16.64
CA PHE B 464 -16.29 -24.80 -16.26
C PHE B 464 -15.72 -23.83 -15.25
N PRO B 465 -15.83 -24.15 -13.95
CA PRO B 465 -15.39 -23.31 -12.83
C PRO B 465 -13.97 -22.81 -13.00
N LYS B 466 -13.09 -23.64 -13.56
CA LYS B 466 -11.71 -23.25 -13.76
C LYS B 466 -11.64 -22.24 -14.89
N LEU B 467 -12.40 -22.48 -15.94
CA LEU B 467 -12.30 -21.70 -17.15
C LEU B 467 -13.01 -20.37 -17.00
N HIS B 468 -14.24 -20.45 -16.48
CA HIS B 468 -15.06 -19.29 -16.29
C HIS B 468 -14.35 -18.31 -15.34
N ASP B 469 -13.81 -18.84 -14.25
CA ASP B 469 -13.10 -18.01 -13.28
C ASP B 469 -11.85 -17.37 -13.87
N ALA B 470 -11.10 -18.15 -14.65
CA ALA B 470 -9.89 -17.63 -15.29
C ALA B 470 -10.19 -16.48 -16.26
N ILE B 471 -11.19 -16.65 -17.11
CA ILE B 471 -11.56 -15.64 -18.09
C ILE B 471 -11.99 -14.32 -17.44
N VAL B 472 -12.77 -14.44 -16.36
CA VAL B 472 -13.28 -13.29 -15.61
C VAL B 472 -12.13 -12.46 -15.03
N GLU B 473 -11.16 -13.14 -14.45
CA GLU B 473 -10.00 -12.51 -13.82
C GLU B 473 -9.23 -11.77 -14.91
N VAL B 474 -9.18 -12.39 -16.08
CA VAL B 474 -8.45 -11.91 -17.27
C VAL B 474 -9.12 -10.64 -17.76
N VAL B 475 -10.44 -10.58 -17.68
CA VAL B 475 -11.16 -9.40 -18.16
C VAL B 475 -11.12 -8.38 -17.03
N THR B 476 -11.61 -8.73 -15.84
CA THR B 476 -11.63 -7.78 -14.71
C THR B 476 -10.28 -7.07 -14.56
N CYS B 477 -9.20 -7.81 -14.80
CA CYS B 477 -7.84 -7.28 -14.69
C CYS B 477 -7.48 -6.41 -15.89
N LEU B 478 -7.96 -6.79 -17.07
CA LEU B 478 -7.66 -6.04 -18.30
C LEU B 478 -8.03 -4.57 -18.14
N LEU B 479 -9.21 -4.33 -17.57
CA LEU B 479 -9.70 -2.98 -17.33
C LEU B 479 -8.83 -2.16 -16.38
N ARG B 480 -8.33 -2.78 -15.32
CA ARG B 480 -7.45 -2.15 -14.34
C ARG B 480 -6.16 -1.62 -14.97
N LYS B 481 -5.71 -2.33 -16.00
CA LYS B 481 -4.51 -1.97 -16.76
C LYS B 481 -4.82 -0.74 -17.58
N ARG B 482 -6.07 -0.63 -18.03
CA ARG B 482 -6.49 0.48 -18.88
C ARG B 482 -6.94 1.71 -18.09
N LEU B 483 -7.44 1.50 -16.87
CA LEU B 483 -7.83 2.60 -15.98
C LEU B 483 -6.78 3.70 -15.69
N PRO B 484 -5.47 3.40 -15.75
CA PRO B 484 -4.53 4.51 -15.56
C PRO B 484 -4.46 5.40 -16.78
N VAL B 485 -4.25 4.80 -17.94
CA VAL B 485 -4.14 5.50 -19.21
C VAL B 485 -5.32 6.46 -19.43
N THR B 486 -6.53 5.93 -19.41
CA THR B 486 -7.73 6.74 -19.64
C THR B 486 -7.80 7.89 -18.64
N ASN B 487 -7.64 7.58 -17.35
CA ASN B 487 -7.66 8.61 -16.31
C ASN B 487 -6.66 9.74 -16.55
N GLU B 488 -5.54 9.43 -17.18
CA GLU B 488 -4.57 10.48 -17.48
C GLU B 488 -5.00 11.42 -18.60
N MET B 489 -5.58 10.89 -19.67
CA MET B 489 -6.05 11.76 -20.75
C MET B 489 -7.15 12.65 -20.21
N VAL B 490 -7.89 12.12 -19.24
CA VAL B 490 -8.98 12.85 -18.62
C VAL B 490 -8.36 14.02 -17.87
N HIS B 491 -7.34 13.73 -17.08
CA HIS B 491 -6.64 14.76 -16.32
C HIS B 491 -6.15 15.86 -17.26
N ASN B 492 -5.50 15.46 -18.36
CA ASN B 492 -5.00 16.39 -19.37
C ASN B 492 -6.09 17.32 -19.88
N LEU B 493 -7.16 16.73 -20.41
CA LEU B 493 -8.29 17.48 -20.96
C LEU B 493 -8.74 18.60 -20.04
N VAL B 494 -8.80 18.36 -18.75
CA VAL B 494 -9.19 19.46 -17.90
C VAL B 494 -8.00 20.42 -17.86
N ALA B 495 -6.83 19.90 -17.49
CA ALA B 495 -5.59 20.68 -17.44
C ALA B 495 -5.18 21.50 -18.67
N ILE B 496 -5.56 21.08 -19.87
CA ILE B 496 -5.25 21.88 -21.07
C ILE B 496 -5.96 23.23 -20.88
N GLU B 497 -7.20 23.21 -20.40
CA GLU B 497 -7.96 24.44 -20.20
C GLU B 497 -7.23 25.40 -19.25
N LEU B 498 -6.80 24.90 -18.10
CA LEU B 498 -6.06 25.73 -17.14
C LEU B 498 -4.72 26.24 -17.68
N ALA B 499 -4.43 25.97 -18.95
CA ALA B 499 -3.14 26.35 -19.51
C ALA B 499 -3.19 27.56 -20.46
N TYR B 500 -4.30 27.76 -21.18
CA TYR B 500 -4.32 28.86 -22.16
C TYR B 500 -5.42 29.91 -22.06
N ILE B 501 -6.65 29.51 -21.76
CA ILE B 501 -7.78 30.45 -21.57
C ILE B 501 -7.89 31.50 -22.69
N ASN B 502 -8.13 31.05 -23.91
CA ASN B 502 -8.24 32.00 -25.02
C ASN B 502 -9.46 32.91 -24.90
N THR B 503 -9.31 34.13 -25.40
CA THR B 503 -10.40 35.10 -25.40
C THR B 503 -10.82 35.36 -26.83
N LYS B 504 -10.11 34.73 -27.77
CA LYS B 504 -10.43 34.84 -29.18
C LYS B 504 -11.39 33.73 -29.59
N HIS B 505 -11.94 33.04 -28.60
CA HIS B 505 -12.93 32.01 -28.84
C HIS B 505 -14.17 32.68 -29.42
N PRO B 506 -14.80 32.03 -30.42
CA PRO B 506 -15.97 32.60 -31.10
C PRO B 506 -17.16 32.91 -30.19
N ASP B 507 -17.36 32.09 -29.16
CA ASP B 507 -18.50 32.25 -28.25
C ASP B 507 -18.25 33.27 -27.14
N PHE B 508 -17.24 34.13 -27.30
CA PHE B 508 -16.90 35.06 -26.23
C PHE B 508 -17.36 36.50 -26.44
N ALA B 509 -17.78 37.13 -25.35
CA ALA B 509 -18.18 38.54 -25.35
C ALA B 509 -17.19 39.35 -24.51
N ASP B 510 -16.96 40.58 -24.93
CA ASP B 510 -15.96 41.45 -24.29
C ASP B 510 -16.57 42.76 -23.76
N ALA B 511 -15.92 43.54 -22.88
CA ALA B 511 -14.52 43.47 -22.37
C ALA B 511 -13.44 43.74 -23.42
N ARG B 523 -19.40 47.88 -10.82
CA ARG B 523 -18.58 48.50 -11.83
C ARG B 523 -17.48 47.56 -12.33
N ASP B 524 -16.35 47.54 -11.64
CA ASP B 524 -15.21 46.71 -12.01
C ASP B 524 -15.45 45.21 -11.80
N CYS B 525 -15.71 44.80 -10.56
CA CYS B 525 -15.95 43.38 -10.32
C CYS B 525 -17.26 42.91 -10.94
N GLU B 526 -18.14 43.87 -11.21
CA GLU B 526 -19.43 43.60 -11.83
C GLU B 526 -19.26 42.77 -13.10
N VAL B 527 -18.39 43.28 -13.97
CA VAL B 527 -18.10 42.64 -15.25
C VAL B 527 -17.23 41.40 -15.09
N ILE B 528 -16.16 41.46 -14.28
CA ILE B 528 -15.29 40.31 -14.08
C ILE B 528 -16.17 39.09 -13.78
N GLU B 529 -17.13 39.30 -12.89
CA GLU B 529 -18.11 38.29 -12.50
C GLU B 529 -18.78 37.68 -13.74
N ARG B 530 -19.20 38.57 -14.64
CA ARG B 530 -19.87 38.21 -15.89
C ARG B 530 -18.95 37.47 -16.84
N LEU B 531 -17.69 37.88 -16.83
CA LEU B 531 -16.68 37.29 -17.68
C LEU B 531 -16.54 35.82 -17.29
N ILE B 532 -16.13 35.59 -16.05
CA ILE B 532 -15.91 34.23 -15.52
C ILE B 532 -17.04 33.24 -15.79
N LYS B 533 -18.29 33.66 -15.54
CA LYS B 533 -19.43 32.78 -15.76
C LYS B 533 -19.43 32.39 -17.24
N SER B 534 -19.30 33.41 -18.09
CA SER B 534 -19.32 33.27 -19.54
C SER B 534 -18.29 32.24 -20.02
N TYR B 535 -17.02 32.46 -19.70
CA TYR B 535 -15.96 31.57 -20.17
C TYR B 535 -16.09 30.15 -19.61
N PHE B 536 -16.23 30.04 -18.29
CA PHE B 536 -16.39 28.73 -17.64
C PHE B 536 -17.51 27.92 -18.28
N LEU B 537 -18.57 28.60 -18.68
CA LEU B 537 -19.72 27.97 -19.31
C LEU B 537 -19.27 27.23 -20.58
N ILE B 538 -18.47 27.86 -21.41
CA ILE B 538 -18.06 27.23 -22.67
C ILE B 538 -17.07 26.11 -22.34
N VAL B 539 -16.15 26.36 -21.40
CA VAL B 539 -15.11 25.38 -21.04
C VAL B 539 -15.76 24.11 -20.47
N ARG B 540 -16.89 24.28 -19.81
CA ARG B 540 -17.63 23.15 -19.25
C ARG B 540 -18.22 22.37 -20.42
N LYS B 541 -18.88 23.07 -21.32
CA LYS B 541 -19.46 22.49 -22.53
C LYS B 541 -18.43 21.62 -23.25
N ASN B 542 -17.18 22.07 -23.22
CA ASN B 542 -16.04 21.37 -23.83
C ASN B 542 -15.90 20.02 -23.15
N ILE B 543 -15.53 20.08 -21.87
CA ILE B 543 -15.26 18.91 -21.05
C ILE B 543 -16.42 17.91 -21.12
N GLN B 544 -17.65 18.42 -20.92
CA GLN B 544 -18.86 17.61 -20.96
C GLN B 544 -19.06 16.79 -22.24
N ASP B 545 -18.30 17.11 -23.28
CA ASP B 545 -18.39 16.38 -24.55
C ASP B 545 -17.12 15.55 -24.73
N SER B 546 -15.97 16.13 -24.39
CA SER B 546 -14.68 15.48 -24.62
C SER B 546 -14.36 14.29 -23.70
N VAL B 547 -14.73 14.36 -22.42
CA VAL B 547 -14.49 13.25 -21.49
C VAL B 547 -15.19 11.94 -21.89
N PRO B 548 -16.51 11.97 -22.17
CA PRO B 548 -17.15 10.73 -22.60
C PRO B 548 -16.43 10.14 -23.82
N LYS B 549 -16.15 11.01 -24.78
CA LYS B 549 -15.44 10.65 -25.99
C LYS B 549 -14.12 9.99 -25.58
N ALA B 550 -13.42 10.66 -24.65
CA ALA B 550 -12.14 10.19 -24.12
C ALA B 550 -12.28 8.74 -23.66
N VAL B 551 -13.14 8.50 -22.66
CA VAL B 551 -13.33 7.17 -22.10
C VAL B 551 -13.48 6.15 -23.22
N MET B 552 -14.39 6.43 -24.16
CA MET B 552 -14.60 5.53 -25.29
C MET B 552 -13.36 5.15 -26.07
N HIS B 553 -12.40 6.04 -26.17
CA HIS B 553 -11.18 5.73 -26.89
C HIS B 553 -10.27 4.79 -26.10
N PHE B 554 -9.96 5.18 -24.87
CA PHE B 554 -8.92 4.52 -24.10
C PHE B 554 -9.39 3.32 -23.29
N LEU B 555 -10.66 3.30 -22.90
CA LEU B 555 -11.15 2.21 -22.07
C LEU B 555 -12.13 1.33 -22.82
N VAL B 556 -13.26 1.88 -23.24
CA VAL B 556 -14.27 1.07 -23.91
C VAL B 556 -13.78 0.47 -25.23
N ASN B 557 -13.35 1.30 -26.17
CA ASN B 557 -13.05 0.81 -27.52
C ASN B 557 -11.76 -0.02 -27.59
N HIS B 558 -10.80 0.40 -26.78
CA HIS B 558 -9.53 -0.29 -26.58
C HIS B 558 -9.80 -1.73 -26.18
N VAL B 559 -10.69 -1.89 -25.20
CA VAL B 559 -11.03 -3.20 -24.64
C VAL B 559 -11.74 -4.00 -25.73
N LYS B 560 -12.73 -3.45 -26.41
CA LYS B 560 -13.45 -4.22 -27.42
C LYS B 560 -12.43 -4.87 -28.38
N ASP B 561 -11.52 -4.09 -28.95
CA ASP B 561 -10.50 -4.63 -29.86
C ASP B 561 -9.62 -5.73 -29.19
N THR B 562 -8.99 -5.38 -28.07
CA THR B 562 -8.08 -6.21 -27.24
C THR B 562 -8.56 -7.62 -26.81
N LEU B 563 -9.65 -7.65 -26.05
CA LEU B 563 -10.30 -8.82 -25.41
C LEU B 563 -10.61 -9.99 -26.35
N GLN B 564 -10.81 -9.65 -27.59
CA GLN B 564 -11.13 -10.49 -28.73
C GLN B 564 -9.95 -11.47 -28.88
N SER B 565 -8.74 -10.98 -28.60
CA SER B 565 -7.49 -11.72 -28.79
C SER B 565 -6.65 -11.85 -27.53
N GLU B 566 -6.61 -10.89 -26.60
CA GLU B 566 -5.73 -11.15 -25.45
C GLU B 566 -6.37 -12.27 -24.61
N LEU B 567 -7.65 -12.55 -24.84
CA LEU B 567 -8.28 -13.63 -24.09
C LEU B 567 -7.67 -14.91 -24.62
N VAL B 568 -7.72 -15.07 -25.94
CA VAL B 568 -7.23 -16.30 -26.53
C VAL B 568 -5.75 -16.41 -26.22
N GLY B 569 -4.97 -15.34 -26.41
CA GLY B 569 -3.59 -15.52 -26.08
C GLY B 569 -3.17 -15.92 -24.69
N GLN B 570 -3.69 -15.32 -23.60
CA GLN B 570 -3.26 -15.86 -22.31
C GLN B 570 -3.75 -17.29 -21.99
N LEU B 571 -5.07 -17.51 -22.28
CA LEU B 571 -5.79 -18.82 -22.15
C LEU B 571 -5.48 -19.98 -23.04
N TYR B 572 -5.40 -19.72 -24.35
CA TYR B 572 -5.07 -20.71 -25.34
C TYR B 572 -3.63 -21.28 -25.18
N LYS B 573 -3.31 -21.93 -24.10
CA LYS B 573 -2.00 -22.54 -24.01
C LYS B 573 -2.20 -23.97 -23.56
N SER B 574 -1.63 -24.92 -24.32
CA SER B 574 -1.96 -26.33 -24.15
C SER B 574 -1.73 -26.87 -22.74
N SER B 575 -0.71 -26.34 -22.08
CA SER B 575 -0.42 -26.73 -20.70
C SER B 575 -1.64 -26.55 -19.80
N LEU B 576 -2.32 -25.42 -19.93
CA LEU B 576 -3.44 -25.09 -19.05
C LEU B 576 -4.79 -25.64 -19.49
N LEU B 577 -4.80 -26.32 -20.63
CA LEU B 577 -6.04 -26.87 -21.19
C LEU B 577 -6.70 -27.90 -20.28
N ASP B 578 -5.91 -28.78 -19.67
CA ASP B 578 -6.46 -29.83 -18.82
C ASP B 578 -7.23 -29.19 -17.67
N ASP B 579 -6.71 -28.06 -17.21
CA ASP B 579 -7.29 -27.34 -16.08
C ASP B 579 -8.62 -26.73 -16.47
N LEU B 580 -8.64 -26.01 -17.59
CA LEU B 580 -9.81 -25.25 -18.01
C LEU B 580 -11.00 -26.13 -18.37
N LEU B 581 -10.76 -27.25 -19.04
CA LEU B 581 -11.85 -28.13 -19.48
C LEU B 581 -12.35 -29.11 -18.42
N THR B 582 -11.96 -28.89 -17.16
CA THR B 582 -12.44 -29.73 -16.07
C THR B 582 -13.94 -29.57 -15.86
N ASP B 586 -19.08 -32.46 -10.22
CA ASP B 586 -19.53 -31.54 -11.26
C ASP B 586 -20.87 -32.04 -11.82
N MET B 587 -21.60 -31.17 -12.52
CA MET B 587 -22.91 -31.57 -13.05
C MET B 587 -22.82 -32.17 -14.44
N ALA B 588 -21.79 -33.00 -14.64
CA ALA B 588 -21.63 -33.80 -15.83
C ALA B 588 -22.55 -35.01 -15.71
N GLN B 589 -23.04 -35.22 -14.49
CA GLN B 589 -23.95 -36.31 -14.16
C GLN B 589 -25.35 -36.04 -14.68
N ARG B 590 -25.73 -34.77 -14.75
CA ARG B 590 -27.03 -34.39 -15.30
C ARG B 590 -27.07 -34.86 -16.75
N ARG B 591 -25.94 -34.69 -17.43
CA ARG B 591 -25.76 -35.13 -18.80
C ARG B 591 -25.68 -36.66 -18.87
N LYS B 592 -25.22 -37.26 -17.78
CA LYS B 592 -25.04 -38.70 -17.72
C LYS B 592 -26.41 -39.32 -17.52
N GLU B 593 -27.25 -38.65 -16.74
CA GLU B 593 -28.62 -39.07 -16.55
C GLU B 593 -29.42 -38.99 -17.84
N ALA B 594 -29.00 -38.08 -18.72
CA ALA B 594 -29.72 -37.80 -19.95
C ALA B 594 -29.20 -38.68 -21.06
N ALA B 595 -27.89 -38.90 -21.05
CA ALA B 595 -27.26 -39.77 -22.03
C ALA B 595 -27.82 -41.19 -21.89
N ASP B 596 -28.04 -41.62 -20.65
CA ASP B 596 -28.59 -42.95 -20.39
C ASP B 596 -30.06 -43.05 -20.81
N MET B 597 -30.85 -42.04 -20.47
CA MET B 597 -32.26 -42.02 -20.83
C MET B 597 -32.48 -41.94 -22.34
N LEU B 598 -31.72 -41.06 -22.99
CA LEU B 598 -31.79 -40.85 -24.43
C LEU B 598 -31.54 -42.18 -25.12
N LYS B 599 -30.48 -42.85 -24.69
CA LYS B 599 -30.07 -44.13 -25.26
C LYS B 599 -31.14 -45.20 -25.02
N ALA B 600 -31.71 -45.22 -23.82
CA ALA B 600 -32.74 -46.21 -23.52
C ALA B 600 -33.96 -46.04 -24.45
N LEU B 601 -34.35 -44.79 -24.70
CA LEU B 601 -35.47 -44.47 -25.58
C LEU B 601 -35.27 -44.87 -27.05
N GLN B 602 -34.13 -44.50 -27.62
CA GLN B 602 -33.83 -44.83 -29.02
C GLN B 602 -33.89 -46.35 -29.17
N GLY B 603 -33.26 -47.07 -28.27
CA GLY B 603 -33.27 -48.53 -28.30
C GLY B 603 -34.70 -49.02 -28.18
N ALA B 604 -35.46 -48.41 -27.27
CA ALA B 604 -36.85 -48.78 -27.07
C ALA B 604 -37.68 -48.57 -28.34
N SER B 605 -37.51 -47.42 -28.99
CA SER B 605 -38.24 -47.11 -30.22
C SER B 605 -37.90 -48.11 -31.33
N GLN B 606 -36.67 -48.60 -31.28
CA GLN B 606 -36.16 -49.58 -32.23
C GLN B 606 -36.94 -50.88 -32.12
N ILE B 607 -37.28 -51.23 -30.89
CA ILE B 607 -38.01 -52.45 -30.56
C ILE B 607 -39.50 -52.43 -30.95
N ILE B 608 -40.16 -51.29 -30.83
CA ILE B 608 -41.58 -51.23 -31.14
C ILE B 608 -41.79 -51.38 -32.65
N ALA B 609 -40.74 -51.10 -33.42
CA ALA B 609 -40.81 -51.32 -34.86
C ALA B 609 -40.73 -52.83 -35.04
N GLU B 610 -41.56 -53.36 -35.93
CA GLU B 610 -41.59 -54.80 -36.26
C GLU B 610 -41.85 -55.66 -35.03
N MET C 8 61.40 55.56 5.86
CA MET C 8 61.37 54.55 4.81
C MET C 8 61.97 53.25 5.32
N GLU C 9 62.79 53.36 6.36
CA GLU C 9 63.31 52.20 7.10
C GLU C 9 62.16 51.29 7.53
N ALA C 10 61.10 51.96 7.96
CA ALA C 10 59.83 51.44 8.48
C ALA C 10 59.06 50.47 7.57
N LEU C 11 59.12 50.69 6.26
CA LEU C 11 58.35 49.86 5.31
C LEU C 11 58.71 48.39 5.12
N ILE C 12 59.98 48.02 5.13
CA ILE C 12 60.32 46.60 4.96
C ILE C 12 59.96 45.76 6.21
N PRO C 13 60.13 46.31 7.43
CA PRO C 13 59.75 45.53 8.61
C PRO C 13 58.24 45.26 8.68
N VAL C 14 57.49 46.30 8.32
CA VAL C 14 56.04 46.29 8.31
C VAL C 14 55.51 45.33 7.24
N ILE C 15 56.19 45.29 6.10
CA ILE C 15 55.82 44.39 5.02
C ILE C 15 56.00 42.97 5.58
N ASN C 16 57.12 42.72 6.25
CA ASN C 16 57.39 41.41 6.83
C ASN C 16 56.30 41.01 7.83
N LYS C 17 55.89 41.96 8.68
CA LYS C 17 54.83 41.72 9.66
C LYS C 17 53.57 41.32 8.89
N LEU C 18 53.35 42.02 7.80
CA LEU C 18 52.23 41.86 6.87
C LEU C 18 52.17 40.46 6.25
N GLN C 19 53.34 39.90 5.94
CA GLN C 19 53.42 38.58 5.32
C GLN C 19 53.18 37.44 6.30
N ASP C 20 53.69 37.55 7.52
CA ASP C 20 53.49 36.50 8.51
C ASP C 20 51.98 36.32 8.76
N VAL C 21 51.29 37.46 8.76
CA VAL C 21 49.85 37.58 9.00
C VAL C 21 48.98 36.79 8.00
N PHE C 22 49.47 36.56 6.79
CA PHE C 22 48.67 35.84 5.79
C PHE C 22 49.18 34.47 5.31
N ASN C 23 50.13 33.86 6.03
CA ASN C 23 50.56 32.50 5.68
C ASN C 23 49.61 31.47 6.27
N THR C 24 49.04 31.77 7.43
CA THR C 24 48.08 30.89 8.10
C THR C 24 46.81 30.89 7.24
N VAL C 25 46.65 31.98 6.51
CA VAL C 25 45.54 32.21 5.60
C VAL C 25 45.87 31.62 4.22
N GLY C 26 47.17 31.42 4.04
CA GLY C 26 47.82 30.85 2.87
C GLY C 26 47.69 31.50 1.50
N ALA C 27 46.62 32.24 1.30
CA ALA C 27 46.38 32.89 0.02
C ALA C 27 47.18 34.20 -0.16
N ASP C 28 47.43 34.59 -1.40
CA ASP C 28 47.93 35.95 -1.60
C ASP C 28 46.93 36.59 -2.54
N ILE C 29 45.70 36.76 -2.04
CA ILE C 29 44.63 37.39 -2.80
C ILE C 29 44.94 38.88 -2.89
N ILE C 30 45.64 39.39 -1.88
CA ILE C 30 46.05 40.78 -1.88
C ILE C 30 47.38 40.83 -2.61
N GLN C 31 47.71 42.00 -3.14
CA GLN C 31 48.93 42.17 -3.91
C GLN C 31 50.11 42.70 -3.09
N LEU C 32 50.76 41.81 -2.35
CA LEU C 32 51.87 42.23 -1.48
C LEU C 32 53.10 42.62 -2.27
N PRO C 33 53.80 43.66 -1.80
CA PRO C 33 55.07 44.11 -2.35
C PRO C 33 56.21 43.22 -1.87
N GLN C 34 56.82 42.48 -2.79
CA GLN C 34 57.93 41.61 -2.41
C GLN C 34 58.70 41.16 -3.63
N ILE C 35 59.80 40.46 -3.39
CA ILE C 35 60.63 39.95 -4.48
C ILE C 35 60.62 38.43 -4.44
N VAL C 36 60.31 37.80 -5.57
CA VAL C 36 60.34 36.35 -5.62
C VAL C 36 61.57 35.92 -6.42
N VAL C 37 62.29 34.94 -5.90
CA VAL C 37 63.49 34.46 -6.58
C VAL C 37 63.19 33.22 -7.39
N VAL C 38 63.39 33.29 -8.70
CA VAL C 38 63.04 32.16 -9.56
C VAL C 38 64.31 31.72 -10.26
N GLY C 39 64.58 30.42 -10.21
CA GLY C 39 65.75 29.86 -10.88
C GLY C 39 65.65 28.35 -11.02
N THR C 40 66.40 27.80 -11.98
CA THR C 40 66.55 26.36 -12.06
C THR C 40 67.47 25.88 -10.93
N GLN C 41 67.32 24.64 -10.51
CA GLN C 41 68.15 24.06 -9.45
C GLN C 41 69.64 24.17 -9.76
N SER C 42 69.98 24.20 -11.05
CA SER C 42 71.38 24.26 -11.46
C SER C 42 71.86 25.69 -11.62
N SER C 43 70.98 26.66 -11.40
CA SER C 43 71.31 28.07 -11.57
C SER C 43 72.16 28.59 -10.42
N GLY C 44 72.16 27.85 -9.32
CA GLY C 44 72.92 28.23 -8.14
C GLY C 44 72.23 29.33 -7.34
N LYS C 45 70.91 29.35 -7.38
CA LYS C 45 70.14 30.36 -6.66
C LYS C 45 70.26 30.22 -5.15
N SER C 46 70.52 29.00 -4.69
CA SER C 46 70.72 28.75 -3.28
C SER C 46 71.95 29.48 -2.78
N SER C 47 73.00 29.47 -3.61
CA SER C 47 74.25 30.13 -3.26
C SER C 47 74.07 31.64 -3.11
N VAL C 48 73.23 32.20 -3.96
CA VAL C 48 72.90 33.63 -3.96
C VAL C 48 72.30 34.06 -2.63
N LEU C 49 71.33 33.27 -2.16
CA LEU C 49 70.66 33.56 -0.91
C LEU C 49 71.65 33.40 0.24
N GLU C 50 72.46 32.36 0.18
CA GLU C 50 73.43 32.13 1.23
C GLU C 50 74.52 33.21 1.27
N SER C 51 74.79 33.83 0.12
CA SER C 51 75.78 34.90 0.10
C SER C 51 75.26 36.23 0.62
N LEU C 52 73.94 36.39 0.62
CA LEU C 52 73.32 37.59 1.17
C LEU C 52 73.40 37.54 2.69
N VAL C 53 72.95 36.42 3.25
CA VAL C 53 72.94 36.22 4.70
C VAL C 53 74.36 36.11 5.27
N GLY C 54 75.26 35.50 4.50
CA GLY C 54 76.64 35.32 4.93
C GLY C 54 76.89 34.05 5.72
N ARG C 55 75.98 33.09 5.63
CA ARG C 55 76.12 31.79 6.32
C ARG C 55 75.47 30.67 5.51
N ASP C 56 75.97 29.45 5.67
CA ASP C 56 75.35 28.29 5.04
C ASP C 56 74.14 27.82 5.83
N LEU C 57 72.93 28.20 5.42
CA LEU C 57 71.75 27.77 6.16
C LEU C 57 70.64 27.12 5.31
N LEU C 58 70.81 27.10 4.00
CA LEU C 58 69.85 26.39 3.19
C LEU C 58 70.48 25.02 3.04
N PRO C 59 69.65 23.97 3.08
CA PRO C 59 70.12 22.57 3.02
C PRO C 59 70.75 22.26 1.67
N ARG C 60 71.78 21.42 1.65
CA ARG C 60 72.41 21.08 0.37
C ARG C 60 72.16 19.65 -0.07
N GLY C 61 72.65 18.68 0.71
CA GLY C 61 72.55 17.28 0.34
C GLY C 61 71.18 16.86 -0.13
N THR C 62 71.16 16.08 -1.20
CA THR C 62 69.91 15.65 -1.81
C THR C 62 69.04 14.84 -0.83
N VAL C 65 64.04 17.38 -2.45
CA VAL C 65 64.67 18.62 -2.00
C VAL C 65 63.65 19.52 -1.30
N THR C 66 63.55 20.77 -1.70
CA THR C 66 62.62 21.69 -1.03
C THR C 66 61.37 21.90 -1.88
N ARG C 67 60.21 21.68 -1.26
CA ARG C 67 58.94 21.68 -1.97
C ARG C 67 57.93 22.78 -1.57
N ARG C 68 58.30 23.63 -0.62
CA ARG C 68 57.41 24.72 -0.22
C ARG C 68 58.23 26.00 -0.12
N PRO C 69 57.62 27.13 -0.50
CA PRO C 69 58.27 28.45 -0.55
C PRO C 69 58.91 28.88 0.78
N LEU C 70 60.16 29.33 0.70
CA LEU C 70 60.85 29.79 1.89
C LEU C 70 61.02 31.30 1.80
N ILE C 71 60.32 32.02 2.67
CA ILE C 71 60.37 33.47 2.76
C ILE C 71 61.50 33.82 3.72
N LEU C 72 62.63 34.28 3.18
CA LEU C 72 63.80 34.54 4.01
C LEU C 72 63.90 36.04 4.27
N GLN C 73 63.65 36.40 5.53
CA GLN C 73 63.66 37.79 5.99
C GLN C 73 64.92 38.15 6.77
N LEU C 74 65.79 38.96 6.18
CA LEU C 74 67.02 39.37 6.83
C LEU C 74 66.84 40.73 7.51
N VAL C 75 67.26 40.85 8.77
CA VAL C 75 67.08 42.12 9.47
C VAL C 75 68.37 42.60 10.12
N HIS C 76 68.84 43.76 9.68
CA HIS C 76 70.07 44.37 10.17
C HIS C 76 70.02 44.67 11.67
N VAL C 77 71.05 44.29 12.40
CA VAL C 77 71.13 44.61 13.84
C VAL C 77 72.37 45.46 14.09
N SER C 78 72.39 46.13 15.24
CA SER C 78 73.54 46.94 15.66
C SER C 78 73.88 48.03 14.64
N GLU C 95 76.30 36.88 18.00
CA GLU C 95 76.18 38.04 17.13
C GLU C 95 75.09 37.80 16.07
N GLU C 96 74.94 36.55 15.67
CA GLU C 96 73.98 36.19 14.63
C GLU C 96 72.98 35.16 15.13
N TRP C 97 71.73 35.33 14.74
CA TRP C 97 70.67 34.43 15.16
C TRP C 97 69.40 34.48 14.30
N GLY C 98 68.58 33.44 14.46
CA GLY C 98 67.35 33.24 13.71
C GLY C 98 66.03 32.92 14.37
N LYS C 99 64.93 33.17 13.64
CA LYS C 99 63.60 32.84 14.15
C LYS C 99 62.64 32.43 13.04
N PHE C 100 61.86 31.39 13.33
CA PHE C 100 60.82 30.87 12.45
C PHE C 100 59.44 31.28 12.95
N LEU C 101 58.47 31.36 12.04
CA LEU C 101 57.09 31.64 12.43
C LEU C 101 56.43 30.46 13.16
N HIS C 102 56.74 29.27 12.67
CA HIS C 102 56.21 28.00 13.18
C HIS C 102 56.86 27.50 14.47
N THR C 103 58.14 27.79 14.63
CA THR C 103 58.87 27.41 15.83
C THR C 103 58.39 28.25 16.99
N LYS C 104 57.68 29.33 16.67
CA LYS C 104 57.05 30.19 17.66
C LYS C 104 58.01 30.81 18.67
N ASN C 105 58.83 31.75 18.21
CA ASN C 105 59.71 32.53 19.08
C ASN C 105 60.97 31.86 19.63
N LYS C 106 61.15 30.56 19.46
CA LYS C 106 62.37 29.94 19.98
C LYS C 106 63.51 30.61 19.24
N LEU C 107 64.54 30.99 19.97
CA LEU C 107 65.62 31.75 19.35
C LEU C 107 66.72 30.79 18.93
N TYR C 108 66.98 30.79 17.64
CA TYR C 108 67.99 29.94 17.03
C TYR C 108 69.34 30.62 16.99
N THR C 109 70.35 29.95 17.51
CA THR C 109 71.71 30.46 17.51
C THR C 109 72.65 29.56 16.70
N ASP C 110 72.15 28.38 16.34
CA ASP C 110 72.89 27.40 15.54
C ASP C 110 72.33 27.30 14.13
N PHE C 111 73.11 27.64 13.11
CA PHE C 111 72.59 27.54 11.75
C PHE C 111 72.39 26.10 11.27
N ASP C 112 73.03 25.13 11.94
CA ASP C 112 72.82 23.73 11.58
C ASP C 112 71.45 23.17 11.94
N GLU C 113 70.85 23.69 13.02
CA GLU C 113 69.53 23.22 13.39
C GLU C 113 68.54 23.87 12.43
N ILE C 114 68.87 25.08 11.99
CA ILE C 114 68.06 25.80 11.03
C ILE C 114 67.99 25.03 9.72
N ARG C 115 69.13 24.55 9.21
CA ARG C 115 69.11 23.76 7.98
C ARG C 115 68.27 22.52 8.19
N GLN C 116 68.45 21.89 9.35
CA GLN C 116 67.68 20.71 9.65
C GLN C 116 66.19 20.97 9.79
N GLU C 117 65.82 22.15 10.29
CA GLU C 117 64.40 22.47 10.46
C GLU C 117 63.63 22.80 9.18
N ILE C 118 64.26 23.49 8.24
CA ILE C 118 63.63 23.80 6.96
C ILE C 118 63.37 22.45 6.30
N GLU C 119 64.37 21.56 6.35
CA GLU C 119 64.28 20.21 5.80
C GLU C 119 63.13 19.48 6.50
N ASN C 120 63.07 19.63 7.82
CA ASN C 120 62.03 18.97 8.62
C ASN C 120 60.67 19.52 8.23
N GLU C 121 60.58 20.84 8.15
CA GLU C 121 59.34 21.51 7.78
C GLU C 121 58.82 21.16 6.39
N THR C 122 59.71 20.92 5.44
CA THR C 122 59.23 20.58 4.11
C THR C 122 58.57 19.21 4.04
N GLU C 123 59.24 18.18 4.56
CA GLU C 123 58.66 16.84 4.55
C GLU C 123 57.34 16.60 5.32
N ARG C 124 57.17 17.21 6.49
CA ARG C 124 55.92 17.04 7.24
C ARG C 124 54.65 17.34 6.43
N ILE C 125 54.68 18.42 5.64
CA ILE C 125 53.53 18.79 4.84
C ILE C 125 53.51 18.09 3.48
N GLY C 131 52.53 16.92 -3.92
CA GLY C 131 53.98 16.87 -3.88
C GLY C 131 54.57 18.14 -3.30
N VAL C 132 54.00 19.29 -3.68
CA VAL C 132 54.42 20.59 -3.18
C VAL C 132 53.22 21.22 -2.48
N SER C 133 53.46 22.24 -1.68
CA SER C 133 52.37 22.91 -0.98
C SER C 133 52.63 24.41 -0.97
N PRO C 134 51.56 25.21 -1.09
CA PRO C 134 51.65 26.67 -1.23
C PRO C 134 51.92 27.47 0.04
N GLU C 135 51.81 26.86 1.22
CA GLU C 135 52.08 27.59 2.46
C GLU C 135 53.57 27.86 2.62
N PRO C 136 53.96 29.14 2.63
CA PRO C 136 55.35 29.58 2.72
C PRO C 136 55.97 29.38 4.11
N ILE C 137 57.30 29.43 4.18
CA ILE C 137 58.02 29.27 5.43
C ILE C 137 58.69 30.59 5.78
N HIS C 138 58.49 31.07 7.00
CA HIS C 138 58.96 32.41 7.35
C HIS C 138 60.08 32.36 8.35
N LEU C 139 61.29 32.45 7.82
CA LEU C 139 62.50 32.35 8.61
C LEU C 139 63.08 33.76 8.68
N LYS C 140 63.31 34.23 9.89
CA LYS C 140 63.85 35.56 10.09
C LYS C 140 65.24 35.42 10.69
N ILE C 141 66.19 36.13 10.10
CA ILE C 141 67.57 36.08 10.57
C ILE C 141 68.03 37.46 10.96
N PHE C 142 68.58 37.55 12.16
CA PHE C 142 69.10 38.81 12.64
C PHE C 142 70.61 38.75 12.59
N SER C 143 71.23 39.77 11.99
CA SER C 143 72.67 39.80 11.81
C SER C 143 73.14 41.20 11.47
N PRO C 144 74.34 41.57 11.94
CA PRO C 144 74.93 42.87 11.61
C PRO C 144 75.63 42.82 10.26
N ASN C 145 75.83 41.61 9.73
CA ASN C 145 76.52 41.41 8.47
C ASN C 145 75.59 41.43 7.26
N VAL C 146 74.30 41.62 7.50
CA VAL C 146 73.34 41.62 6.41
C VAL C 146 72.68 42.98 6.29
N VAL C 147 72.15 43.27 5.10
CA VAL C 147 71.42 44.49 4.88
C VAL C 147 69.94 44.12 5.05
N ASN C 148 69.09 45.12 5.23
CA ASN C 148 67.66 44.86 5.36
C ASN C 148 67.07 44.49 4.01
N LEU C 149 66.58 43.27 3.91
CA LEU C 149 66.08 42.77 2.64
C LEU C 149 65.26 41.52 2.93
N THR C 150 64.21 41.33 2.14
CA THR C 150 63.36 40.15 2.25
C THR C 150 63.18 39.54 0.86
N LEU C 151 63.24 38.21 0.78
CA LEU C 151 63.09 37.52 -0.50
C LEU C 151 62.27 36.26 -0.29
N VAL C 152 61.48 35.91 -1.29
CA VAL C 152 60.69 34.70 -1.24
C VAL C 152 61.28 33.67 -2.21
N ASP C 153 61.96 32.68 -1.64
CA ASP C 153 62.59 31.64 -2.46
C ASP C 153 61.51 30.67 -2.89
N LEU C 154 61.59 30.20 -4.12
CA LEU C 154 60.62 29.23 -4.62
C LEU C 154 61.37 28.00 -5.10
N PRO C 155 60.70 26.83 -5.07
CA PRO C 155 61.31 25.57 -5.53
C PRO C 155 61.85 25.71 -6.94
N GLY C 156 63.04 25.18 -7.19
CA GLY C 156 63.64 25.32 -8.51
C GLY C 156 63.10 24.37 -9.54
N MET C 157 63.01 24.86 -10.77
CA MET C 157 62.60 24.07 -11.91
C MET C 157 63.81 23.40 -12.52
N THR C 158 63.62 22.35 -13.30
CA THR C 158 64.74 21.72 -13.97
C THR C 158 64.43 21.62 -15.46
N LYS C 159 65.47 21.61 -16.28
CA LYS C 159 65.30 21.50 -17.73
C LYS C 159 65.15 20.05 -18.14
N VAL C 160 64.21 19.80 -19.05
CA VAL C 160 64.06 18.47 -19.59
C VAL C 160 64.47 18.63 -21.05
N PRO C 161 65.73 18.27 -21.34
CA PRO C 161 66.43 18.54 -22.59
C PRO C 161 65.66 18.10 -23.82
N VAL C 162 65.48 16.79 -23.96
CA VAL C 162 64.74 16.24 -25.10
C VAL C 162 63.33 16.81 -25.16
N GLY C 163 62.60 16.70 -24.04
CA GLY C 163 61.26 17.25 -23.96
C GLY C 163 60.20 16.24 -23.52
N ASP C 164 60.53 15.45 -22.50
CA ASP C 164 59.57 14.50 -21.94
C ASP C 164 58.48 15.27 -21.22
N GLN C 165 58.85 16.44 -20.71
CA GLN C 165 57.95 17.32 -19.97
C GLN C 165 57.21 16.62 -18.82
N PRO C 166 57.97 16.01 -17.88
CA PRO C 166 57.31 15.34 -16.75
C PRO C 166 56.51 16.30 -15.85
N LYS C 167 55.23 15.89 -15.65
CA LYS C 167 54.07 16.45 -14.94
C LYS C 167 54.30 16.02 -13.43
N ASP C 168 55.20 15.03 -13.22
CA ASP C 168 55.29 14.30 -11.93
C ASP C 168 55.23 15.17 -10.67
N ILE C 169 55.89 16.29 -10.74
CA ILE C 169 56.05 17.31 -9.74
C ILE C 169 56.29 18.71 -10.17
N GLU C 170 57.22 18.80 -11.14
CA GLU C 170 57.64 20.09 -11.62
C GLU C 170 56.60 21.06 -12.15
N LEU C 171 55.56 20.64 -12.85
CA LEU C 171 54.52 21.61 -13.28
C LEU C 171 53.72 22.01 -12.10
N GLN C 172 53.56 21.13 -11.12
CA GLN C 172 52.86 21.45 -9.89
C GLN C 172 53.69 22.64 -9.39
N ILE C 173 55.01 22.50 -9.48
CA ILE C 173 55.96 23.52 -9.09
C ILE C 173 55.74 24.74 -9.98
N ARG C 174 55.66 24.55 -11.30
CA ARG C 174 55.46 25.67 -12.23
C ARG C 174 54.19 26.43 -11.84
N GLU C 175 53.11 25.72 -11.51
CA GLU C 175 51.87 26.39 -11.12
C GLU C 175 52.09 27.23 -9.88
N LEU C 176 52.86 26.69 -8.94
CA LEU C 176 53.15 27.42 -7.71
C LEU C 176 53.99 28.66 -7.97
N ILE C 177 55.05 28.52 -8.75
CA ILE C 177 55.86 29.68 -9.08
C ILE C 177 55.00 30.73 -9.76
N LEU C 178 54.15 30.30 -10.69
CA LEU C 178 53.30 31.23 -11.43
C LEU C 178 52.28 31.93 -10.54
N ARG C 179 51.80 31.22 -9.52
CA ARG C 179 50.83 31.78 -8.57
C ARG C 179 51.45 33.01 -7.89
N PHE C 180 52.74 32.93 -7.64
CA PHE C 180 53.51 34.00 -7.02
C PHE C 180 53.90 35.06 -8.04
N ILE C 181 54.53 34.62 -9.13
CA ILE C 181 55.09 35.54 -10.11
C ILE C 181 54.03 36.20 -11.00
N SER C 182 52.78 35.74 -10.90
CA SER C 182 51.68 36.41 -11.58
C SER C 182 51.26 37.67 -10.82
N ASN C 183 51.77 37.83 -9.60
CA ASN C 183 51.43 38.99 -8.77
C ASN C 183 52.00 40.28 -9.34
N PRO C 184 51.12 41.27 -9.54
CA PRO C 184 51.44 42.59 -10.11
C PRO C 184 52.49 43.39 -9.32
N ASN C 185 52.45 43.33 -8.00
CA ASN C 185 53.40 44.06 -7.16
C ASN C 185 54.68 43.29 -6.88
N SER C 186 54.83 42.14 -7.55
CA SER C 186 55.97 41.25 -7.35
C SER C 186 57.11 41.53 -8.31
N ILE C 187 58.26 41.94 -7.77
CA ILE C 187 59.44 42.16 -8.57
C ILE C 187 60.03 40.77 -8.71
N ILE C 188 60.61 40.47 -9.88
CA ILE C 188 61.12 39.15 -10.15
C ILE C 188 62.65 39.09 -10.17
N LEU C 189 63.22 38.27 -9.29
CA LEU C 189 64.66 38.10 -9.28
C LEU C 189 64.96 36.80 -10.04
N ALA C 190 65.31 36.91 -11.31
CA ALA C 190 65.56 35.75 -12.16
C ALA C 190 67.02 35.35 -12.13
N VAL C 191 67.31 34.16 -11.60
CA VAL C 191 68.69 33.69 -11.46
C VAL C 191 69.05 32.65 -12.52
N THR C 192 70.13 32.90 -13.25
CA THR C 192 70.58 31.98 -14.27
C THR C 192 72.10 31.82 -14.18
N ALA C 193 72.59 30.61 -14.44
CA ALA C 193 74.01 30.33 -14.40
C ALA C 193 74.62 30.76 -15.73
N ALA C 194 75.82 31.33 -15.65
CA ALA C 194 76.55 31.78 -16.84
C ALA C 194 77.01 30.61 -17.71
N ASN C 195 77.12 29.43 -17.09
CA ASN C 195 77.55 28.22 -17.80
C ASN C 195 76.84 27.94 -19.13
N THR C 196 75.52 28.12 -19.15
CA THR C 196 74.74 27.82 -20.34
C THR C 196 74.34 29.09 -21.07
N ASP C 197 73.54 28.93 -22.13
CA ASP C 197 73.06 30.08 -22.89
C ASP C 197 71.75 30.58 -22.27
N MET C 198 71.82 31.79 -21.75
CA MET C 198 70.72 32.47 -21.06
C MET C 198 69.49 32.75 -21.90
N ALA C 199 69.63 32.86 -23.21
CA ALA C 199 68.45 33.11 -24.03
C ALA C 199 67.50 31.92 -23.97
N THR C 200 67.99 30.73 -23.64
CA THR C 200 67.11 29.57 -23.54
C THR C 200 66.81 29.27 -22.07
N SER C 201 67.12 30.22 -21.19
CA SER C 201 66.95 30.06 -19.75
C SER C 201 65.49 29.95 -19.29
N GLU C 202 65.23 28.91 -18.50
CA GLU C 202 63.92 28.65 -17.91
C GLU C 202 63.42 29.79 -17.03
N ALA C 203 64.30 30.45 -16.29
CA ALA C 203 63.83 31.52 -15.41
C ALA C 203 63.33 32.71 -16.21
N LEU C 204 64.09 33.14 -17.21
CA LEU C 204 63.68 34.31 -17.99
C LEU C 204 62.47 33.93 -18.83
N LYS C 205 62.40 32.65 -19.21
CA LYS C 205 61.27 32.19 -20.02
C LYS C 205 59.98 32.15 -19.21
N ILE C 206 60.02 31.64 -17.98
CA ILE C 206 58.81 31.63 -17.20
C ILE C 206 58.43 33.07 -16.78
N SER C 207 59.44 33.91 -16.56
CA SER C 207 59.25 35.31 -16.20
C SER C 207 58.62 36.16 -17.31
N ARG C 208 59.03 35.88 -18.54
CA ARG C 208 58.54 36.57 -19.74
C ARG C 208 57.06 36.21 -19.97
N GLU C 209 56.64 35.05 -19.51
CA GLU C 209 55.24 34.62 -19.63
C GLU C 209 54.29 35.55 -18.90
N VAL C 210 54.68 36.06 -17.76
CA VAL C 210 53.77 36.91 -17.00
C VAL C 210 54.06 38.40 -17.18
N ASP C 211 55.30 38.75 -17.51
CA ASP C 211 55.60 40.13 -17.86
C ASP C 211 56.46 40.08 -19.13
N PRO C 212 55.80 40.20 -20.30
CA PRO C 212 56.43 40.05 -21.61
C PRO C 212 57.65 40.95 -21.70
N ASP C 213 57.47 42.21 -21.33
CA ASP C 213 58.58 43.13 -21.31
C ASP C 213 59.28 42.89 -19.96
N GLY C 214 60.52 43.32 -19.83
CA GLY C 214 61.25 43.13 -18.59
C GLY C 214 60.95 44.22 -17.56
N ARG C 215 59.69 44.61 -17.47
CA ARG C 215 59.32 45.76 -16.65
C ARG C 215 59.45 45.53 -15.15
N ARG C 216 59.42 44.27 -14.72
CA ARG C 216 59.59 43.97 -13.30
C ARG C 216 60.45 42.73 -13.04
N THR C 217 61.45 42.51 -13.88
CA THR C 217 62.32 41.35 -13.70
C THR C 217 63.78 41.80 -13.64
N LEU C 218 64.47 41.41 -12.58
CA LEU C 218 65.88 41.73 -12.44
C LEU C 218 66.65 40.42 -12.61
N ALA C 219 67.59 40.39 -13.54
CA ALA C 219 68.34 39.16 -13.78
C ALA C 219 69.62 39.09 -12.96
N VAL C 220 69.92 37.90 -12.44
CA VAL C 220 71.16 37.69 -11.70
C VAL C 220 71.89 36.52 -12.34
N ILE C 221 73.16 36.73 -12.68
CA ILE C 221 73.97 35.69 -13.31
C ILE C 221 75.07 35.19 -12.38
N THR C 222 75.01 33.91 -12.03
CA THR C 222 75.98 33.31 -11.14
C THR C 222 76.99 32.47 -11.92
N LYS C 223 77.99 31.97 -11.21
CA LYS C 223 79.00 31.08 -11.78
C LYS C 223 79.72 31.67 -12.97
N LEU C 224 79.98 32.97 -12.91
CA LEU C 224 80.67 33.67 -13.99
C LEU C 224 82.04 33.06 -14.28
N ASP C 225 82.70 32.48 -13.28
CA ASP C 225 84.02 31.90 -13.53
C ASP C 225 84.10 30.55 -14.27
N LEU C 226 82.99 29.85 -14.50
CA LEU C 226 83.10 28.59 -15.23
C LEU C 226 82.68 28.81 -16.66
N MET C 227 82.89 30.01 -17.16
CA MET C 227 82.53 30.29 -18.54
C MET C 227 83.52 29.50 -19.38
N ASP C 228 83.06 28.90 -20.48
CA ASP C 228 83.94 28.10 -21.32
C ASP C 228 85.22 28.86 -21.64
N ALA C 229 86.28 28.13 -21.94
CA ALA C 229 87.53 28.78 -22.24
C ALA C 229 87.44 29.58 -23.54
N GLY C 230 87.87 30.82 -23.45
CA GLY C 230 87.85 31.74 -24.58
C GLY C 230 86.55 32.52 -24.74
N THR C 231 85.58 32.29 -23.86
CA THR C 231 84.36 33.10 -23.85
C THR C 231 84.24 33.84 -22.52
N ASP C 232 83.31 34.77 -22.46
CA ASP C 232 83.07 35.55 -21.26
C ASP C 232 81.63 36.05 -21.29
N ALA C 233 81.17 36.58 -20.17
CA ALA C 233 79.80 37.06 -20.07
C ALA C 233 79.82 38.56 -20.28
N MET C 234 80.91 39.03 -20.87
CA MET C 234 81.07 40.44 -21.18
C MET C 234 79.90 41.00 -21.97
N ASP C 235 79.44 40.26 -22.97
CA ASP C 235 78.35 40.73 -23.80
C ASP C 235 77.04 40.92 -23.03
N VAL C 236 76.80 40.02 -22.07
CA VAL C 236 75.59 40.10 -21.24
C VAL C 236 75.49 41.13 -20.10
N LEU C 237 76.53 41.30 -19.28
CA LEU C 237 76.45 42.26 -18.17
C LEU C 237 76.26 43.67 -18.66
N MET C 238 76.65 43.92 -19.90
CA MET C 238 76.47 45.23 -20.51
C MET C 238 75.03 45.40 -20.97
N GLY C 239 74.21 44.37 -20.77
CA GLY C 239 72.79 44.42 -21.04
C GLY C 239 72.30 43.82 -22.35
N ARG C 240 73.18 43.09 -23.03
CA ARG C 240 72.83 42.45 -24.29
C ARG C 240 73.06 40.94 -24.22
N VAL C 241 72.04 40.14 -24.51
CA VAL C 241 70.75 40.62 -24.99
C VAL C 241 69.57 40.35 -24.06
N ILE C 242 69.81 39.92 -22.83
CA ILE C 242 68.70 39.59 -21.93
C ILE C 242 67.83 40.84 -21.74
N PRO C 243 66.57 40.74 -22.19
CA PRO C 243 65.55 41.80 -22.32
C PRO C 243 64.94 42.37 -21.04
N VAL C 244 65.43 42.00 -19.87
CA VAL C 244 64.88 42.55 -18.63
C VAL C 244 65.32 44.02 -18.46
N LYS C 245 64.46 44.83 -17.82
CA LYS C 245 64.70 46.28 -17.73
C LYS C 245 65.40 46.78 -16.46
N LEU C 246 65.14 46.16 -15.31
CA LEU C 246 65.82 46.48 -14.04
C LEU C 246 67.29 46.09 -14.10
N GLY C 247 67.73 45.61 -15.26
CA GLY C 247 69.11 45.25 -15.46
C GLY C 247 69.60 43.95 -14.90
N ILE C 248 70.91 43.76 -15.05
CA ILE C 248 71.60 42.55 -14.63
C ILE C 248 72.76 42.80 -13.68
N ILE C 249 72.98 41.82 -12.80
CA ILE C 249 74.09 41.88 -11.88
C ILE C 249 74.81 40.54 -11.96
N GLY C 250 76.13 40.61 -12.11
CA GLY C 250 76.94 39.41 -12.15
C GLY C 250 77.52 39.06 -10.80
N VAL C 251 77.58 37.78 -10.49
CA VAL C 251 78.18 37.32 -9.25
C VAL C 251 78.91 35.99 -9.44
N VAL C 252 79.80 35.69 -8.50
CA VAL C 252 80.39 34.36 -8.37
C VAL C 252 80.31 34.00 -6.89
N ASN C 253 79.69 32.88 -6.60
CA ASN C 253 79.49 32.46 -5.23
C ASN C 253 80.48 31.38 -4.88
N ARG C 254 80.35 30.81 -3.68
CA ARG C 254 81.24 29.74 -3.27
C ARG C 254 80.91 28.48 -4.06
N SER C 255 81.95 27.88 -4.63
CA SER C 255 81.81 26.66 -5.40
C SER C 255 82.15 25.43 -4.56
N GLN C 256 81.40 24.35 -4.78
CA GLN C 256 81.61 23.11 -4.05
C GLN C 256 82.97 22.52 -4.40
N LYS C 262 86.76 24.79 3.91
CA LYS C 262 86.03 25.86 4.57
C LYS C 262 86.51 27.24 4.11
N LYS C 263 85.95 27.72 3.00
CA LYS C 263 86.25 29.05 2.47
C LYS C 263 85.44 30.09 3.23
N SER C 264 86.13 31.05 3.86
CA SER C 264 85.46 32.09 4.65
C SER C 264 84.37 32.75 3.83
N VAL C 265 83.23 33.02 4.47
CA VAL C 265 82.13 33.65 3.75
C VAL C 265 82.54 35.06 3.27
N THR C 266 83.29 35.74 4.13
CA THR C 266 83.81 37.09 3.90
C THR C 266 84.78 37.17 2.72
N ASP C 267 85.64 36.15 2.61
CA ASP C 267 86.64 36.01 1.56
C ASP C 267 86.12 35.75 0.16
N SER C 268 85.07 34.93 0.05
CA SER C 268 84.51 34.65 -1.27
C SER C 268 84.01 35.91 -1.96
N ILE C 269 83.35 36.80 -1.22
CA ILE C 269 82.84 38.02 -1.85
C ILE C 269 84.05 38.91 -2.18
N ARG C 270 85.11 38.77 -1.39
CA ARG C 270 86.34 39.52 -1.60
C ARG C 270 87.08 38.96 -2.81
N ASP C 271 87.10 37.62 -2.89
CA ASP C 271 87.70 36.88 -3.98
C ASP C 271 86.99 37.23 -5.27
N GLU C 272 85.68 37.41 -5.16
CA GLU C 272 84.81 37.73 -6.28
C GLU C 272 85.04 39.11 -6.86
N TYR C 273 85.31 40.09 -6.00
CA TYR C 273 85.54 41.45 -6.47
C TYR C 273 86.82 41.43 -7.32
N ALA C 274 87.85 40.74 -6.83
CA ALA C 274 89.13 40.60 -7.52
C ALA C 274 88.89 39.96 -8.89
N PHE C 275 88.03 38.95 -8.92
CA PHE C 275 87.67 38.22 -10.13
C PHE C 275 87.13 39.24 -11.13
N LEU C 276 86.23 40.07 -10.63
CA LEU C 276 85.53 41.10 -11.37
C LEU C 276 86.50 42.20 -11.77
N GLN C 277 87.45 42.51 -10.89
CA GLN C 277 88.46 43.53 -11.20
C GLN C 277 89.38 43.13 -12.36
N LYS C 278 89.62 41.84 -12.56
CA LYS C 278 90.52 41.43 -13.64
C LYS C 278 89.72 41.07 -14.89
N LYS C 279 88.83 40.08 -14.78
CA LYS C 279 87.91 39.80 -15.87
C LYS C 279 86.69 40.69 -15.64
N TYR C 280 86.19 41.31 -16.70
CA TYR C 280 85.12 42.32 -16.64
C TYR C 280 85.54 43.54 -15.79
N PRO C 281 86.73 44.11 -16.06
CA PRO C 281 87.18 45.23 -15.22
C PRO C 281 86.34 46.51 -15.23
N SER C 282 85.86 46.88 -16.42
CA SER C 282 85.06 48.08 -16.60
C SER C 282 83.68 48.00 -15.98
N LEU C 283 83.29 46.82 -15.49
CA LEU C 283 81.98 46.65 -14.90
C LEU C 283 82.00 46.27 -13.42
N ALA C 284 83.20 46.14 -12.83
CA ALA C 284 83.32 45.68 -11.45
C ALA C 284 82.44 46.42 -10.45
N ASN C 285 82.31 47.72 -10.66
CA ASN C 285 81.51 48.60 -9.81
C ASN C 285 80.01 48.39 -9.93
N ARG C 286 79.60 47.64 -10.95
CA ARG C 286 78.19 47.31 -11.16
C ARG C 286 77.79 45.85 -10.99
N ASN C 287 78.66 45.06 -10.37
CA ASN C 287 78.37 43.65 -10.14
C ASN C 287 78.88 43.18 -8.78
N GLY C 288 78.61 41.92 -8.44
CA GLY C 288 79.07 41.32 -7.21
C GLY C 288 78.02 41.23 -6.11
N THR C 289 78.28 40.36 -5.14
CA THR C 289 77.35 40.07 -4.05
C THR C 289 77.05 41.28 -3.16
N LYS C 290 78.10 42.02 -2.77
CA LYS C 290 77.94 43.19 -1.93
C LYS C 290 77.04 44.19 -2.64
N TYR C 291 77.28 44.37 -3.94
CA TYR C 291 76.51 45.32 -4.75
C TYR C 291 75.08 44.83 -4.91
N LEU C 292 74.89 43.53 -5.09
CA LEU C 292 73.55 43.00 -5.23
C LEU C 292 72.70 43.27 -3.99
N ALA C 293 73.28 43.12 -2.80
CA ALA C 293 72.51 43.35 -1.57
C ALA C 293 72.05 44.81 -1.41
N ARG C 294 72.91 45.75 -1.78
CA ARG C 294 72.58 47.17 -1.62
C ARG C 294 71.46 47.56 -2.58
N THR C 295 71.53 47.06 -3.82
CA THR C 295 70.50 47.34 -4.82
C THR C 295 69.14 46.75 -4.47
N LEU C 296 69.11 45.48 -4.05
CA LEU C 296 67.83 44.86 -3.68
C LEU C 296 67.24 45.59 -2.49
N ASN C 297 68.09 45.94 -1.51
CA ASN C 297 67.64 46.64 -0.32
C ASN C 297 67.02 47.98 -0.71
N ARG C 298 67.67 48.64 -1.65
CA ARG C 298 67.25 49.94 -2.14
C ARG C 298 65.97 49.84 -2.96
N LEU C 299 65.97 48.90 -3.90
CA LEU C 299 64.83 48.70 -4.78
C LEU C 299 63.59 48.21 -4.05
N LEU C 300 63.77 47.35 -3.05
CA LEU C 300 62.62 46.85 -2.31
C LEU C 300 61.99 47.98 -1.51
N MET C 301 62.81 48.77 -0.82
CA MET C 301 62.31 49.89 -0.02
C MET C 301 61.49 50.88 -0.84
N HIS C 302 62.03 51.31 -1.98
CA HIS C 302 61.34 52.26 -2.88
C HIS C 302 60.11 51.62 -3.51
N HIS C 303 60.18 50.32 -3.76
CA HIS C 303 59.04 49.65 -4.36
C HIS C 303 57.85 49.59 -3.43
N ILE C 304 58.07 49.37 -2.13
CA ILE C 304 56.94 49.26 -1.21
C ILE C 304 56.20 50.59 -0.99
N ARG C 305 56.94 51.68 -0.78
CA ARG C 305 56.36 53.00 -0.60
C ARG C 305 55.45 53.32 -1.79
N ASP C 306 55.90 52.90 -2.96
CA ASP C 306 55.21 53.14 -4.22
C ASP C 306 53.86 52.40 -4.36
N CYS C 307 53.84 51.18 -3.85
CA CYS C 307 52.66 50.31 -3.97
C CYS C 307 51.80 50.33 -2.72
N LEU C 308 52.34 50.86 -1.63
CA LEU C 308 51.66 50.91 -0.32
C LEU C 308 50.35 51.71 -0.28
N PRO C 309 50.26 52.87 -0.96
CA PRO C 309 48.95 53.53 -0.96
C PRO C 309 47.80 52.64 -1.45
N GLU C 310 47.93 52.08 -2.64
CA GLU C 310 46.90 51.20 -3.20
C GLU C 310 46.68 49.98 -2.31
N LEU C 311 47.75 49.52 -1.65
CA LEU C 311 47.64 48.40 -0.73
C LEU C 311 46.75 48.73 0.45
N LYS C 312 46.90 49.94 0.99
CA LYS C 312 46.08 50.38 2.11
C LYS C 312 44.60 50.36 1.77
N THR C 313 44.24 50.97 0.65
CA THR C 313 42.86 51.00 0.18
C THR C 313 42.26 49.61 -0.04
N ARG C 314 43.06 48.73 -0.64
CA ARG C 314 42.64 47.37 -0.97
C ARG C 314 42.35 46.45 0.21
N ILE C 315 43.18 46.48 1.25
CA ILE C 315 42.92 45.61 2.39
C ILE C 315 41.63 46.04 3.09
N ASN C 316 41.41 47.35 3.17
CA ASN C 316 40.19 47.87 3.77
C ASN C 316 38.97 47.39 2.99
N VAL C 317 39.06 47.45 1.66
CA VAL C 317 37.97 47.01 0.79
C VAL C 317 37.68 45.52 0.93
N LEU C 318 38.73 44.70 0.85
CA LEU C 318 38.58 43.26 1.00
C LEU C 318 37.96 42.91 2.34
N ALA C 319 38.35 43.64 3.37
CA ALA C 319 37.83 43.42 4.71
C ALA C 319 36.31 43.60 4.69
N ALA C 320 35.87 44.73 4.15
CA ALA C 320 34.44 45.03 4.03
C ALA C 320 33.69 43.96 3.23
N GLN C 321 34.30 43.49 2.14
CA GLN C 321 33.66 42.48 1.29
C GLN C 321 33.45 41.17 2.04
N TYR C 322 34.52 40.71 2.68
CA TYR C 322 34.54 39.48 3.46
C TYR C 322 33.60 39.55 4.67
N GLN C 323 33.56 40.73 5.30
CA GLN C 323 32.70 40.97 6.45
C GLN C 323 31.23 40.72 6.07
N SER C 324 30.82 41.21 4.91
CA SER C 324 29.45 41.00 4.47
C SER C 324 29.22 39.49 4.27
N LEU C 325 30.23 38.78 3.76
CA LEU C 325 30.14 37.34 3.53
C LEU C 325 29.93 36.57 4.80
N LEU C 326 30.66 36.95 5.85
CA LEU C 326 30.54 36.29 7.13
C LEU C 326 29.13 36.52 7.66
N ASN C 327 28.62 37.73 7.44
CA ASN C 327 27.27 38.06 7.87
C ASN C 327 26.21 37.29 7.08
N SER C 328 26.45 37.14 5.77
CA SER C 328 25.50 36.42 4.91
C SER C 328 25.40 34.91 5.11
N TYR C 329 26.49 34.26 5.50
CA TYR C 329 26.44 32.82 5.78
C TYR C 329 25.86 32.39 7.12
N GLY C 330 25.80 33.30 8.10
CA GLY C 330 25.19 32.96 9.38
C GLY C 330 26.07 32.53 10.54
N GLU C 331 25.61 32.87 11.73
CA GLU C 331 26.32 32.59 12.98
C GLU C 331 26.22 31.12 13.42
N PRO C 332 27.19 30.65 14.21
CA PRO C 332 27.13 29.27 14.72
C PRO C 332 26.00 29.08 15.73
N VAL C 333 25.70 27.84 16.07
CA VAL C 333 24.59 27.53 16.96
C VAL C 333 24.77 28.17 18.34
N LYS C 336 23.31 23.89 21.53
CA LYS C 336 23.07 22.93 20.47
C LYS C 336 21.67 22.32 20.65
N SER C 337 21.36 22.04 21.90
CA SER C 337 20.05 21.55 22.36
C SER C 337 18.91 22.52 22.12
N ALA C 338 19.18 23.80 22.35
CA ALA C 338 18.23 24.88 22.16
C ALA C 338 17.79 25.05 20.70
N THR C 339 18.71 24.90 19.76
CA THR C 339 18.33 24.95 18.35
C THR C 339 17.32 23.88 17.97
N LEU C 340 17.59 22.66 18.42
CA LEU C 340 16.65 21.55 18.18
C LEU C 340 15.27 21.79 18.76
N LEU C 341 15.21 22.37 19.95
CA LEU C 341 13.99 22.73 20.66
C LEU C 341 13.11 23.78 19.97
N GLN C 342 13.71 24.72 19.24
CA GLN C 342 12.91 25.81 18.70
C GLN C 342 12.68 25.65 17.20
N LEU C 343 13.70 25.29 16.43
CA LEU C 343 13.48 25.12 14.99
C LEU C 343 12.44 24.01 14.74
N ILE C 344 12.43 22.94 15.53
CA ILE C 344 11.45 21.87 15.29
C ILE C 344 10.11 22.17 15.97
N THR C 345 10.14 22.89 17.09
CA THR C 345 8.90 23.29 17.75
C THR C 345 8.25 24.32 16.86
N LYS C 346 9.07 25.11 16.18
CA LYS C 346 8.47 26.08 15.28
C LYS C 346 7.90 25.35 14.07
N PHE C 347 8.49 24.21 13.70
CA PHE C 347 7.91 23.45 12.58
C PHE C 347 6.53 22.93 12.98
N ALA C 348 6.34 22.79 14.27
CA ALA C 348 5.08 22.36 14.84
C ALA C 348 4.01 23.44 14.76
N THR C 349 4.33 24.66 15.18
CA THR C 349 3.35 25.72 15.06
C THR C 349 3.11 26.21 13.64
N GLU C 350 4.10 26.10 12.74
CA GLU C 350 3.86 26.48 11.34
C GLU C 350 2.86 25.47 10.75
N TYR C 351 2.58 24.44 11.54
CA TYR C 351 1.71 23.32 11.17
C TYR C 351 0.31 23.23 11.70
N CYS C 352 0.14 23.08 13.01
CA CYS C 352 -1.19 23.10 13.59
C CYS C 352 -1.94 24.27 13.02
N ASN C 353 -1.25 25.41 12.97
CA ASN C 353 -1.79 26.64 12.42
C ASN C 353 -2.36 26.54 11.01
N THR C 354 -1.49 26.16 10.06
CA THR C 354 -1.94 26.15 8.67
C THR C 354 -3.02 25.12 8.33
N ILE C 355 -2.95 23.93 8.93
CA ILE C 355 -3.97 22.92 8.68
C ILE C 355 -5.29 23.52 9.16
N GLU C 356 -5.28 24.19 10.31
CA GLU C 356 -6.48 24.77 10.90
C GLU C 356 -6.62 26.29 10.73
N GLY C 357 -5.78 26.87 9.87
CA GLY C 357 -5.86 28.29 9.59
C GLY C 357 -5.79 28.60 8.12
N LEU C 367 -4.51 26.92 -2.79
CA LEU C 367 -5.09 26.59 -1.50
C LEU C 367 -4.23 25.63 -0.71
N CYS C 368 -4.07 25.88 0.59
CA CYS C 368 -3.36 24.95 1.45
C CYS C 368 -4.11 24.78 2.77
N GLY C 369 -3.64 23.85 3.59
CA GLY C 369 -4.50 23.05 4.43
C GLY C 369 -5.62 23.69 5.23
N GLY C 370 -5.53 24.98 5.55
CA GLY C 370 -6.59 25.58 6.32
C GLY C 370 -7.94 25.50 5.65
N ALA C 371 -8.02 25.90 4.39
CA ALA C 371 -9.28 25.81 3.67
C ALA C 371 -9.28 24.78 2.56
N ARG C 372 -8.10 24.45 2.05
CA ARG C 372 -7.95 23.36 1.08
C ARG C 372 -8.56 22.08 1.63
N ILE C 373 -8.43 21.89 2.94
CA ILE C 373 -8.97 20.71 3.59
C ILE C 373 -10.48 20.84 3.54
N CYS C 374 -10.98 21.95 4.10
CA CYS C 374 -12.41 22.15 4.15
C CYS C 374 -12.88 22.06 2.70
N TYR C 375 -12.12 22.72 1.81
CA TYR C 375 -12.40 22.68 0.38
C TYR C 375 -12.69 21.25 -0.03
N ILE C 376 -11.74 20.37 0.28
CA ILE C 376 -11.87 18.97 -0.10
C ILE C 376 -13.10 18.38 0.55
N PHE C 377 -13.42 18.84 1.76
CA PHE C 377 -14.60 18.31 2.37
C PHE C 377 -15.86 18.91 1.79
N HIS C 378 -15.82 20.22 1.57
CA HIS C 378 -17.02 20.83 1.05
C HIS C 378 -17.07 21.22 -0.42
N GLU C 379 -16.04 20.98 -1.22
CA GLU C 379 -16.28 21.24 -2.64
C GLU C 379 -16.26 20.02 -3.52
N THR C 380 -15.50 18.98 -3.13
CA THR C 380 -15.56 17.82 -3.99
C THR C 380 -16.16 16.60 -3.36
N PHE C 381 -15.75 16.23 -2.13
CA PHE C 381 -16.37 15.05 -1.56
C PHE C 381 -17.87 15.24 -1.58
N GLY C 382 -18.30 16.50 -1.57
CA GLY C 382 -19.71 16.82 -1.69
C GLY C 382 -20.28 16.63 -3.08
N ARG C 383 -19.54 17.17 -4.06
CA ARG C 383 -19.94 17.08 -5.45
C ARG C 383 -20.11 15.66 -5.92
N THR C 384 -19.22 14.78 -5.45
CA THR C 384 -19.33 13.37 -5.80
C THR C 384 -20.59 12.76 -5.24
N LEU C 385 -20.63 12.68 -3.90
CA LEU C 385 -21.75 12.12 -3.16
C LEU C 385 -23.14 12.60 -3.57
N GLU C 386 -23.28 13.91 -3.76
CA GLU C 386 -24.54 14.49 -4.19
C GLU C 386 -24.90 13.91 -5.55
N SER C 387 -23.85 13.66 -6.34
CA SER C 387 -23.96 13.10 -7.67
C SER C 387 -24.10 11.57 -7.66
N VAL C 388 -24.04 10.96 -6.48
CA VAL C 388 -24.29 9.52 -6.37
C VAL C 388 -25.73 9.26 -6.84
N ASP C 389 -25.96 8.07 -7.37
CA ASP C 389 -26.84 7.89 -8.52
C ASP C 389 -28.38 8.03 -8.40
N PRO C 390 -29.03 7.54 -7.33
CA PRO C 390 -28.90 6.49 -6.30
C PRO C 390 -29.27 5.14 -6.88
N LEU C 391 -29.65 5.10 -8.15
CA LEU C 391 -29.97 3.83 -8.80
C LEU C 391 -29.06 3.56 -9.97
N GLY C 392 -27.75 3.66 -9.73
CA GLY C 392 -26.81 3.31 -10.76
C GLY C 392 -26.65 1.81 -10.69
N GLY C 393 -26.28 1.20 -11.80
CA GLY C 393 -26.13 -0.23 -11.86
C GLY C 393 -27.46 -0.98 -11.80
N LEU C 394 -28.34 -0.56 -10.91
CA LEU C 394 -29.66 -1.15 -10.82
C LEU C 394 -30.56 -0.94 -12.05
N ASN C 395 -30.57 -1.94 -12.94
CA ASN C 395 -31.49 -1.98 -14.07
C ASN C 395 -32.85 -2.45 -13.60
N THR C 396 -33.88 -2.23 -14.41
CA THR C 396 -35.19 -2.80 -14.12
C THR C 396 -35.04 -4.32 -14.04
N ILE C 397 -34.25 -4.89 -14.94
CA ILE C 397 -34.08 -6.34 -14.93
C ILE C 397 -33.55 -6.80 -13.56
N ASP C 398 -32.60 -6.04 -13.02
CA ASP C 398 -32.06 -6.32 -11.70
C ASP C 398 -33.15 -6.24 -10.64
N ILE C 399 -34.01 -5.24 -10.81
CA ILE C 399 -35.16 -4.99 -9.94
C ILE C 399 -36.18 -6.11 -9.97
N LEU C 400 -36.44 -6.62 -11.17
CA LEU C 400 -37.39 -7.71 -11.35
C LEU C 400 -36.96 -9.01 -10.67
N THR C 401 -35.67 -9.31 -10.67
CA THR C 401 -35.22 -10.50 -9.98
C THR C 401 -35.40 -10.35 -8.47
N ALA C 402 -35.11 -9.17 -7.95
CA ALA C 402 -35.28 -8.92 -6.52
C ALA C 402 -36.76 -9.00 -6.10
N ILE C 403 -37.64 -8.44 -6.91
CA ILE C 403 -39.08 -8.48 -6.65
C ILE C 403 -39.66 -9.89 -6.68
N ARG C 404 -39.27 -10.61 -7.73
CA ARG C 404 -39.78 -11.95 -8.01
C ARG C 404 -39.47 -12.99 -6.94
N ASN C 405 -38.25 -12.94 -6.42
CA ASN C 405 -37.79 -13.94 -5.45
C ASN C 405 -38.43 -13.84 -4.07
N ALA C 406 -38.83 -12.64 -3.68
CA ALA C 406 -39.54 -12.45 -2.42
C ALA C 406 -40.89 -13.14 -2.42
N VAL C 415 -45.46 -7.87 -1.06
CA VAL C 415 -44.77 -7.14 0.01
C VAL C 415 -43.39 -6.63 -0.43
N PRO C 416 -43.34 -5.36 -0.85
CA PRO C 416 -42.17 -4.63 -1.35
C PRO C 416 -40.98 -4.46 -0.40
N GLU C 417 -41.20 -4.28 0.90
CA GLU C 417 -40.11 -4.00 1.83
C GLU C 417 -39.03 -5.09 1.87
N VAL C 418 -39.41 -6.36 1.81
CA VAL C 418 -38.42 -7.42 1.83
C VAL C 418 -37.59 -7.30 0.54
N SER C 419 -38.24 -7.00 -0.57
CA SER C 419 -37.57 -6.79 -1.85
C SER C 419 -36.65 -5.57 -1.72
N PHE C 420 -37.19 -4.55 -1.06
CA PHE C 420 -36.54 -3.29 -0.78
C PHE C 420 -35.23 -3.30 0.02
N GLU C 421 -35.14 -4.16 1.02
CA GLU C 421 -33.92 -4.22 1.83
C GLU C 421 -32.74 -4.75 1.02
N LEU C 422 -32.95 -5.80 0.22
CA LEU C 422 -31.89 -6.38 -0.60
C LEU C 422 -31.35 -5.36 -1.62
N LEU C 423 -32.28 -4.59 -2.17
CA LEU C 423 -32.03 -3.54 -3.16
C LEU C 423 -31.17 -2.41 -2.60
N VAL C 424 -31.68 -1.72 -1.59
CA VAL C 424 -31.05 -0.57 -0.95
C VAL C 424 -29.68 -0.99 -0.39
N LYS C 425 -29.63 -2.06 0.39
CA LYS C 425 -28.41 -2.58 0.98
C LYS C 425 -27.26 -2.72 -0.05
N ARG C 426 -27.61 -2.76 -1.33
CA ARG C 426 -26.62 -2.83 -2.41
C ARG C 426 -26.31 -1.42 -2.93
N GLN C 427 -27.24 -0.50 -2.71
CA GLN C 427 -27.09 0.89 -3.14
C GLN C 427 -26.21 1.64 -2.13
N ILE C 428 -26.53 1.47 -0.84
CA ILE C 428 -25.77 2.08 0.26
C ILE C 428 -24.31 1.64 0.26
N LYS C 429 -24.06 0.44 -0.24
CA LYS C 429 -22.72 -0.13 -0.37
C LYS C 429 -21.82 0.67 -1.30
N ARG C 430 -22.41 1.33 -2.29
CA ARG C 430 -21.63 2.11 -3.23
C ARG C 430 -21.16 3.48 -2.74
N LEU C 431 -21.58 3.89 -1.53
CA LEU C 431 -21.15 5.19 -1.02
C LEU C 431 -19.78 5.13 -0.34
N GLU C 432 -19.32 3.93 -0.02
CA GLU C 432 -18.01 3.69 0.59
C GLU C 432 -16.82 4.16 -0.24
N GLU C 433 -16.83 3.77 -1.52
CA GLU C 433 -15.78 4.10 -2.48
C GLU C 433 -15.46 5.61 -2.49
N PRO C 434 -16.47 6.47 -2.71
CA PRO C 434 -16.19 7.91 -2.71
C PRO C 434 -15.63 8.34 -1.35
N SER C 435 -16.24 7.83 -0.28
CA SER C 435 -15.84 8.19 1.08
C SER C 435 -14.36 7.84 1.25
N LEU C 436 -13.99 6.59 1.03
CA LEU C 436 -12.61 6.14 1.20
C LEU C 436 -11.67 7.08 0.43
N ARG C 437 -12.05 7.42 -0.80
CA ARG C 437 -11.27 8.32 -1.64
C ARG C 437 -11.04 9.66 -0.92
N CYS C 438 -12.08 10.14 -0.25
CA CYS C 438 -12.02 11.40 0.48
C CYS C 438 -10.84 11.33 1.42
N VAL C 439 -10.80 10.28 2.24
CA VAL C 439 -9.69 10.05 3.17
C VAL C 439 -8.36 10.27 2.46
N GLU C 440 -8.16 9.63 1.31
CA GLU C 440 -6.89 9.78 0.58
C GLU C 440 -6.60 11.23 0.21
N LEU C 441 -7.63 11.95 -0.24
CA LEU C 441 -7.45 13.35 -0.63
C LEU C 441 -6.94 14.19 0.54
N VAL C 442 -7.42 13.89 1.75
CA VAL C 442 -6.99 14.60 2.93
C VAL C 442 -5.52 14.29 3.17
N HIS C 443 -5.19 13.00 3.06
CA HIS C 443 -3.83 12.48 3.26
C HIS C 443 -2.89 13.21 2.32
N GLU C 444 -3.32 13.29 1.07
CA GLU C 444 -2.62 13.94 -0.03
C GLU C 444 -2.18 15.34 0.39
N GLU C 445 -3.17 16.14 0.72
CA GLU C 445 -3.06 17.54 1.09
C GLU C 445 -2.29 17.81 2.38
N MET C 446 -2.12 16.77 3.17
CA MET C 446 -1.43 16.90 4.44
C MET C 446 0.00 16.64 4.02
N GLN C 447 0.24 15.55 3.28
CA GLN C 447 1.59 15.27 2.82
C GLN C 447 2.11 16.47 2.01
N ARG C 448 1.20 17.30 1.48
CA ARG C 448 1.60 18.51 0.77
C ARG C 448 1.88 19.69 1.69
N ILE C 449 1.14 19.77 2.79
CA ILE C 449 1.33 20.88 3.74
C ILE C 449 2.68 20.81 4.44
N ILE C 450 3.19 19.60 4.66
CA ILE C 450 4.50 19.48 5.29
C ILE C 450 5.54 20.14 4.38
N GLN C 451 5.35 20.01 3.07
CA GLN C 451 6.25 20.57 2.08
C GLN C 451 6.07 22.08 2.01
N HIS C 452 4.84 22.50 2.32
CA HIS C 452 4.45 23.89 2.42
C HIS C 452 5.14 24.69 3.52
N CYS C 453 5.88 24.02 4.40
CA CYS C 453 6.58 24.74 5.45
C CYS C 453 7.94 24.14 5.73
N SER C 454 8.39 23.25 4.87
CA SER C 454 9.80 22.91 4.87
C SER C 454 10.53 23.66 3.77
N ASN C 455 9.91 23.72 2.59
CA ASN C 455 10.48 24.41 1.44
C ASN C 455 9.92 25.81 1.16
N TYR C 456 8.87 26.20 1.88
CA TYR C 456 8.23 27.48 1.61
C TYR C 456 8.19 28.40 2.83
N SER C 457 8.29 27.80 4.02
CA SER C 457 8.27 28.57 5.27
C SER C 457 8.89 27.80 6.42
N LEU C 462 15.16 24.59 4.70
CA LEU C 462 16.11 25.18 5.63
C LEU C 462 17.54 24.90 5.18
N ARG C 463 18.52 25.28 5.98
CA ARG C 463 19.92 25.04 5.67
C ARG C 463 20.45 23.73 6.26
N PHE C 464 19.53 22.91 6.79
CA PHE C 464 19.93 21.61 7.34
C PHE C 464 19.24 20.42 6.67
N PRO C 465 19.77 19.99 5.51
CA PRO C 465 19.26 18.89 4.68
C PRO C 465 19.11 17.56 5.44
N LYS C 466 20.02 17.31 6.37
CA LYS C 466 19.99 16.08 7.17
C LYS C 466 18.82 16.17 8.14
N LEU C 467 18.67 17.34 8.74
CA LEU C 467 17.72 17.55 9.84
C LEU C 467 16.34 17.68 9.21
N HIS C 468 16.32 18.49 8.16
CA HIS C 468 15.12 18.83 7.40
C HIS C 468 14.45 17.57 6.82
N ASP C 469 15.24 16.68 6.20
CA ASP C 469 14.73 15.43 5.61
C ASP C 469 14.15 14.45 6.65
N ALA C 470 14.84 14.34 7.79
CA ALA C 470 14.46 13.48 8.91
C ALA C 470 13.10 13.81 9.50
N ILE C 471 12.85 15.08 9.73
CA ILE C 471 11.60 15.55 10.31
C ILE C 471 10.44 15.13 9.38
N VAL C 472 10.70 15.24 8.09
CA VAL C 472 9.74 14.89 7.05
C VAL C 472 9.40 13.40 7.19
N GLU C 473 10.41 12.57 7.39
CA GLU C 473 10.27 11.12 7.52
C GLU C 473 9.40 10.86 8.76
N VAL C 474 9.63 11.65 9.80
CA VAL C 474 8.98 11.53 11.10
C VAL C 474 7.50 11.87 10.94
N VAL C 475 7.19 12.86 10.10
CA VAL C 475 5.80 13.27 9.92
C VAL C 475 5.15 12.38 8.86
N THR C 476 5.72 12.30 7.66
CA THR C 476 5.16 11.50 6.57
C THR C 476 4.79 10.09 7.05
N CYS C 477 5.60 9.54 7.95
CA CYS C 477 5.34 8.20 8.48
C CYS C 477 4.21 8.24 9.50
N LEU C 478 4.15 9.33 10.28
CA LEU C 478 3.10 9.46 11.30
C LEU C 478 1.73 9.31 10.63
N LEU C 479 1.57 9.96 9.48
CA LEU C 479 0.34 9.91 8.70
C LEU C 479 0.02 8.50 8.20
N ARG C 480 1.06 7.78 7.79
CA ARG C 480 0.94 6.40 7.31
C ARG C 480 0.36 5.47 8.36
N LYS C 481 0.68 5.75 9.63
CA LYS C 481 0.19 5.00 10.77
C LYS C 481 -1.28 5.25 11.02
N ARG C 482 -1.73 6.47 10.74
CA ARG C 482 -3.10 6.86 10.99
C ARG C 482 -4.09 6.52 9.87
N LEU C 483 -3.60 6.47 8.64
CA LEU C 483 -4.45 6.06 7.50
C LEU C 483 -5.18 4.72 7.64
N PRO C 484 -4.63 3.76 8.42
CA PRO C 484 -5.44 2.54 8.59
C PRO C 484 -6.63 2.77 9.51
N VAL C 485 -6.38 3.32 10.69
CA VAL C 485 -7.42 3.58 11.67
C VAL C 485 -8.59 4.33 11.03
N THR C 486 -8.32 5.51 10.47
CA THR C 486 -9.38 6.33 9.87
C THR C 486 -10.13 5.58 8.76
N ASN C 487 -9.42 4.96 7.81
CA ASN C 487 -10.07 4.21 6.75
C ASN C 487 -11.01 3.12 7.25
N GLU C 488 -10.71 2.52 8.39
CA GLU C 488 -11.58 1.50 8.95
C GLU C 488 -12.86 2.06 9.55
N MET C 489 -12.76 3.19 10.26
CA MET C 489 -13.94 3.80 10.84
C MET C 489 -14.87 4.25 9.72
N VAL C 490 -14.30 4.61 8.59
CA VAL C 490 -15.08 5.04 7.44
C VAL C 490 -15.89 3.85 6.96
N HIS C 491 -15.22 2.71 6.77
CA HIS C 491 -15.88 1.49 6.33
C HIS C 491 -17.05 1.15 7.26
N ASN C 492 -16.78 1.18 8.57
CA ASN C 492 -17.81 0.90 9.59
C ASN C 492 -19.02 1.78 9.37
N LEU C 493 -18.78 3.10 9.36
CA LEU C 493 -19.82 4.11 9.18
C LEU C 493 -20.73 3.72 8.02
N VAL C 494 -20.17 3.23 6.93
CA VAL C 494 -21.03 2.84 5.85
C VAL C 494 -21.77 1.55 6.25
N ALA C 495 -21.02 0.53 6.64
CA ALA C 495 -21.58 -0.75 7.08
C ALA C 495 -22.68 -0.74 8.16
N ILE C 496 -22.68 0.25 9.05
CA ILE C 496 -23.75 0.34 10.06
C ILE C 496 -25.09 0.49 9.33
N GLU C 497 -25.11 1.32 8.28
CA GLU C 497 -26.35 1.57 7.54
C GLU C 497 -26.88 0.26 6.95
N LEU C 498 -26.02 -0.50 6.28
CA LEU C 498 -26.41 -1.80 5.71
C LEU C 498 -26.81 -2.84 6.76
N ALA C 499 -26.86 -2.45 8.04
CA ALA C 499 -27.15 -3.39 9.11
C ALA C 499 -28.56 -3.30 9.70
N TYR C 500 -29.16 -2.12 9.71
CA TYR C 500 -30.46 -2.00 10.36
C TYR C 500 -31.58 -1.49 9.45
N ILE C 501 -31.26 -0.52 8.60
CA ILE C 501 -32.20 0.02 7.60
C ILE C 501 -33.60 0.28 8.20
N ASN C 502 -33.67 1.17 9.17
CA ASN C 502 -34.95 1.49 9.79
C ASN C 502 -35.88 2.22 8.85
N THR C 503 -37.18 2.01 9.04
CA THR C 503 -38.19 2.67 8.22
C THR C 503 -38.94 3.64 9.11
N LYS C 504 -38.57 3.66 10.39
CA LYS C 504 -39.18 4.55 11.37
C LYS C 504 -38.45 5.88 11.51
N HIS C 505 -37.54 6.17 10.58
CA HIS C 505 -36.85 7.45 10.59
C HIS C 505 -37.89 8.52 10.33
N PRO C 506 -37.79 9.67 11.03
CA PRO C 506 -38.76 10.77 10.91
C PRO C 506 -38.90 11.31 9.49
N ASP C 507 -37.83 11.28 8.71
CA ASP C 507 -37.83 11.83 7.36
C ASP C 507 -38.45 10.86 6.36
N PHE C 508 -39.19 9.89 6.87
CA PHE C 508 -39.88 8.88 6.07
C PHE C 508 -41.37 9.14 5.90
N ALA C 509 -41.93 8.59 4.84
CA ALA C 509 -43.36 8.64 4.53
C ALA C 509 -43.66 7.89 3.24
N ASP C 510 -44.81 7.22 3.20
CA ASP C 510 -45.25 6.44 2.04
C ASP C 510 -46.76 6.19 2.11
N ASP C 524 -45.95 -2.43 -8.64
CA ASP C 524 -45.01 -2.89 -7.63
C ASP C 524 -43.62 -2.30 -7.78
N CYS C 525 -42.95 -2.50 -8.92
CA CYS C 525 -41.62 -1.90 -9.02
C CYS C 525 -41.66 -0.39 -9.12
N GLU C 526 -42.80 0.16 -9.50
CA GLU C 526 -42.96 1.60 -9.59
C GLU C 526 -42.55 2.25 -8.29
N VAL C 527 -43.17 1.75 -7.22
CA VAL C 527 -42.94 2.24 -5.87
C VAL C 527 -41.62 1.84 -5.18
N ILE C 528 -41.19 0.56 -5.18
CA ILE C 528 -39.93 0.21 -4.51
C ILE C 528 -38.84 1.18 -4.94
N GLU C 529 -38.82 1.40 -6.25
CA GLU C 529 -37.92 2.33 -6.90
C GLU C 529 -37.99 3.68 -6.22
N ARG C 530 -39.22 4.11 -5.96
CA ARG C 530 -39.48 5.38 -5.33
C ARG C 530 -38.97 5.49 -3.85
N LEU C 531 -39.13 4.41 -3.09
CA LEU C 531 -38.67 4.31 -1.68
C LEU C 531 -37.16 4.40 -1.70
N ILE C 532 -36.51 3.47 -2.38
CA ILE C 532 -35.04 3.38 -2.45
C ILE C 532 -34.50 4.77 -2.67
N LYS C 533 -35.09 5.54 -3.59
CA LYS C 533 -34.59 6.89 -3.81
C LYS C 533 -34.69 7.64 -2.48
N SER C 534 -35.87 7.57 -1.86
CA SER C 534 -36.17 8.26 -0.60
C SER C 534 -35.17 7.90 0.51
N TYR C 535 -35.08 6.61 0.83
CA TYR C 535 -34.21 6.13 1.91
C TYR C 535 -32.70 6.32 1.70
N PHE C 536 -32.19 5.90 0.54
CA PHE C 536 -30.76 6.06 0.22
C PHE C 536 -30.32 7.49 0.42
N LEU C 537 -31.21 8.40 0.08
CA LEU C 537 -30.98 9.82 0.22
C LEU C 537 -30.68 10.24 1.65
N ILE C 538 -31.45 9.73 2.62
CA ILE C 538 -31.25 10.14 4.00
C ILE C 538 -29.93 9.49 4.42
N VAL C 539 -29.72 8.23 4.02
CA VAL C 539 -28.52 7.50 4.40
C VAL C 539 -27.30 8.23 3.83
N ARG C 540 -27.49 8.86 2.68
CA ARG C 540 -26.44 9.63 2.02
C ARG C 540 -26.10 10.91 2.79
N LYS C 541 -27.13 11.69 3.13
CA LYS C 541 -26.96 12.92 3.91
C LYS C 541 -26.13 12.65 5.16
N ASN C 542 -26.33 11.48 5.74
CA ASN C 542 -25.62 11.04 6.93
C ASN C 542 -24.13 10.97 6.61
N ILE C 543 -23.78 10.03 5.73
CA ILE C 543 -22.39 9.76 5.34
C ILE C 543 -21.68 11.05 4.91
N GLN C 544 -22.30 11.83 4.03
CA GLN C 544 -21.73 13.08 3.53
C GLN C 544 -21.32 14.08 4.61
N ASP C 545 -21.79 13.85 5.84
CA ASP C 545 -21.44 14.72 6.97
C ASP C 545 -20.51 13.96 7.91
N SER C 546 -20.78 12.67 8.13
CA SER C 546 -20.03 11.86 9.08
C SER C 546 -18.61 11.51 8.63
N VAL C 547 -18.40 11.23 7.35
CA VAL C 547 -17.04 10.92 6.86
C VAL C 547 -16.06 12.07 7.08
N PRO C 548 -16.39 13.32 6.66
CA PRO C 548 -15.45 14.41 6.94
C PRO C 548 -15.14 14.50 8.42
N LYS C 549 -16.19 14.42 9.22
CA LYS C 549 -16.10 14.44 10.66
C LYS C 549 -15.14 13.32 11.10
N ALA C 550 -15.37 12.13 10.55
CA ALA C 550 -14.56 10.95 10.83
C ALA C 550 -13.09 11.30 10.63
N VAL C 551 -12.72 11.65 9.40
CA VAL C 551 -11.34 11.98 9.05
C VAL C 551 -10.74 12.92 10.09
N MET C 552 -11.44 14.02 10.36
CA MET C 552 -10.97 15.00 11.35
C MET C 552 -10.62 14.42 12.70
N HIS C 553 -11.31 13.39 13.12
CA HIS C 553 -11.01 12.78 14.41
C HIS C 553 -9.74 11.96 14.34
N PHE C 554 -9.69 11.05 13.37
CA PHE C 554 -8.65 10.02 13.32
C PHE C 554 -7.39 10.43 12.57
N LEU C 555 -7.50 11.32 11.60
CA LEU C 555 -6.34 11.66 10.80
C LEU C 555 -5.86 13.09 11.06
N VAL C 556 -6.69 14.08 10.75
CA VAL C 556 -6.29 15.47 10.92
C VAL C 556 -5.99 15.84 12.38
N ASN C 557 -6.98 15.67 13.27
CA ASN C 557 -6.85 16.18 14.64
C ASN C 557 -5.86 15.40 15.52
N HIS C 558 -5.84 14.09 15.29
CA HIS C 558 -4.90 13.16 15.91
C HIS C 558 -3.45 13.59 15.69
N VAL C 559 -3.14 13.89 14.44
CA VAL C 559 -1.80 14.26 14.00
C VAL C 559 -1.44 15.59 14.65
N LYS C 560 -2.32 16.59 14.58
CA LYS C 560 -2.03 17.90 15.15
C LYS C 560 -1.53 17.78 16.60
N ASP C 561 -2.28 17.08 17.45
CA ASP C 561 -1.93 16.84 18.86
C ASP C 561 -0.54 16.18 19.02
N THR C 562 -0.40 15.02 18.37
CA THR C 562 0.77 14.12 18.34
C THR C 562 2.14 14.79 18.07
N LEU C 563 2.26 15.44 16.91
CA LEU C 563 3.48 16.09 16.37
C LEU C 563 4.28 17.05 17.29
N GLN C 564 3.64 17.67 18.23
CA GLN C 564 4.24 18.58 19.18
C GLN C 564 5.32 17.83 19.98
N SER C 565 5.08 16.56 20.27
CA SER C 565 5.95 15.73 21.10
C SER C 565 6.40 14.45 20.38
N GLU C 566 5.62 13.79 19.53
CA GLU C 566 6.25 12.59 18.97
C GLU C 566 7.34 13.08 18.01
N LEU C 567 7.28 14.34 17.60
CA LEU C 567 8.34 14.83 16.73
C LEU C 567 9.53 14.96 17.63
N VAL C 568 9.34 15.66 18.75
CA VAL C 568 10.44 15.88 19.66
C VAL C 568 10.91 14.54 20.20
N GLY C 569 9.98 13.69 20.63
CA GLY C 569 10.41 12.39 21.13
C GLY C 569 11.18 11.47 20.22
N GLN C 570 10.76 11.30 18.98
CA GLN C 570 11.55 10.44 18.11
C GLN C 570 12.93 11.01 17.75
N LEU C 571 12.92 12.31 17.45
CA LEU C 571 14.08 13.17 17.14
C LEU C 571 15.12 13.61 18.19
N TYR C 572 14.64 13.98 19.38
CA TYR C 572 15.47 14.39 20.51
C TYR C 572 16.38 13.33 21.09
N LYS C 573 17.43 13.01 20.36
CA LYS C 573 18.42 12.07 20.85
C LYS C 573 19.81 12.68 20.74
N SER C 574 20.53 12.70 21.86
CA SER C 574 21.84 13.34 21.93
C SER C 574 22.79 12.68 20.94
N SER C 575 22.63 11.37 20.79
CA SER C 575 23.38 10.59 19.81
C SER C 575 23.16 11.16 18.41
N LEU C 576 21.88 11.36 18.09
CA LEU C 576 21.48 11.80 16.75
C LEU C 576 21.50 13.33 16.62
N LEU C 577 21.73 14.01 17.74
CA LEU C 577 21.71 15.48 17.77
C LEU C 577 22.80 16.14 16.92
N ASP C 578 24.03 15.66 17.07
CA ASP C 578 25.19 16.25 16.43
C ASP C 578 25.15 16.24 14.90
N ASP C 579 24.59 15.19 14.32
CA ASP C 579 24.54 15.03 12.87
C ASP C 579 23.58 16.02 12.22
N LEU C 580 22.39 16.16 12.83
CA LEU C 580 21.31 16.94 12.24
C LEU C 580 21.64 18.42 12.03
N LEU C 581 22.38 19.02 12.95
CA LEU C 581 22.72 20.45 12.83
C LEU C 581 23.88 20.68 11.87
N THR C 582 24.50 19.60 11.41
CA THR C 582 25.61 19.71 10.46
C THR C 582 25.08 20.24 9.14
N GLU C 583 25.67 21.34 8.69
CA GLU C 583 25.29 21.98 7.44
C GLU C 583 25.85 21.24 6.23
N ARG C 590 33.55 27.08 3.62
CA ARG C 590 33.04 28.44 3.56
C ARG C 590 32.99 29.10 4.94
N ARG C 591 32.65 28.30 5.95
CA ARG C 591 32.49 28.82 7.31
C ARG C 591 33.77 29.29 8.00
N LYS C 592 34.88 28.60 7.78
CA LYS C 592 36.15 29.00 8.40
C LYS C 592 37.06 29.76 7.44
N GLU C 593 37.02 29.37 6.16
CA GLU C 593 37.81 30.03 5.12
C GLU C 593 37.44 31.50 4.97
N ALA C 594 36.27 31.89 5.48
CA ALA C 594 35.85 33.30 5.46
C ALA C 594 36.17 34.02 6.78
N ALA C 595 35.90 33.36 7.91
CA ALA C 595 36.13 33.93 9.25
C ALA C 595 37.60 34.21 9.55
N ASP C 596 38.46 33.30 9.10
CA ASP C 596 39.89 33.40 9.31
C ASP C 596 40.49 34.56 8.50
N MET C 597 39.95 34.78 7.31
CA MET C 597 40.40 35.86 6.44
C MET C 597 40.18 37.23 7.05
N LEU C 598 39.00 37.45 7.62
CA LEU C 598 38.68 38.73 8.26
C LEU C 598 39.55 39.00 9.47
N LYS C 599 39.74 37.98 10.31
CA LYS C 599 40.56 38.13 11.50
C LYS C 599 41.92 38.64 11.06
N ALA C 600 42.51 38.00 10.05
CA ALA C 600 43.81 38.41 9.58
C ALA C 600 43.76 39.80 8.93
N LEU C 601 42.72 40.06 8.12
CA LEU C 601 42.58 41.36 7.47
C LEU C 601 42.44 42.54 8.42
N GLN C 602 41.67 42.36 9.48
CA GLN C 602 41.48 43.41 10.48
C GLN C 602 42.83 43.64 11.15
N GLY C 603 43.49 42.55 11.56
CA GLY C 603 44.79 42.59 12.20
C GLY C 603 45.77 43.29 11.27
N ALA C 604 45.77 42.88 10.00
CA ALA C 604 46.65 43.46 8.99
C ALA C 604 46.35 44.94 8.82
N SER C 605 45.07 45.29 8.79
CA SER C 605 44.66 46.67 8.65
C SER C 605 45.22 47.48 9.81
N GLN C 606 45.08 46.97 11.03
CA GLN C 606 45.58 47.69 12.20
C GLN C 606 47.09 47.87 12.14
N ILE C 607 47.78 46.92 11.51
CA ILE C 607 49.24 47.01 11.38
C ILE C 607 49.60 48.19 10.49
N ILE C 608 48.84 48.37 9.42
CA ILE C 608 49.04 49.44 8.46
C ILE C 608 48.60 50.79 9.03
N ALA C 609 47.63 50.74 9.94
CA ALA C 609 47.11 51.96 10.56
C ALA C 609 48.09 52.51 11.59
N GLU C 610 48.94 51.63 12.12
CA GLU C 610 49.99 52.05 13.04
C GLU C 610 51.09 52.81 12.30
N ILE C 611 51.16 52.59 10.99
CA ILE C 611 52.15 53.22 10.12
C ILE C 611 53.58 52.99 10.59
N MET D 8 -53.80 -77.71 43.25
CA MET D 8 -53.08 -78.50 42.27
C MET D 8 -51.58 -78.62 42.59
N GLU D 9 -51.00 -79.74 42.18
CA GLU D 9 -49.57 -80.00 42.21
C GLU D 9 -48.77 -78.84 41.61
N ALA D 10 -49.24 -78.41 40.44
CA ALA D 10 -48.72 -77.33 39.61
C ALA D 10 -48.67 -75.99 40.33
N LEU D 11 -49.65 -75.73 41.19
CA LEU D 11 -49.75 -74.44 41.91
C LEU D 11 -48.66 -74.09 42.95
N ILE D 12 -48.15 -75.01 43.75
CA ILE D 12 -47.13 -74.62 44.73
C ILE D 12 -45.80 -74.28 43.99
N PRO D 13 -45.50 -75.01 42.88
CA PRO D 13 -44.32 -74.77 42.08
C PRO D 13 -44.19 -73.45 41.33
N VAL D 14 -45.32 -72.99 40.80
CA VAL D 14 -45.41 -71.74 40.02
C VAL D 14 -45.13 -70.57 40.96
N ILE D 15 -45.61 -70.70 42.19
CA ILE D 15 -45.39 -69.73 43.26
C ILE D 15 -43.89 -69.69 43.51
N ASN D 16 -43.28 -70.88 43.60
CA ASN D 16 -41.86 -70.96 43.85
C ASN D 16 -41.07 -70.23 42.75
N LYS D 17 -41.46 -70.41 41.49
CA LYS D 17 -40.83 -69.72 40.37
C LYS D 17 -40.98 -68.22 40.56
N LEU D 18 -42.17 -67.85 41.01
CA LEU D 18 -42.59 -66.48 41.29
C LEU D 18 -41.74 -65.80 42.35
N GLN D 19 -41.33 -66.55 43.36
CA GLN D 19 -40.52 -65.98 44.42
C GLN D 19 -39.07 -65.80 43.99
N ASP D 20 -38.52 -66.78 43.27
CA ASP D 20 -37.14 -66.67 42.80
C ASP D 20 -36.99 -65.44 41.90
N VAL D 21 -38.03 -65.23 41.09
CA VAL D 21 -38.16 -64.16 40.10
C VAL D 21 -38.05 -62.74 40.68
N PHE D 22 -38.43 -62.58 41.95
CA PHE D 22 -38.40 -61.27 42.60
C PHE D 22 -37.42 -61.15 43.76
N ASN D 23 -36.37 -61.99 43.78
CA ASN D 23 -35.39 -61.90 44.85
C ASN D 23 -34.42 -60.73 44.66
N THR D 24 -34.05 -60.44 43.41
CA THR D 24 -33.16 -59.30 43.13
C THR D 24 -33.93 -57.99 43.27
N VAL D 25 -35.20 -58.03 42.92
CA VAL D 25 -36.09 -56.88 42.99
C VAL D 25 -36.85 -56.86 44.33
N GLY D 26 -37.27 -55.70 44.81
CA GLY D 26 -38.03 -55.64 46.05
C GLY D 26 -39.26 -56.50 45.77
N ALA D 27 -39.34 -57.65 46.43
CA ALA D 27 -40.44 -58.57 46.19
C ALA D 27 -41.79 -58.29 46.86
N ASP D 28 -41.83 -57.34 47.78
CA ASP D 28 -43.08 -57.05 48.50
C ASP D 28 -44.09 -56.10 47.86
N ILE D 29 -43.95 -55.77 46.58
CA ILE D 29 -44.97 -54.91 45.95
C ILE D 29 -46.19 -55.77 45.63
N ILE D 30 -45.92 -57.02 45.25
CA ILE D 30 -46.96 -57.99 44.97
C ILE D 30 -47.33 -58.80 46.20
N GLN D 31 -48.55 -59.34 46.22
CA GLN D 31 -49.05 -60.11 47.35
C GLN D 31 -48.94 -61.63 47.14
N LEU D 32 -47.74 -62.17 47.37
CA LEU D 32 -47.52 -63.60 47.16
C LEU D 32 -48.17 -64.45 48.23
N PRO D 33 -48.96 -65.45 47.81
CA PRO D 33 -49.48 -66.47 48.72
C PRO D 33 -48.35 -67.34 49.23
N GLN D 34 -48.13 -67.30 50.54
CA GLN D 34 -47.08 -68.09 51.15
C GLN D 34 -47.33 -68.18 52.64
N ILE D 35 -46.51 -68.97 53.32
CA ILE D 35 -46.65 -69.12 54.75
C ILE D 35 -45.38 -68.57 55.39
N VAL D 36 -45.55 -67.69 56.36
CA VAL D 36 -44.40 -67.16 57.07
C VAL D 36 -44.38 -67.79 58.44
N VAL D 37 -43.19 -68.23 58.86
CA VAL D 37 -43.05 -68.87 60.15
C VAL D 37 -42.54 -67.87 61.17
N VAL D 38 -43.33 -67.63 62.22
CA VAL D 38 -42.96 -66.62 63.20
C VAL D 38 -42.85 -67.34 64.53
N GLY D 39 -41.74 -67.12 65.22
CA GLY D 39 -41.53 -67.72 66.53
C GLY D 39 -40.41 -67.06 67.30
N THR D 40 -40.42 -67.19 68.61
CA THR D 40 -39.28 -66.79 69.41
C THR D 40 -38.16 -67.81 69.21
N GLN D 41 -36.92 -67.37 69.38
CA GLN D 41 -35.76 -68.26 69.22
C GLN D 41 -35.83 -69.50 70.12
N SER D 42 -36.51 -69.37 71.26
CA SER D 42 -36.60 -70.45 72.22
C SER D 42 -37.79 -71.36 71.96
N SER D 43 -38.59 -71.03 70.95
CA SER D 43 -39.79 -71.81 70.64
C SER D 43 -39.43 -73.12 69.96
N GLY D 44 -38.20 -73.21 69.47
CA GLY D 44 -37.73 -74.41 68.80
C GLY D 44 -38.30 -74.52 67.39
N LYS D 45 -38.53 -73.37 66.76
CA LYS D 45 -39.10 -73.36 65.42
C LYS D 45 -38.20 -73.98 64.37
N SER D 46 -36.89 -73.93 64.60
CA SER D 46 -35.92 -74.52 63.69
C SER D 46 -36.17 -76.01 63.62
N SER D 47 -36.48 -76.59 64.78
CA SER D 47 -36.73 -78.01 64.87
C SER D 47 -37.96 -78.39 64.02
N VAL D 48 -38.97 -77.52 64.00
CA VAL D 48 -40.19 -77.74 63.21
C VAL D 48 -39.88 -77.90 61.72
N LEU D 49 -39.08 -76.98 61.17
CA LEU D 49 -38.73 -77.05 59.75
C LEU D 49 -37.87 -78.28 59.53
N GLU D 50 -36.95 -78.55 60.45
CA GLU D 50 -36.10 -79.72 60.29
C GLU D 50 -36.89 -81.02 60.37
N SER D 51 -38.01 -81.01 61.08
CA SER D 51 -38.82 -82.22 61.14
C SER D 51 -39.64 -82.41 59.87
N LEU D 52 -39.85 -81.32 59.13
CA LEU D 52 -40.55 -81.36 57.86
C LEU D 52 -39.66 -82.00 56.81
N VAL D 53 -38.44 -81.47 56.68
CA VAL D 53 -37.47 -81.95 55.69
C VAL D 53 -36.99 -83.36 56.01
N GLY D 54 -36.87 -83.68 57.29
CA GLY D 54 -36.42 -84.98 57.74
C GLY D 54 -34.91 -85.14 57.91
N ARG D 55 -34.20 -84.01 57.96
CA ARG D 55 -32.75 -84.00 58.18
C ARG D 55 -32.36 -82.74 58.93
N ASP D 56 -31.29 -82.81 59.71
CA ASP D 56 -30.76 -81.61 60.36
C ASP D 56 -29.92 -80.81 59.37
N LEU D 57 -30.51 -79.77 58.79
CA LEU D 57 -29.81 -78.94 57.81
C LEU D 57 -29.79 -77.47 58.20
N LEU D 58 -30.46 -77.12 59.30
CA LEU D 58 -30.45 -75.74 59.78
C LEU D 58 -29.37 -75.55 60.82
N PRO D 59 -28.72 -74.37 60.81
CA PRO D 59 -27.64 -74.08 61.76
C PRO D 59 -28.16 -73.94 63.19
N VAL D 65 -26.36 -67.98 64.19
CA VAL D 65 -27.79 -67.75 64.14
C VAL D 65 -28.12 -67.11 62.78
N THR D 66 -29.39 -67.08 62.39
CA THR D 66 -29.79 -66.54 61.11
C THR D 66 -30.38 -65.15 61.23
N ARG D 67 -29.91 -64.26 60.36
CA ARG D 67 -30.28 -62.84 60.40
C ARG D 67 -31.09 -62.46 59.16
N ARG D 68 -31.35 -63.44 58.30
CA ARG D 68 -32.11 -63.23 57.08
C ARG D 68 -33.17 -64.30 56.87
N PRO D 69 -34.34 -63.90 56.33
CA PRO D 69 -35.43 -64.84 56.05
C PRO D 69 -34.97 -65.96 55.12
N LEU D 70 -35.27 -67.20 55.49
CA LEU D 70 -34.88 -68.34 54.69
C LEU D 70 -36.13 -68.95 54.08
N ILE D 71 -36.25 -68.87 52.77
CA ILE D 71 -37.38 -69.41 52.03
C ILE D 71 -37.04 -70.85 51.69
N LEU D 72 -37.66 -71.78 52.42
CA LEU D 72 -37.38 -73.20 52.27
C LEU D 72 -38.47 -73.83 51.43
N GLN D 73 -38.06 -74.23 50.23
CA GLN D 73 -38.95 -74.82 49.25
C GLN D 73 -38.73 -76.33 49.20
N LEU D 74 -39.69 -77.10 49.71
CA LEU D 74 -39.58 -78.55 49.73
C LEU D 74 -40.29 -79.16 48.53
N VAL D 75 -39.63 -80.08 47.83
CA VAL D 75 -40.22 -80.68 46.65
C VAL D 75 -40.15 -82.20 46.62
N HIS D 76 -41.32 -82.84 46.59
CA HIS D 76 -41.42 -84.30 46.57
C HIS D 76 -40.70 -84.75 45.29
N VAL D 77 -39.88 -85.79 45.35
CA VAL D 77 -39.17 -86.17 44.14
C VAL D 77 -39.62 -87.52 43.58
N SER D 78 -39.77 -88.54 44.41
CA SER D 78 -40.31 -89.81 43.93
C SER D 78 -41.81 -89.66 43.65
N GLU D 95 -30.33 -89.87 46.46
CA GLU D 95 -31.78 -89.84 46.56
C GLU D 95 -32.27 -88.46 47.02
N GLU D 96 -31.45 -87.80 47.82
CA GLU D 96 -31.80 -86.49 48.36
C GLU D 96 -30.73 -85.45 48.02
N TRP D 97 -31.19 -84.24 47.69
CA TRP D 97 -30.31 -83.16 47.30
C TRP D 97 -30.93 -81.75 47.35
N GLY D 98 -30.04 -80.75 47.36
CA GLY D 98 -30.39 -79.34 47.46
C GLY D 98 -29.86 -78.32 46.47
N LYS D 99 -30.55 -77.18 46.38
CA LYS D 99 -30.11 -76.09 45.51
C LYS D 99 -30.48 -74.71 46.08
N PHE D 100 -29.55 -73.76 45.97
CA PHE D 100 -29.77 -72.38 46.40
C PHE D 100 -29.99 -71.52 45.16
N LEU D 101 -30.67 -70.39 45.31
CA LEU D 101 -30.89 -69.48 44.19
C LEU D 101 -29.61 -68.78 43.71
N HIS D 102 -28.77 -68.45 44.67
CA HIS D 102 -27.53 -67.76 44.43
C HIS D 102 -26.39 -68.65 43.89
N THR D 103 -26.35 -69.90 44.31
CA THR D 103 -25.40 -70.88 43.76
C THR D 103 -25.86 -71.38 42.39
N LYS D 104 -27.07 -71.01 42.00
CA LYS D 104 -27.65 -71.41 40.71
C LYS D 104 -27.70 -72.92 40.49
N ASN D 105 -27.01 -73.39 39.45
CA ASN D 105 -26.95 -74.82 39.12
C ASN D 105 -26.08 -75.71 40.01
N LYS D 106 -25.27 -75.11 40.89
CA LYS D 106 -24.36 -75.89 41.73
C LYS D 106 -25.27 -76.73 42.65
N LEU D 107 -25.06 -78.04 42.67
CA LEU D 107 -25.93 -78.95 43.43
C LEU D 107 -25.30 -79.47 44.70
N TYR D 108 -25.98 -79.26 45.83
CA TYR D 108 -25.47 -79.75 47.09
C TYR D 108 -26.08 -81.12 47.35
N THR D 109 -25.23 -82.10 47.63
CA THR D 109 -25.70 -83.45 47.95
C THR D 109 -25.30 -83.80 49.37
N ASP D 110 -24.44 -82.96 49.95
CA ASP D 110 -23.99 -83.13 51.31
C ASP D 110 -24.70 -82.05 52.13
N PHE D 111 -25.57 -82.48 53.04
CA PHE D 111 -26.35 -81.53 53.84
C PHE D 111 -25.54 -80.73 54.85
N ASP D 112 -24.33 -81.20 55.16
CA ASP D 112 -23.46 -80.45 56.06
C ASP D 112 -22.95 -79.19 55.38
N GLU D 113 -22.82 -79.24 54.06
CA GLU D 113 -22.37 -78.08 53.29
C GLU D 113 -23.51 -77.06 53.15
N ILE D 114 -24.73 -77.56 53.09
CA ILE D 114 -25.92 -76.73 53.01
C ILE D 114 -26.08 -75.81 54.22
N ARG D 115 -25.93 -76.38 55.42
CA ARG D 115 -26.04 -75.59 56.64
C ARG D 115 -24.99 -74.48 56.66
N GLN D 116 -23.78 -74.85 56.24
CA GLN D 116 -22.65 -73.93 56.19
C GLN D 116 -22.87 -72.77 55.22
N GLU D 117 -23.59 -73.02 54.13
CA GLU D 117 -23.84 -71.95 53.17
C GLU D 117 -24.85 -70.98 53.75
N ILE D 118 -25.82 -71.49 54.50
CA ILE D 118 -26.79 -70.64 55.17
C ILE D 118 -26.06 -69.76 56.17
N GLU D 119 -25.15 -70.36 56.93
CA GLU D 119 -24.35 -69.62 57.90
C GLU D 119 -23.48 -68.58 57.22
N ASN D 120 -22.84 -68.99 56.12
CA ASN D 120 -21.95 -68.14 55.34
C ASN D 120 -22.65 -66.96 54.66
N GLU D 121 -23.75 -67.26 53.98
CA GLU D 121 -24.54 -66.27 53.27
C GLU D 121 -25.08 -65.22 54.24
N THR D 122 -25.38 -65.65 55.46
CA THR D 122 -25.88 -64.75 56.48
C THR D 122 -24.81 -63.76 56.94
N GLU D 123 -23.62 -64.25 57.26
CA GLU D 123 -22.54 -63.37 57.69
C GLU D 123 -22.09 -62.34 56.65
N ARG D 124 -22.05 -62.74 55.38
CA ARG D 124 -21.67 -61.86 54.29
C ARG D 124 -22.50 -60.58 54.28
N VAL D 132 -29.47 -57.59 61.02
CA VAL D 132 -30.49 -58.19 60.18
C VAL D 132 -30.58 -57.52 58.80
N SER D 133 -31.07 -58.26 57.82
CA SER D 133 -31.26 -57.75 56.46
C SER D 133 -32.52 -58.38 55.88
N PRO D 134 -33.28 -57.61 55.09
CA PRO D 134 -34.54 -58.11 54.54
C PRO D 134 -34.41 -59.03 53.32
N GLU D 135 -33.21 -59.11 52.73
CA GLU D 135 -32.99 -59.94 51.55
C GLU D 135 -33.01 -61.44 51.87
N PRO D 136 -33.99 -62.17 51.31
CA PRO D 136 -34.20 -63.60 51.55
C PRO D 136 -33.20 -64.55 50.87
N ILE D 137 -33.14 -65.78 51.39
CA ILE D 137 -32.31 -66.85 50.87
C ILE D 137 -33.22 -67.99 50.40
N HIS D 138 -33.01 -68.46 49.17
CA HIS D 138 -33.94 -69.42 48.56
C HIS D 138 -33.32 -70.80 48.38
N LEU D 139 -33.64 -71.67 49.34
CA LEU D 139 -33.09 -73.02 49.42
C LEU D 139 -34.16 -74.03 49.05
N LYS D 140 -33.84 -74.88 48.08
CA LYS D 140 -34.75 -75.91 47.61
C LYS D 140 -34.18 -77.26 47.97
N ILE D 141 -35.01 -78.12 48.55
CA ILE D 141 -34.54 -79.44 48.95
C ILE D 141 -35.42 -80.45 48.22
N PHE D 142 -34.77 -81.38 47.53
CA PHE D 142 -35.47 -82.43 46.82
C PHE D 142 -35.32 -83.73 47.60
N SER D 143 -36.43 -84.41 47.84
CA SER D 143 -36.42 -85.64 48.63
C SER D 143 -37.71 -86.40 48.43
N PRO D 144 -37.63 -87.75 48.46
CA PRO D 144 -38.83 -88.58 48.36
C PRO D 144 -39.52 -88.70 49.72
N ASN D 145 -38.82 -88.31 50.78
CA ASN D 145 -39.34 -88.41 52.13
C ASN D 145 -40.12 -87.18 52.60
N VAL D 146 -40.21 -86.17 51.75
CA VAL D 146 -40.88 -84.93 52.11
C VAL D 146 -42.08 -84.69 51.19
N VAL D 147 -43.04 -83.89 51.66
CA VAL D 147 -44.18 -83.51 50.84
C VAL D 147 -43.91 -82.15 50.20
N ASN D 148 -44.66 -81.81 49.18
CA ASN D 148 -44.51 -80.51 48.51
C ASN D 148 -45.09 -79.40 49.36
N LEU D 149 -44.23 -78.47 49.79
CA LEU D 149 -44.64 -77.41 50.69
C LEU D 149 -43.53 -76.37 50.66
N THR D 150 -43.91 -75.10 50.78
CA THR D 150 -42.94 -74.01 50.84
C THR D 150 -43.25 -73.12 52.04
N LEU D 151 -42.20 -72.70 52.75
CA LEU D 151 -42.36 -71.88 53.94
C LEU D 151 -41.28 -70.81 54.00
N VAL D 152 -41.64 -69.63 54.52
CA VAL D 152 -40.67 -68.57 54.67
C VAL D 152 -40.34 -68.37 56.16
N ASP D 153 -39.16 -68.82 56.56
CA ASP D 153 -38.73 -68.72 57.95
C ASP D 153 -38.23 -67.30 58.21
N LEU D 154 -38.52 -66.76 59.38
CA LEU D 154 -38.04 -65.43 59.73
C LEU D 154 -37.22 -65.51 61.01
N PRO D 155 -36.25 -64.59 61.18
CA PRO D 155 -35.42 -64.55 62.39
C PRO D 155 -36.24 -64.49 63.66
N GLY D 156 -35.84 -65.25 64.68
CA GLY D 156 -36.60 -65.31 65.91
C GLY D 156 -36.40 -64.15 66.85
N MET D 157 -37.48 -63.81 67.57
CA MET D 157 -37.45 -62.77 68.59
C MET D 157 -37.01 -63.38 69.92
N THR D 158 -36.47 -62.57 70.81
CA THR D 158 -36.03 -63.08 72.12
C THR D 158 -36.50 -62.28 73.33
N LYS D 159 -37.57 -61.51 73.19
CA LYS D 159 -38.04 -60.68 74.29
C LYS D 159 -38.61 -61.45 75.49
N VAL D 160 -38.19 -61.04 76.69
CA VAL D 160 -36.96 -60.29 76.89
C VAL D 160 -36.17 -60.84 78.08
N PRO D 166 -36.77 -53.77 73.47
CA PRO D 166 -36.00 -52.62 73.98
C PRO D 166 -34.67 -52.43 73.26
N LYS D 167 -34.03 -53.53 72.90
CA LYS D 167 -32.76 -53.48 72.20
C LYS D 167 -32.98 -53.36 70.69
N ASP D 168 -32.14 -52.55 70.04
CA ASP D 168 -32.29 -52.26 68.62
C ASP D 168 -32.08 -53.47 67.70
N ILE D 169 -31.73 -54.63 68.23
CA ILE D 169 -31.70 -55.78 67.32
C ILE D 169 -33.13 -56.32 67.35
N GLU D 170 -33.72 -56.40 68.55
CA GLU D 170 -35.07 -56.89 68.75
C GLU D 170 -36.09 -56.10 67.94
N LEU D 171 -35.92 -54.78 67.85
CA LEU D 171 -36.88 -53.96 67.11
C LEU D 171 -36.74 -54.08 65.61
N GLN D 172 -35.51 -54.21 65.15
CA GLN D 172 -35.22 -54.40 63.73
C GLN D 172 -35.85 -55.70 63.27
N ILE D 173 -35.65 -56.75 64.07
CA ILE D 173 -36.19 -58.07 63.79
C ILE D 173 -37.72 -58.05 63.80
N ARG D 174 -38.28 -57.48 64.87
CA ARG D 174 -39.73 -57.39 65.02
C ARG D 174 -40.29 -56.63 63.83
N GLU D 175 -39.61 -55.55 63.43
CA GLU D 175 -40.03 -54.73 62.30
C GLU D 175 -40.01 -55.54 61.01
N LEU D 176 -39.00 -56.38 60.85
CA LEU D 176 -38.87 -57.23 59.69
C LEU D 176 -39.98 -58.28 59.59
N ILE D 177 -40.26 -58.94 60.70
CA ILE D 177 -41.33 -59.92 60.74
C ILE D 177 -42.65 -59.25 60.32
N LEU D 178 -42.87 -58.03 60.81
CA LEU D 178 -44.10 -57.32 60.50
C LEU D 178 -44.22 -56.99 59.01
N ARG D 179 -43.09 -56.71 58.37
CA ARG D 179 -43.05 -56.40 56.94
C ARG D 179 -43.60 -57.53 56.08
N PHE D 180 -43.31 -58.75 56.50
CA PHE D 180 -43.76 -59.96 55.82
C PHE D 180 -45.19 -60.35 56.18
N ILE D 181 -45.49 -60.46 57.47
CA ILE D 181 -46.80 -60.96 57.89
C ILE D 181 -47.91 -59.92 57.73
N SER D 182 -47.53 -58.71 57.36
CA SER D 182 -48.50 -57.67 57.03
C SER D 182 -49.13 -57.93 55.67
N ASN D 183 -48.57 -58.87 54.93
CA ASN D 183 -49.11 -59.21 53.61
C ASN D 183 -50.46 -59.88 53.84
N PRO D 184 -51.50 -59.36 53.17
CA PRO D 184 -52.87 -59.88 53.31
C PRO D 184 -52.99 -61.36 52.98
N ASN D 185 -52.25 -61.79 51.96
CA ASN D 185 -52.29 -63.18 51.50
C ASN D 185 -51.30 -64.10 52.23
N SER D 186 -50.66 -63.58 53.26
CA SER D 186 -49.66 -64.32 54.03
C SER D 186 -50.31 -65.06 55.20
N ILE D 187 -50.24 -66.38 55.18
CA ILE D 187 -50.75 -67.17 56.28
C ILE D 187 -49.62 -67.19 57.31
N ILE D 188 -49.98 -67.13 58.59
CA ILE D 188 -48.98 -67.07 59.64
C ILE D 188 -48.89 -68.37 60.43
N LEU D 189 -47.70 -68.96 60.43
CA LEU D 189 -47.44 -70.17 61.19
C LEU D 189 -46.76 -69.73 62.48
N ALA D 190 -47.54 -69.61 63.55
CA ALA D 190 -47.03 -69.14 64.84
C ALA D 190 -46.57 -70.31 65.70
N VAL D 191 -45.27 -70.36 65.97
CA VAL D 191 -44.68 -71.47 66.71
C VAL D 191 -44.38 -71.09 68.16
N THR D 192 -44.91 -71.88 69.09
CA THR D 192 -44.69 -71.65 70.52
C THR D 192 -44.37 -72.96 71.22
N ALA D 193 -43.49 -72.90 72.21
CA ALA D 193 -43.11 -74.08 72.98
C ALA D 193 -44.17 -74.30 74.05
N ALA D 194 -44.49 -75.57 74.31
CA ALA D 194 -45.45 -75.94 75.34
C ALA D 194 -44.91 -75.59 76.72
N ASN D 195 -43.58 -75.47 76.77
CA ASN D 195 -42.84 -75.11 77.97
C ASN D 195 -43.38 -73.88 78.71
N THR D 196 -43.76 -72.86 77.95
CA THR D 196 -44.22 -71.60 78.52
C THR D 196 -45.74 -71.43 78.52
N ASP D 197 -46.19 -70.23 78.91
CA ASP D 197 -47.61 -69.88 78.99
C ASP D 197 -48.11 -69.44 77.61
N MET D 198 -49.07 -70.18 77.07
CA MET D 198 -49.50 -69.92 75.70
C MET D 198 -50.15 -68.55 75.44
N ALA D 199 -50.80 -68.02 76.47
CA ALA D 199 -51.43 -66.70 76.36
C ALA D 199 -50.45 -65.53 76.24
N THR D 200 -49.23 -65.70 76.73
CA THR D 200 -48.24 -64.64 76.68
C THR D 200 -47.20 -64.85 75.59
N SER D 201 -47.48 -65.76 74.67
CA SER D 201 -46.53 -66.06 73.62
C SER D 201 -46.30 -64.88 72.70
N GLU D 202 -45.03 -64.52 72.54
CA GLU D 202 -44.59 -63.44 71.68
C GLU D 202 -45.01 -63.61 70.22
N ALA D 203 -45.01 -64.84 69.72
CA ALA D 203 -45.34 -65.04 68.31
C ALA D 203 -46.81 -64.73 68.04
N LEU D 204 -47.71 -65.22 68.90
CA LEU D 204 -49.14 -64.98 68.68
C LEU D 204 -49.48 -63.52 68.92
N LYS D 205 -48.73 -62.87 69.80
CA LYS D 205 -48.99 -61.46 70.10
C LYS D 205 -48.61 -60.57 68.93
N ILE D 206 -47.47 -60.81 68.30
CA ILE D 206 -47.09 -59.98 67.16
C ILE D 206 -48.00 -60.27 65.96
N SER D 207 -48.48 -61.51 65.85
CA SER D 207 -49.39 -61.91 64.78
C SER D 207 -50.76 -61.24 64.93
N ARG D 208 -51.19 -61.09 66.18
CA ARG D 208 -52.45 -60.46 66.54
C ARG D 208 -52.43 -58.96 66.25
N GLU D 209 -51.23 -58.40 66.29
CA GLU D 209 -50.99 -57.00 66.00
C GLU D 209 -51.38 -56.73 64.55
N VAL D 210 -51.11 -57.67 63.65
CA VAL D 210 -51.43 -57.48 62.25
C VAL D 210 -52.71 -58.23 61.85
N ASP D 211 -53.02 -59.30 62.58
CA ASP D 211 -54.26 -60.05 62.34
C ASP D 211 -54.97 -60.33 63.67
N PRO D 212 -55.84 -59.41 64.09
CA PRO D 212 -56.54 -59.42 65.39
C PRO D 212 -57.37 -60.66 65.73
N ASP D 213 -58.24 -61.09 64.82
CA ASP D 213 -59.13 -62.22 65.08
C ASP D 213 -58.55 -63.62 64.89
N GLY D 214 -57.41 -63.71 64.23
CA GLY D 214 -56.76 -64.99 63.99
C GLY D 214 -57.37 -65.76 62.85
N ARG D 215 -57.78 -65.03 61.82
CA ARG D 215 -58.42 -65.61 60.65
C ARG D 215 -57.43 -66.24 59.68
N ARG D 216 -56.15 -65.88 59.79
CA ARG D 216 -55.15 -66.44 58.90
C ARG D 216 -53.87 -66.86 59.63
N THR D 217 -54.03 -67.36 60.84
CA THR D 217 -52.89 -67.81 61.63
C THR D 217 -53.10 -69.25 62.09
N LEU D 218 -52.13 -70.11 61.80
CA LEU D 218 -52.20 -71.49 62.25
C LEU D 218 -51.15 -71.64 63.33
N ALA D 219 -51.56 -72.10 64.50
CA ALA D 219 -50.63 -72.23 65.63
C ALA D 219 -50.00 -73.62 65.72
N VAL D 220 -48.71 -73.65 66.03
CA VAL D 220 -47.98 -74.90 66.24
C VAL D 220 -47.33 -74.89 67.62
N ILE D 221 -47.57 -75.94 68.40
CA ILE D 221 -47.00 -76.03 69.74
C ILE D 221 -45.96 -77.13 69.85
N THR D 222 -44.74 -76.71 70.16
CA THR D 222 -43.60 -77.61 70.28
C THR D 222 -43.22 -77.90 71.73
N LYS D 223 -42.24 -78.80 71.90
CA LYS D 223 -41.71 -79.19 73.20
C LYS D 223 -42.82 -79.70 74.10
N LEU D 224 -43.79 -80.37 73.48
CA LEU D 224 -44.94 -80.92 74.18
C LEU D 224 -44.61 -81.94 75.27
N ASP D 225 -43.53 -82.71 75.10
CA ASP D 225 -43.19 -83.70 76.12
C ASP D 225 -42.56 -83.07 77.36
N LEU D 226 -42.27 -81.77 77.27
CA LEU D 226 -41.66 -81.03 78.36
C LEU D 226 -42.72 -80.24 79.10
N MET D 227 -43.34 -80.84 80.12
CA MET D 227 -44.36 -80.11 80.86
C MET D 227 -43.99 -79.99 82.34
N ASP D 228 -44.20 -78.78 82.87
CA ASP D 228 -43.91 -78.48 84.26
C ASP D 228 -44.84 -79.28 85.18
N ALA D 229 -44.37 -79.58 86.38
CA ALA D 229 -45.12 -80.28 87.44
C ALA D 229 -46.09 -81.40 87.04
N GLY D 230 -46.00 -81.90 85.82
CA GLY D 230 -46.93 -82.91 85.38
C GLY D 230 -48.21 -82.23 84.95
N THR D 231 -48.16 -80.90 84.90
CA THR D 231 -49.25 -80.10 84.40
C THR D 231 -49.42 -80.41 82.92
N ASP D 232 -50.53 -79.98 82.34
CA ASP D 232 -50.79 -80.28 80.94
C ASP D 232 -51.57 -79.21 80.19
N ALA D 233 -51.21 -79.06 78.92
CA ALA D 233 -51.81 -78.09 78.00
C ALA D 233 -52.83 -78.79 77.10
N MET D 234 -53.50 -79.79 77.66
CA MET D 234 -54.58 -80.53 76.99
C MET D 234 -55.61 -79.59 76.39
N ASP D 235 -55.99 -78.58 77.16
CA ASP D 235 -57.01 -77.62 76.76
C ASP D 235 -56.68 -76.75 75.54
N VAL D 236 -55.42 -76.35 75.35
CA VAL D 236 -55.06 -75.57 74.18
C VAL D 236 -54.99 -76.45 72.93
N LEU D 237 -54.39 -77.62 73.06
CA LEU D 237 -54.22 -78.55 71.95
C LEU D 237 -55.58 -79.02 71.44
N MET D 238 -56.55 -79.03 72.35
CA MET D 238 -57.91 -79.43 72.01
C MET D 238 -58.72 -78.30 71.36
N GLY D 239 -58.13 -77.11 71.27
CA GLY D 239 -58.80 -76.04 70.57
C GLY D 239 -59.56 -75.05 71.42
N ARG D 240 -59.26 -74.96 72.71
CA ARG D 240 -60.04 -74.12 73.61
C ARG D 240 -59.33 -72.92 74.23
N VAL D 241 -58.01 -72.80 74.04
CA VAL D 241 -57.26 -71.71 74.66
C VAL D 241 -56.68 -70.73 73.64
N ILE D 242 -56.27 -71.25 72.50
CA ILE D 242 -55.60 -70.46 71.48
C ILE D 242 -56.62 -69.80 70.54
N PRO D 243 -56.57 -68.46 70.46
CA PRO D 243 -57.44 -67.55 69.71
C PRO D 243 -57.34 -67.58 68.18
N VAL D 244 -56.70 -68.61 67.60
CA VAL D 244 -56.60 -68.67 66.14
C VAL D 244 -57.64 -69.61 65.53
N LYS D 245 -58.02 -69.32 64.28
CA LYS D 245 -59.07 -70.06 63.58
C LYS D 245 -58.57 -71.22 62.73
N LEU D 246 -57.37 -71.08 62.17
CA LEU D 246 -56.72 -72.13 61.39
C LEU D 246 -56.30 -73.34 62.22
N GLY D 247 -56.64 -73.30 63.51
CA GLY D 247 -56.40 -74.38 64.43
C GLY D 247 -54.98 -74.55 64.95
N ILE D 248 -54.78 -75.62 65.72
CA ILE D 248 -53.49 -75.91 66.35
C ILE D 248 -53.00 -77.31 66.03
N ILE D 249 -51.68 -77.46 65.95
CA ILE D 249 -51.08 -78.76 65.74
C ILE D 249 -49.99 -78.92 66.79
N GLY D 250 -50.01 -80.04 67.49
CA GLY D 250 -49.00 -80.34 68.49
C GLY D 250 -47.91 -81.19 67.89
N VAL D 251 -46.67 -80.94 68.29
CA VAL D 251 -45.55 -81.73 67.83
C VAL D 251 -44.53 -81.95 68.93
N VAL D 252 -43.68 -82.93 68.70
CA VAL D 252 -42.49 -83.17 69.52
C VAL D 252 -41.33 -83.34 68.55
N ASN D 253 -40.31 -82.53 68.75
CA ASN D 253 -39.16 -82.55 67.86
C ASN D 253 -38.02 -83.28 68.51
N ARG D 254 -36.88 -83.31 67.84
CA ARG D 254 -35.70 -83.86 68.44
C ARG D 254 -35.33 -82.84 69.48
N SER D 255 -35.02 -83.29 70.69
CA SER D 255 -34.63 -82.35 71.71
C SER D 255 -33.13 -82.21 71.54
N GLN D 256 -32.55 -81.14 72.10
CA GLN D 256 -31.14 -80.87 71.90
C GLN D 256 -30.24 -81.95 72.47
N LEU D 257 -30.56 -82.43 73.66
CA LEU D 257 -29.72 -83.44 74.29
C LEU D 257 -29.89 -84.77 73.55
N ASP D 258 -30.85 -84.79 72.64
CA ASP D 258 -31.11 -85.96 71.82
C ASP D 258 -30.31 -85.86 70.54
N ILE D 259 -29.70 -84.69 70.30
CA ILE D 259 -28.87 -84.51 69.12
C ILE D 259 -27.58 -85.27 69.34
N ASN D 260 -27.07 -85.15 70.56
CA ASN D 260 -26.02 -85.99 71.07
C ASN D 260 -26.84 -87.23 71.40
N ASN D 261 -26.23 -88.41 71.53
CA ASN D 261 -27.02 -89.60 71.83
C ASN D 261 -28.05 -89.63 70.72
N LYS D 262 -27.56 -89.51 69.50
CA LYS D 262 -28.33 -89.13 68.32
C LYS D 262 -29.24 -90.15 67.64
N LYS D 263 -30.50 -90.16 68.04
CA LYS D 263 -31.53 -90.95 67.39
C LYS D 263 -31.92 -90.20 66.12
N SER D 264 -31.73 -90.85 64.97
CA SER D 264 -32.02 -90.26 63.66
C SER D 264 -33.41 -89.64 63.59
N VAL D 265 -33.53 -88.59 62.78
CA VAL D 265 -34.78 -87.82 62.63
C VAL D 265 -35.97 -88.69 62.24
N THR D 266 -35.70 -89.69 61.41
CA THR D 266 -36.74 -90.59 60.93
C THR D 266 -37.35 -91.34 62.11
N ASP D 267 -36.48 -91.76 63.02
CA ASP D 267 -36.88 -92.45 64.24
C ASP D 267 -37.60 -91.54 65.24
N SER D 268 -37.13 -90.29 65.33
CA SER D 268 -37.72 -89.30 66.23
C SER D 268 -39.17 -88.99 65.93
N ILE D 269 -39.53 -88.88 64.66
CA ILE D 269 -40.92 -88.58 64.32
C ILE D 269 -41.76 -89.82 64.66
N ARG D 270 -41.14 -90.99 64.58
CA ARG D 270 -41.79 -92.25 64.91
C ARG D 270 -41.93 -92.28 66.43
N ASP D 271 -40.87 -91.83 67.10
CA ASP D 271 -40.79 -91.73 68.55
C ASP D 271 -41.88 -90.79 69.05
N GLU D 272 -42.13 -89.74 68.28
CA GLU D 272 -43.13 -88.74 68.62
C GLU D 272 -44.56 -89.27 68.55
N TYR D 273 -44.84 -90.12 67.57
CA TYR D 273 -46.18 -90.67 67.42
C TYR D 273 -46.57 -91.56 68.60
N ALA D 274 -45.66 -92.41 69.05
CA ALA D 274 -45.94 -93.28 70.20
C ALA D 274 -46.29 -92.43 71.41
N PHE D 275 -45.52 -91.36 71.63
CA PHE D 275 -45.73 -90.44 72.75
C PHE D 275 -47.15 -89.90 72.67
N LEU D 276 -47.47 -89.44 71.46
CA LEU D 276 -48.73 -88.82 71.09
C LEU D 276 -49.87 -89.85 71.12
N GLN D 277 -49.56 -91.07 70.71
CA GLN D 277 -50.49 -92.18 70.72
C GLN D 277 -50.91 -92.56 72.15
N LYS D 278 -50.04 -92.34 73.12
CA LYS D 278 -50.32 -92.71 74.51
C LYS D 278 -50.88 -91.55 75.33
N LYS D 279 -50.14 -90.44 75.41
CA LYS D 279 -50.69 -89.24 76.03
C LYS D 279 -51.44 -88.47 74.95
N TYR D 280 -52.60 -87.91 75.31
CA TYR D 280 -53.52 -87.29 74.35
C TYR D 280 -54.01 -88.27 73.28
N PRO D 281 -54.54 -89.43 73.71
CA PRO D 281 -54.96 -90.43 72.70
C PRO D 281 -56.05 -90.03 71.70
N SER D 282 -57.08 -89.33 72.18
CA SER D 282 -58.21 -88.93 71.33
C SER D 282 -57.88 -87.87 70.27
N LEU D 283 -56.69 -87.28 70.32
CA LEU D 283 -56.35 -86.25 69.35
C LEU D 283 -55.16 -86.62 68.47
N ALA D 284 -54.61 -87.81 68.66
CA ALA D 284 -53.40 -88.24 67.95
C ALA D 284 -53.46 -88.06 66.43
N ASN D 285 -54.63 -88.30 65.86
CA ASN D 285 -54.86 -88.20 64.41
C ASN D 285 -54.87 -86.77 63.86
N ARG D 286 -54.92 -85.79 64.75
CA ARG D 286 -54.88 -84.38 64.34
C ARG D 286 -53.60 -83.68 64.81
N ASN D 287 -52.60 -84.45 65.20
CA ASN D 287 -51.33 -83.89 65.63
C ASN D 287 -50.13 -84.70 65.16
N GLY D 288 -48.94 -84.19 65.44
CA GLY D 288 -47.71 -84.86 65.06
C GLY D 288 -47.10 -84.26 63.81
N THR D 289 -45.81 -84.52 63.60
CA THR D 289 -45.08 -83.95 62.48
C THR D 289 -45.60 -84.37 61.10
N LYS D 290 -45.88 -85.66 60.94
CA LYS D 290 -46.40 -86.17 59.68
C LYS D 290 -47.72 -85.50 59.32
N TYR D 291 -48.60 -85.34 60.30
CA TYR D 291 -49.89 -84.71 60.06
C TYR D 291 -49.77 -83.23 59.72
N LEU D 292 -48.86 -82.54 60.41
CA LEU D 292 -48.64 -81.13 60.16
C LEU D 292 -48.19 -80.87 58.72
N ALA D 293 -47.32 -81.72 58.20
CA ALA D 293 -46.85 -81.53 56.84
C ALA D 293 -47.99 -81.67 55.84
N ARG D 294 -48.89 -82.61 56.09
CA ARG D 294 -50.01 -82.86 55.18
C ARG D 294 -50.98 -81.68 55.18
N THR D 295 -51.26 -81.15 56.36
CA THR D 295 -52.16 -80.01 56.51
C THR D 295 -51.61 -78.75 55.86
N LEU D 296 -50.34 -78.43 56.10
CA LEU D 296 -49.76 -77.25 55.50
C LEU D 296 -49.75 -77.40 53.99
N ASN D 297 -49.39 -78.59 53.51
CA ASN D 297 -49.36 -78.88 52.08
C ASN D 297 -50.74 -78.72 51.46
N ARG D 298 -51.74 -79.20 52.19
CA ARG D 298 -53.12 -79.16 51.76
C ARG D 298 -53.62 -77.72 51.79
N LEU D 299 -53.38 -77.05 52.92
CA LEU D 299 -53.81 -75.67 53.13
C LEU D 299 -53.13 -74.67 52.20
N LEU D 300 -51.85 -74.87 51.94
CA LEU D 300 -51.11 -73.98 51.06
C LEU D 300 -51.64 -74.07 49.64
N MET D 301 -51.84 -75.30 49.16
CA MET D 301 -52.34 -75.52 47.82
C MET D 301 -53.68 -74.84 47.53
N HIS D 302 -54.64 -75.02 48.43
CA HIS D 302 -55.96 -74.41 48.26
C HIS D 302 -55.89 -72.90 48.39
N HIS D 303 -54.99 -72.42 49.23
CA HIS D 303 -54.83 -70.99 49.46
C HIS D 303 -54.28 -70.33 48.21
N ILE D 304 -53.35 -71.01 47.52
CA ILE D 304 -52.77 -70.43 46.32
C ILE D 304 -53.83 -70.38 45.24
N ARG D 305 -54.58 -71.47 45.11
CA ARG D 305 -55.67 -71.56 44.14
C ARG D 305 -56.67 -70.42 44.30
N ASP D 306 -56.97 -70.06 45.55
CA ASP D 306 -57.93 -69.02 45.86
C ASP D 306 -57.53 -67.58 45.49
N CYS D 307 -56.25 -67.25 45.68
CA CYS D 307 -55.76 -65.89 45.47
C CYS D 307 -55.13 -65.67 44.09
N LEU D 308 -54.83 -66.77 43.40
CA LEU D 308 -54.18 -66.71 42.09
C LEU D 308 -54.99 -65.98 41.01
N PRO D 309 -56.31 -66.18 40.93
CA PRO D 309 -57.04 -65.36 39.94
C PRO D 309 -56.81 -63.85 40.09
N GLU D 310 -56.71 -63.39 41.34
CA GLU D 310 -56.46 -61.97 41.62
C GLU D 310 -54.99 -61.61 41.45
N LEU D 311 -54.10 -62.56 41.74
CA LEU D 311 -52.67 -62.35 41.62
C LEU D 311 -52.29 -62.08 40.17
N LYS D 312 -52.89 -62.83 39.26
CA LYS D 312 -52.64 -62.66 37.83
C LYS D 312 -52.98 -61.23 37.43
N THR D 313 -54.17 -60.80 37.82
CA THR D 313 -54.67 -59.46 37.55
C THR D 313 -53.73 -58.40 38.11
N ARG D 314 -53.23 -58.63 39.33
CA ARG D 314 -52.35 -57.66 39.98
C ARG D 314 -51.00 -57.48 39.28
N ILE D 315 -50.40 -58.58 38.84
CA ILE D 315 -49.11 -58.49 38.16
C ILE D 315 -49.27 -57.79 36.82
N ASN D 316 -50.37 -58.08 36.12
CA ASN D 316 -50.66 -57.45 34.85
C ASN D 316 -50.79 -55.94 34.99
N VAL D 317 -51.51 -55.52 36.03
CA VAL D 317 -51.71 -54.10 36.31
C VAL D 317 -50.40 -53.39 36.63
N LEU D 318 -49.62 -53.98 37.54
CA LEU D 318 -48.32 -53.42 37.91
C LEU D 318 -47.40 -53.31 36.71
N ALA D 319 -47.47 -54.30 35.83
CA ALA D 319 -46.65 -54.30 34.62
C ALA D 319 -46.96 -53.06 33.79
N ALA D 320 -48.24 -52.85 33.51
CA ALA D 320 -48.66 -51.68 32.75
C ALA D 320 -48.24 -50.36 33.40
N GLN D 321 -48.38 -50.28 34.72
CA GLN D 321 -48.01 -49.07 35.44
C GLN D 321 -46.52 -48.72 35.33
N TYR D 322 -45.69 -49.72 35.62
CA TYR D 322 -44.24 -49.55 35.57
C TYR D 322 -43.73 -49.24 34.18
N GLN D 323 -44.30 -49.91 33.17
CA GLN D 323 -43.90 -49.67 31.79
C GLN D 323 -44.12 -48.21 31.40
N SER D 324 -45.29 -47.69 31.75
CA SER D 324 -45.61 -46.30 31.46
C SER D 324 -44.66 -45.39 32.25
N LEU D 325 -44.36 -45.81 33.47
CA LEU D 325 -43.47 -45.06 34.34
C LEU D 325 -42.09 -44.98 33.73
N LEU D 326 -41.64 -46.12 33.22
CA LEU D 326 -40.35 -46.24 32.57
C LEU D 326 -40.28 -45.40 31.30
N ASN D 327 -41.39 -45.36 30.55
CA ASN D 327 -41.42 -44.57 29.33
C ASN D 327 -41.37 -43.08 29.62
N SER D 328 -42.09 -42.66 30.67
CA SER D 328 -42.12 -41.27 31.08
C SER D 328 -40.78 -40.85 31.69
N TYR D 329 -40.07 -41.85 32.23
CA TYR D 329 -38.71 -41.62 32.72
C TYR D 329 -37.89 -41.29 31.48
N GLY D 330 -37.23 -40.13 31.52
CA GLY D 330 -36.40 -39.65 30.42
C GLY D 330 -35.58 -40.69 29.69
N LYS D 336 -25.15 -40.64 20.54
CA LYS D 336 -24.84 -39.55 21.45
C LYS D 336 -24.31 -38.32 20.70
N SER D 337 -23.46 -38.57 19.71
CA SER D 337 -22.93 -37.51 18.86
C SER D 337 -24.02 -36.82 18.04
N ALA D 338 -24.96 -37.61 17.55
CA ALA D 338 -26.10 -37.12 16.78
C ALA D 338 -27.06 -36.21 17.56
N THR D 339 -27.30 -36.54 18.82
CA THR D 339 -28.11 -35.70 19.70
C THR D 339 -27.53 -34.31 19.90
N LEU D 340 -26.23 -34.24 20.14
CA LEU D 340 -25.50 -32.97 20.31
C LEU D 340 -25.62 -32.07 19.07
N LEU D 341 -25.57 -32.70 17.90
CA LEU D 341 -25.71 -32.00 16.61
C LEU D 341 -27.08 -31.38 16.47
N GLN D 342 -28.11 -31.99 17.05
CA GLN D 342 -29.49 -31.56 16.86
C GLN D 342 -30.01 -30.84 18.11
N LEU D 343 -29.71 -31.36 19.30
CA LEU D 343 -30.21 -30.70 20.51
C LEU D 343 -29.65 -29.26 20.66
N ILE D 344 -28.39 -29.04 20.32
CA ILE D 344 -27.84 -27.69 20.46
C ILE D 344 -28.09 -26.85 19.22
N THR D 345 -28.24 -27.50 18.07
CA THR D 345 -28.55 -26.78 16.83
C THR D 345 -29.96 -26.25 16.95
N LYS D 346 -30.82 -26.97 17.67
CA LYS D 346 -32.16 -26.45 17.82
C LYS D 346 -32.13 -25.26 18.78
N PHE D 347 -31.20 -25.26 19.73
CA PHE D 347 -31.07 -24.11 20.63
C PHE D 347 -30.63 -22.86 19.86
N ALA D 348 -29.95 -23.12 18.75
CA ALA D 348 -29.48 -22.10 17.82
C ALA D 348 -30.61 -21.47 17.03
N THR D 349 -31.46 -22.31 16.44
CA THR D 349 -32.60 -21.79 15.69
C THR D 349 -33.66 -21.22 16.65
N GLU D 350 -33.70 -21.71 17.90
CA GLU D 350 -34.62 -21.18 18.91
C GLU D 350 -34.20 -19.75 19.26
N TYR D 351 -33.05 -19.37 18.71
CA TYR D 351 -32.42 -18.09 18.95
C TYR D 351 -32.47 -17.03 17.89
N CYS D 352 -31.84 -17.29 16.74
CA CYS D 352 -31.90 -16.39 15.61
C CYS D 352 -33.34 -15.98 15.40
N ASN D 353 -34.22 -16.97 15.49
CA ASN D 353 -35.65 -16.75 15.35
C ASN D 353 -36.18 -15.65 16.26
N THR D 354 -36.04 -15.84 17.57
CA THR D 354 -36.62 -14.87 18.50
C THR D 354 -36.01 -13.48 18.47
N ILE D 355 -34.69 -13.39 18.30
CA ILE D 355 -34.00 -12.11 18.21
C ILE D 355 -34.56 -11.36 16.99
N GLU D 356 -34.78 -12.08 15.88
CA GLU D 356 -35.25 -11.49 14.63
C GLU D 356 -36.74 -11.68 14.35
N GLY D 357 -37.48 -12.07 15.38
CA GLY D 357 -38.92 -12.23 15.25
C GLY D 357 -39.55 -12.94 16.44
N SER D 365 -46.38 -11.99 30.39
CA SER D 365 -45.78 -12.26 29.08
C SER D 365 -45.33 -10.97 28.39
N GLU D 366 -44.25 -10.40 28.89
CA GLU D 366 -43.67 -9.19 28.32
C GLU D 366 -42.99 -9.55 27.00
N LEU D 367 -42.76 -8.55 26.16
CA LEU D 367 -42.18 -8.78 24.83
C LEU D 367 -40.76 -9.34 24.90
N CYS D 368 -40.45 -10.31 24.04
CA CYS D 368 -39.08 -10.79 23.96
C CYS D 368 -38.41 -10.32 22.67
N GLY D 369 -37.30 -10.95 22.31
CA GLY D 369 -36.29 -10.25 21.53
C GLY D 369 -36.58 -9.77 20.12
N GLY D 370 -37.54 -10.36 19.43
CA GLY D 370 -37.84 -9.91 18.08
C GLY D 370 -38.24 -8.46 18.05
N ALA D 371 -39.17 -8.10 18.92
CA ALA D 371 -39.62 -6.72 18.98
C ALA D 371 -39.23 -6.00 20.27
N ARG D 372 -38.98 -6.73 21.36
CA ARG D 372 -38.45 -6.11 22.57
C ARG D 372 -37.22 -5.33 22.21
N ILE D 373 -36.44 -5.86 21.27
CA ILE D 373 -35.22 -5.19 20.85
C ILE D 373 -35.62 -3.93 20.11
N CYS D 374 -36.40 -4.08 19.05
CA CYS D 374 -36.76 -2.90 18.28
C CYS D 374 -37.44 -1.95 19.27
N TYR D 375 -38.34 -2.51 20.09
CA TYR D 375 -39.01 -1.72 21.14
C TYR D 375 -37.97 -0.87 21.86
N ILE D 376 -36.96 -1.58 22.39
CA ILE D 376 -35.92 -0.93 23.15
C ILE D 376 -35.24 0.07 22.25
N PHE D 377 -35.15 -0.26 20.97
CA PHE D 377 -34.54 0.73 20.11
C PHE D 377 -35.47 1.84 19.79
N HIS D 378 -36.74 1.55 19.49
CA HIS D 378 -37.43 2.76 19.17
C HIS D 378 -38.36 3.40 20.15
N GLU D 379 -38.65 2.89 21.35
CA GLU D 379 -39.35 3.90 22.07
C GLU D 379 -38.56 4.34 23.28
N THR D 380 -37.86 3.40 23.93
CA THR D 380 -37.00 3.81 25.01
C THR D 380 -35.90 4.82 24.78
N PHE D 381 -35.05 4.42 23.80
CA PHE D 381 -33.91 5.20 23.38
C PHE D 381 -34.26 6.55 22.85
N GLY D 382 -35.49 6.63 22.35
CA GLY D 382 -36.00 7.89 21.87
C GLY D 382 -36.39 8.88 22.91
N ARG D 383 -37.13 8.36 23.89
CA ARG D 383 -37.58 9.20 24.95
C ARG D 383 -36.42 9.83 25.67
N THR D 384 -35.33 9.08 25.82
CA THR D 384 -34.15 9.66 26.43
C THR D 384 -33.52 10.76 25.59
N LEU D 385 -32.99 10.37 24.43
CA LEU D 385 -32.34 11.30 23.50
C LEU D 385 -33.18 12.54 23.18
N GLU D 386 -34.46 12.33 22.92
CA GLU D 386 -35.38 13.43 22.65
C GLU D 386 -35.46 14.34 23.87
N SER D 387 -35.35 13.72 25.05
CA SER D 387 -35.39 14.42 26.33
C SER D 387 -34.06 15.06 26.71
N VAL D 388 -33.04 14.87 25.88
CA VAL D 388 -31.75 15.51 26.13
C VAL D 388 -31.99 17.00 26.14
N ASP D 389 -31.29 17.68 27.04
CA ASP D 389 -31.76 18.90 27.65
C ASP D 389 -31.97 20.14 26.74
N PRO D 390 -31.04 20.45 25.80
CA PRO D 390 -29.66 20.00 25.58
C PRO D 390 -28.87 20.67 26.67
N LEU D 391 -29.23 21.92 26.94
CA LEU D 391 -28.60 22.68 28.02
C LEU D 391 -29.56 22.73 29.25
N GLY D 392 -28.98 22.79 30.45
CA GLY D 392 -27.55 22.73 30.46
C GLY D 392 -26.88 21.37 30.45
N GLY D 393 -25.84 21.22 31.24
CA GLY D 393 -25.41 21.64 32.57
C GLY D 393 -25.07 23.12 32.62
N LEU D 394 -24.76 23.68 31.46
CA LEU D 394 -24.40 25.08 31.30
C LEU D 394 -25.30 26.18 31.82
N ASN D 395 -24.80 26.72 32.94
CA ASN D 395 -25.39 27.86 33.62
C ASN D 395 -25.22 29.04 32.66
N THR D 396 -26.01 30.09 32.82
CA THR D 396 -25.82 31.22 31.93
C THR D 396 -24.41 31.74 32.20
N ILE D 397 -24.07 31.79 33.48
CA ILE D 397 -22.78 32.25 33.97
C ILE D 397 -21.65 31.44 33.36
N ASP D 398 -21.87 30.13 33.23
CA ASP D 398 -20.90 29.22 32.64
C ASP D 398 -20.57 29.58 31.19
N ILE D 399 -21.56 30.00 30.42
CA ILE D 399 -21.31 30.39 29.04
C ILE D 399 -20.38 31.61 29.01
N LEU D 400 -20.61 32.56 29.91
CA LEU D 400 -19.78 33.76 30.00
C LEU D 400 -18.31 33.52 30.39
N THR D 401 -18.06 32.57 31.29
CA THR D 401 -16.68 32.23 31.68
C THR D 401 -15.99 31.59 30.46
N ALA D 402 -16.74 30.76 29.74
CA ALA D 402 -16.22 30.10 28.54
C ALA D 402 -15.84 31.12 27.49
N ILE D 403 -16.67 32.15 27.33
CA ILE D 403 -16.36 33.21 26.37
C ILE D 403 -15.07 33.90 26.79
N ARG D 404 -14.96 34.19 28.09
CA ARG D 404 -13.81 34.90 28.66
C ARG D 404 -12.47 34.20 28.46
N ASN D 405 -12.46 32.89 28.68
CA ASN D 405 -11.24 32.11 28.55
C ASN D 405 -10.85 31.98 27.09
N ALA D 406 -11.86 32.03 26.23
CA ALA D 406 -11.65 32.02 24.79
C ALA D 406 -10.94 33.27 24.24
N THR D 407 -11.35 34.45 24.70
CA THR D 407 -10.67 35.69 24.29
C THR D 407 -9.24 35.81 24.80
N ALA D 408 -9.01 35.42 26.05
CA ALA D 408 -7.69 35.51 26.65
C ALA D 408 -6.60 34.79 25.85
N LEU D 413 -10.73 39.05 18.40
CA LEU D 413 -10.54 38.10 17.31
C LEU D 413 -11.86 37.43 17.10
N PHE D 414 -11.82 36.10 17.05
CA PHE D 414 -12.99 35.25 17.00
C PHE D 414 -13.27 34.63 18.36
N VAL D 415 -14.21 35.22 19.08
CA VAL D 415 -14.60 34.68 20.36
C VAL D 415 -15.98 34.04 20.35
N PRO D 416 -17.01 34.72 19.78
CA PRO D 416 -18.30 34.02 19.89
C PRO D 416 -18.36 32.67 19.17
N GLU D 417 -17.84 32.59 17.95
CA GLU D 417 -17.82 31.31 17.23
C GLU D 417 -16.88 30.31 17.92
N VAL D 418 -15.72 30.79 18.39
CA VAL D 418 -14.76 29.93 19.08
C VAL D 418 -15.37 29.45 20.39
N SER D 419 -16.08 30.34 21.08
CA SER D 419 -16.76 29.97 22.33
C SER D 419 -17.79 28.92 21.97
N PHE D 420 -18.50 29.12 20.86
CA PHE D 420 -19.48 28.15 20.43
C PHE D 420 -19.03 26.74 20.17
N GLU D 421 -17.87 26.55 19.57
CA GLU D 421 -17.42 25.20 19.32
C GLU D 421 -17.11 24.53 20.65
N LEU D 422 -16.42 25.25 21.54
CA LEU D 422 -16.07 24.72 22.86
C LEU D 422 -17.28 24.35 23.73
N LEU D 423 -18.32 25.19 23.67
CA LEU D 423 -19.54 24.98 24.43
C LEU D 423 -20.28 23.72 24.00
N VAL D 424 -20.72 23.71 22.74
CA VAL D 424 -21.48 22.62 22.15
C VAL D 424 -20.68 21.30 22.16
N LYS D 425 -19.43 21.30 21.68
CA LYS D 425 -18.61 20.08 21.65
C LYS D 425 -18.56 19.33 22.99
N ARG D 426 -18.83 20.05 24.06
CA ARG D 426 -18.92 19.53 25.42
C ARG D 426 -20.33 19.27 25.82
N GLN D 427 -21.19 19.96 25.09
CA GLN D 427 -22.59 19.93 25.35
C GLN D 427 -23.00 18.58 24.65
N ILE D 428 -22.52 18.35 23.42
CA ILE D 428 -22.72 17.13 22.60
C ILE D 428 -22.22 15.81 23.25
N LYS D 429 -21.21 15.97 24.11
CA LYS D 429 -20.53 14.93 24.91
C LYS D 429 -21.46 14.23 25.88
N ARG D 430 -22.52 14.91 26.32
CA ARG D 430 -23.43 14.27 27.27
C ARG D 430 -24.36 13.26 26.58
N LEU D 431 -24.26 13.17 25.26
CA LEU D 431 -25.08 12.24 24.50
C LEU D 431 -24.48 10.82 24.45
N GLU D 432 -23.21 10.66 24.82
CA GLU D 432 -22.59 9.33 24.85
C GLU D 432 -23.25 8.34 25.79
N GLU D 433 -23.47 8.76 27.03
CA GLU D 433 -24.09 7.94 28.05
C GLU D 433 -25.42 7.27 27.67
N PRO D 434 -26.43 8.05 27.21
CA PRO D 434 -27.69 7.40 26.84
C PRO D 434 -27.42 6.37 25.76
N SER D 435 -26.58 6.73 24.79
CA SER D 435 -26.26 5.84 23.69
C SER D 435 -25.68 4.57 24.34
N LEU D 436 -24.63 4.72 25.13
CA LEU D 436 -23.97 3.58 25.78
C LEU D 436 -25.01 2.72 26.51
N ARG D 437 -25.92 3.39 27.22
CA ARG D 437 -26.99 2.74 27.96
C ARG D 437 -27.83 1.85 27.04
N CYS D 438 -28.10 2.35 25.83
CA CYS D 438 -28.89 1.62 24.85
C CYS D 438 -28.25 0.26 24.62
N VAL D 439 -26.96 0.26 24.28
CA VAL D 439 -26.20 -0.97 24.07
C VAL D 439 -26.46 -1.94 25.20
N GLU D 440 -26.31 -1.45 26.43
CA GLU D 440 -26.51 -2.25 27.63
C GLU D 440 -27.91 -2.85 27.74
N LEU D 441 -28.93 -2.06 27.41
CA LEU D 441 -30.30 -2.55 27.47
C LEU D 441 -30.48 -3.75 26.54
N VAL D 442 -29.81 -3.69 25.39
CA VAL D 442 -29.86 -4.75 24.39
C VAL D 442 -29.20 -6.00 24.94
N HIS D 443 -28.05 -5.83 25.58
CA HIS D 443 -27.27 -6.93 26.14
C HIS D 443 -28.18 -7.68 27.11
N GLU D 444 -28.85 -6.90 27.95
CA GLU D 444 -29.78 -7.36 28.97
C GLU D 444 -30.77 -8.33 28.34
N GLU D 445 -31.50 -7.81 27.36
CA GLU D 445 -32.57 -8.51 26.66
C GLU D 445 -32.04 -9.70 25.85
N MET D 446 -30.75 -9.74 25.59
CA MET D 446 -30.23 -10.84 24.80
C MET D 446 -29.85 -11.96 25.74
N GLN D 447 -29.06 -11.67 26.77
CA GLN D 447 -28.67 -12.71 27.72
C GLN D 447 -29.92 -13.31 28.38
N ARG D 448 -31.01 -12.54 28.38
CA ARG D 448 -32.29 -12.96 28.97
C ARG D 448 -33.09 -13.86 28.03
N ILE D 449 -32.85 -13.74 26.73
CA ILE D 449 -33.52 -14.59 25.75
C ILE D 449 -33.11 -16.04 25.95
N ILE D 450 -31.89 -16.25 26.46
CA ILE D 450 -31.42 -17.61 26.69
C ILE D 450 -32.34 -18.37 27.65
N GLN D 451 -32.87 -17.67 28.66
CA GLN D 451 -33.73 -18.31 29.64
C GLN D 451 -35.09 -18.59 29.01
N HIS D 452 -35.43 -17.75 28.05
CA HIS D 452 -36.62 -17.82 27.19
C HIS D 452 -36.67 -19.03 26.25
N CYS D 453 -35.59 -19.80 26.18
CA CYS D 453 -35.56 -20.97 25.31
C CYS D 453 -34.81 -22.10 26.00
N SER D 454 -34.71 -21.96 27.31
CA SER D 454 -34.47 -23.06 28.21
C SER D 454 -35.86 -23.48 28.67
N ASN D 455 -36.75 -22.49 28.68
CA ASN D 455 -38.14 -22.65 29.10
C ASN D 455 -39.09 -22.98 27.95
N TYR D 456 -38.57 -22.98 26.72
CA TYR D 456 -39.38 -23.24 25.54
C TYR D 456 -38.86 -24.46 24.79
N LEU D 461 -36.28 -28.54 26.44
CA LEU D 461 -36.48 -29.96 26.70
C LEU D 461 -35.15 -30.66 26.93
N LEU D 462 -34.47 -30.26 27.99
CA LEU D 462 -33.15 -30.80 28.32
C LEU D 462 -33.08 -31.35 29.73
N ARG D 463 -33.16 -32.68 29.79
CA ARG D 463 -32.89 -33.48 30.97
C ARG D 463 -31.38 -33.64 31.15
N PHE D 464 -30.63 -32.74 30.50
CA PHE D 464 -29.18 -32.72 30.59
C PHE D 464 -28.72 -31.38 31.20
N PRO D 465 -28.76 -31.26 32.54
CA PRO D 465 -28.44 -30.08 33.34
C PRO D 465 -27.04 -29.50 33.10
N LYS D 466 -26.05 -30.37 32.88
CA LYS D 466 -24.67 -29.97 32.65
C LYS D 466 -24.61 -29.36 31.25
N LEU D 467 -25.33 -29.97 30.32
CA LEU D 467 -25.26 -29.66 28.90
C LEU D 467 -26.04 -28.36 28.83
N HIS D 468 -27.19 -28.33 29.49
CA HIS D 468 -28.03 -27.13 29.50
C HIS D 468 -27.21 -25.96 30.07
N ASP D 469 -26.51 -26.21 31.18
CA ASP D 469 -25.69 -25.17 31.80
C ASP D 469 -24.56 -24.73 30.86
N ALA D 470 -23.94 -25.69 30.18
CA ALA D 470 -22.85 -25.41 29.24
C ALA D 470 -23.23 -24.51 28.06
N ILE D 471 -24.36 -24.76 27.40
CA ILE D 471 -24.77 -23.94 26.27
C ILE D 471 -24.93 -22.49 26.73
N VAL D 472 -25.51 -22.31 27.92
CA VAL D 472 -25.72 -20.98 28.50
C VAL D 472 -24.40 -20.23 28.70
N GLU D 473 -23.40 -20.91 29.25
CA GLU D 473 -22.08 -20.32 29.54
C GLU D 473 -21.40 -19.88 28.25
N VAL D 474 -21.54 -20.70 27.22
CA VAL D 474 -20.94 -20.55 25.90
C VAL D 474 -21.56 -19.33 25.21
N VAL D 475 -22.85 -19.14 25.42
CA VAL D 475 -23.61 -18.04 24.82
C VAL D 475 -23.40 -16.83 25.73
N THR D 476 -23.69 -16.95 27.02
CA THR D 476 -23.56 -15.83 27.96
C THR D 476 -22.19 -15.14 27.74
N CYS D 477 -21.17 -15.92 27.43
CA CYS D 477 -19.84 -15.36 27.21
C CYS D 477 -19.77 -14.70 25.83
N LEU D 478 -20.45 -15.27 24.83
CA LEU D 478 -20.42 -14.70 23.48
C LEU D 478 -20.86 -13.25 23.45
N LEU D 479 -21.93 -12.93 24.17
CA LEU D 479 -22.43 -11.58 24.25
C LEU D 479 -21.41 -10.64 24.90
N ARG D 480 -20.75 -11.18 25.94
CA ARG D 480 -19.71 -10.50 26.70
C ARG D 480 -18.52 -10.11 25.82
N LYS D 481 -18.27 -10.95 24.82
CA LYS D 481 -17.20 -10.79 23.84
C LYS D 481 -17.45 -9.67 22.83
N ARG D 482 -18.71 -9.47 22.48
CA ARG D 482 -19.09 -8.47 21.49
C ARG D 482 -19.27 -7.09 22.10
N LEU D 483 -19.64 -7.06 23.38
CA LEU D 483 -19.79 -5.82 24.13
C LEU D 483 -18.61 -4.82 24.14
N PRO D 484 -17.36 -5.29 23.97
CA PRO D 484 -16.34 -4.22 23.90
C PRO D 484 -16.38 -3.49 22.55
N VAL D 485 -16.32 -4.25 21.47
CA VAL D 485 -16.32 -3.71 20.11
C VAL D 485 -17.46 -2.72 19.88
N THR D 486 -18.69 -3.18 20.07
CA THR D 486 -19.86 -2.33 19.85
C THR D 486 -19.77 -1.07 20.71
N ASN D 487 -19.50 -1.22 22.01
CA ASN D 487 -19.35 -0.06 22.88
C ASN D 487 -18.32 0.93 22.37
N GLU D 488 -17.29 0.42 21.72
CA GLU D 488 -16.27 1.31 21.15
C GLU D 488 -16.74 2.06 19.92
N MET D 489 -17.47 1.39 19.04
CA MET D 489 -17.99 2.04 17.85
C MET D 489 -18.99 3.12 18.25
N VAL D 490 -19.67 2.88 19.37
CA VAL D 490 -20.63 3.83 19.89
C VAL D 490 -19.87 5.08 20.33
N HIS D 491 -18.82 4.88 21.12
CA HIS D 491 -18.00 5.98 21.61
C HIS D 491 -17.48 6.83 20.46
N ASN D 492 -16.92 6.18 19.45
CA ASN D 492 -16.38 6.86 18.27
C ASN D 492 -17.42 7.77 17.65
N LEU D 493 -18.57 7.19 17.29
CA LEU D 493 -19.67 7.92 16.67
C LEU D 493 -19.96 9.22 17.42
N VAL D 494 -19.96 9.17 18.74
CA VAL D 494 -20.20 10.38 19.49
C VAL D 494 -18.96 11.27 19.39
N ALA D 495 -17.81 10.70 19.73
CA ALA D 495 -16.52 11.39 19.65
C ALA D 495 -16.25 12.04 18.30
N ILE D 496 -16.81 11.49 17.24
CA ILE D 496 -16.69 12.05 15.91
C ILE D 496 -17.24 13.48 15.84
N GLU D 497 -18.40 13.68 16.46
CA GLU D 497 -19.07 14.98 16.46
C GLU D 497 -18.17 16.04 17.11
N LEU D 498 -17.63 15.72 18.27
CA LEU D 498 -16.72 16.62 18.99
C LEU D 498 -15.43 16.94 18.24
N ALA D 499 -15.29 16.45 17.01
CA ALA D 499 -14.05 16.65 16.26
C ALA D 499 -14.11 17.68 15.14
N TYR D 500 -15.26 17.84 14.49
CA TYR D 500 -15.30 18.76 13.34
C TYR D 500 -16.33 19.88 13.35
N ILE D 501 -17.55 19.60 13.80
CA ILE D 501 -18.61 20.63 13.91
C ILE D 501 -18.74 21.53 12.66
N ASN D 502 -19.13 20.96 11.53
CA ASN D 502 -19.30 21.81 10.35
C ASN D 502 -20.48 22.75 10.57
N THR D 503 -20.40 23.94 9.98
CA THR D 503 -21.46 24.92 10.12
C THR D 503 -22.12 25.11 8.76
N LYS D 504 -21.60 24.41 7.77
CA LYS D 504 -22.14 24.45 6.42
C LYS D 504 -23.17 23.34 6.22
N HIS D 505 -23.60 22.73 7.31
CA HIS D 505 -24.64 21.70 7.25
C HIS D 505 -25.90 22.37 6.74
N PRO D 506 -26.65 21.66 5.88
CA PRO D 506 -27.85 22.26 5.26
C PRO D 506 -28.88 22.77 6.26
N ASP D 507 -29.06 22.08 7.38
CA ASP D 507 -30.05 22.51 8.36
C ASP D 507 -29.50 23.53 9.35
N PHE D 508 -28.33 24.08 9.06
CA PHE D 508 -27.72 25.03 9.99
C PHE D 508 -27.77 26.45 9.47
N ALA D 509 -28.19 27.39 10.33
CA ALA D 509 -28.24 28.80 9.95
C ALA D 509 -27.25 29.63 10.77
N GLN D 522 -28.22 40.52 19.09
CA GLN D 522 -29.02 40.44 20.29
C GLN D 522 -28.06 40.61 21.47
N ARG D 523 -28.20 39.82 22.52
CA ARG D 523 -27.25 39.88 23.62
C ARG D 523 -26.19 38.96 23.06
N ASP D 524 -24.95 38.99 23.55
CA ASP D 524 -23.96 38.10 22.94
C ASP D 524 -24.19 36.62 23.21
N CYS D 525 -24.21 36.18 24.46
CA CYS D 525 -24.44 34.76 24.70
C CYS D 525 -25.87 34.36 24.35
N GLU D 526 -26.76 35.34 24.29
CA GLU D 526 -28.17 35.15 23.93
C GLU D 526 -28.25 34.33 22.64
N VAL D 527 -27.52 34.81 21.64
CA VAL D 527 -27.47 34.17 20.33
C VAL D 527 -26.65 32.87 20.38
N ILE D 528 -25.48 32.87 21.02
CA ILE D 528 -24.67 31.65 21.11
C ILE D 528 -25.56 30.49 21.54
N GLU D 529 -26.37 30.78 22.55
CA GLU D 529 -27.36 29.88 23.13
C GLU D 529 -28.25 29.25 22.05
N ARG D 530 -28.73 30.10 21.12
CA ARG D 530 -29.60 29.65 20.02
C ARG D 530 -28.86 28.74 19.04
N LEU D 531 -27.59 29.05 18.85
CA LEU D 531 -26.72 28.33 17.94
C LEU D 531 -26.62 26.90 18.49
N ILE D 532 -26.09 26.76 19.70
CA ILE D 532 -25.91 25.45 20.34
C ILE D 532 -27.19 24.62 20.24
N LYS D 533 -28.34 25.25 20.50
CA LYS D 533 -29.62 24.57 20.43
C LYS D 533 -29.81 24.02 19.01
N SER D 534 -29.60 24.91 18.05
CA SER D 534 -29.76 24.62 16.62
C SER D 534 -28.93 23.40 16.20
N TYR D 535 -27.62 23.51 16.40
CA TYR D 535 -26.67 22.47 16.00
C TYR D 535 -26.83 21.14 16.73
N PHE D 536 -26.89 21.20 18.06
CA PHE D 536 -27.06 20.00 18.87
C PHE D 536 -28.27 19.18 18.41
N LEU D 537 -29.31 19.88 18.00
CA LEU D 537 -30.54 19.26 17.51
C LEU D 537 -30.25 18.33 16.33
N ILE D 538 -29.45 18.79 15.37
CA ILE D 538 -29.17 17.98 14.19
C ILE D 538 -28.24 16.84 14.64
N VAL D 539 -27.26 17.17 15.49
CA VAL D 539 -26.28 16.21 15.96
C VAL D 539 -26.98 15.10 16.74
N ARG D 540 -28.08 15.46 17.40
CA ARG D 540 -28.87 14.49 18.15
C ARG D 540 -29.56 13.52 17.21
N LYS D 541 -30.24 14.08 16.20
CA LYS D 541 -30.94 13.31 15.19
C LYS D 541 -30.03 12.24 14.59
N ASN D 542 -28.76 12.59 14.44
CA ASN D 542 -27.73 11.70 13.91
C ASN D 542 -27.57 10.48 14.80
N ILE D 543 -27.08 10.73 16.02
CA ILE D 543 -26.78 9.70 16.99
C ILE D 543 -28.00 8.79 17.22
N GLN D 544 -29.17 9.39 17.43
CA GLN D 544 -30.42 8.69 17.65
C GLN D 544 -30.80 7.65 16.58
N ASP D 545 -30.13 7.72 15.44
CA ASP D 545 -30.37 6.79 14.33
C ASP D 545 -29.16 5.89 14.22
N SER D 546 -27.95 6.44 14.38
CA SER D 546 -26.70 5.70 14.19
C SER D 546 -26.40 4.68 15.29
N VAL D 547 -26.69 4.99 16.54
CA VAL D 547 -26.45 4.04 17.63
C VAL D 547 -27.23 2.71 17.46
N PRO D 548 -28.56 2.77 17.23
CA PRO D 548 -29.28 1.51 17.02
C PRO D 548 -28.64 0.71 15.87
N LYS D 549 -28.35 1.42 14.78
CA LYS D 549 -27.71 0.83 13.62
C LYS D 549 -26.41 0.18 14.08
N ALA D 550 -25.64 0.93 14.86
CA ALA D 550 -24.37 0.47 15.40
C ALA D 550 -24.57 -0.89 16.07
N VAL D 551 -25.38 -0.91 17.14
CA VAL D 551 -25.61 -2.14 17.90
C VAL D 551 -25.91 -3.32 16.96
N MET D 552 -26.88 -3.14 16.06
CA MET D 552 -27.24 -4.18 15.10
C MET D 552 -26.11 -4.78 14.28
N HIS D 553 -25.11 -3.98 13.94
CA HIS D 553 -24.01 -4.50 13.15
C HIS D 553 -23.08 -5.35 14.01
N PHE D 554 -22.63 -4.78 15.12
CA PHE D 554 -21.55 -5.38 15.92
C PHE D 554 -22.02 -6.37 16.98
N LEU D 555 -23.24 -6.21 17.49
CA LEU D 555 -23.69 -7.08 18.56
C LEU D 555 -24.80 -8.04 18.14
N VAL D 556 -25.95 -7.50 17.76
CA VAL D 556 -27.09 -8.33 17.39
C VAL D 556 -26.83 -9.24 16.19
N ASN D 557 -26.47 -8.66 15.04
CA ASN D 557 -26.39 -9.44 13.81
C ASN D 557 -25.20 -10.39 13.79
N HIS D 558 -24.11 -9.92 14.39
CA HIS D 558 -22.88 -10.67 14.60
C HIS D 558 -23.17 -11.98 15.33
N VAL D 559 -23.95 -11.88 16.41
CA VAL D 559 -24.27 -13.01 17.26
C VAL D 559 -25.13 -13.98 16.45
N LYS D 560 -26.16 -13.52 15.77
CA LYS D 560 -27.02 -14.45 15.02
C LYS D 560 -26.23 -15.40 14.09
N ASP D 561 -25.36 -14.87 13.23
CA ASP D 561 -24.54 -15.68 12.32
C ASP D 561 -23.65 -16.71 13.08
N THR D 562 -22.86 -16.15 13.99
CA THR D 562 -21.86 -16.78 14.89
C THR D 562 -22.31 -18.02 15.68
N LEU D 563 -23.34 -17.86 16.50
CA LEU D 563 -23.89 -18.89 17.44
C LEU D 563 -24.19 -20.29 16.85
N GLN D 564 -24.47 -20.39 15.57
CA GLN D 564 -24.76 -21.63 14.85
C GLN D 564 -23.51 -22.55 14.97
N SER D 565 -22.32 -21.97 14.96
CA SER D 565 -21.07 -22.70 14.97
C SER D 565 -20.11 -22.32 16.12
N GLU D 566 -20.03 -21.08 16.60
CA GLU D 566 -19.05 -20.96 17.67
C GLU D 566 -19.66 -21.69 18.88
N LEU D 567 -20.97 -21.90 18.86
CA LEU D 567 -21.63 -22.64 19.95
C LEU D 567 -21.25 -24.08 19.76
N VAL D 568 -21.49 -24.53 18.53
CA VAL D 568 -21.26 -25.91 18.15
C VAL D 568 -19.80 -26.25 18.30
N GLY D 569 -18.92 -25.38 17.78
CA GLY D 569 -17.52 -25.68 17.91
C GLY D 569 -16.94 -25.85 19.30
N GLN D 570 -17.26 -24.97 20.26
CA GLN D 570 -16.69 -25.25 21.57
C GLN D 570 -17.27 -26.50 22.24
N LEU D 571 -18.59 -26.65 22.14
CA LEU D 571 -19.30 -27.81 22.67
C LEU D 571 -19.12 -29.19 22.00
N TYR D 572 -19.15 -29.23 20.67
CA TYR D 572 -18.93 -30.45 19.90
C TYR D 572 -17.53 -31.04 20.02
N LYS D 573 -17.20 -31.54 21.19
CA LYS D 573 -15.94 -32.26 21.31
C LYS D 573 -16.16 -33.59 22.01
N SER D 574 -15.68 -34.65 21.37
CA SER D 574 -15.91 -36.00 21.83
C SER D 574 -15.42 -36.24 23.25
N SER D 575 -14.35 -35.55 23.64
CA SER D 575 -13.81 -35.68 24.99
C SER D 575 -14.81 -35.36 26.12
N LEU D 576 -15.42 -34.19 26.07
CA LEU D 576 -16.36 -33.77 27.11
C LEU D 576 -17.77 -34.24 26.79
N LEU D 577 -17.91 -34.90 25.64
CA LEU D 577 -19.19 -35.36 25.15
C LEU D 577 -19.87 -36.30 26.15
N ASP D 578 -19.09 -37.22 26.72
CA ASP D 578 -19.63 -38.21 27.65
C ASP D 578 -20.27 -37.60 28.89
N ASP D 579 -19.66 -36.54 29.41
CA ASP D 579 -20.13 -35.90 30.64
C ASP D 579 -21.43 -35.12 30.45
N LEU D 580 -21.47 -34.32 29.39
CA LEU D 580 -22.58 -33.40 29.16
C LEU D 580 -23.89 -34.15 29.00
N LEU D 581 -23.85 -35.26 28.27
CA LEU D 581 -25.04 -36.08 28.05
C LEU D 581 -25.34 -37.05 29.18
N THR D 582 -24.64 -36.92 30.30
CA THR D 582 -24.98 -37.70 31.48
C THR D 582 -26.18 -37.03 32.14
N GLU D 583 -27.26 -37.78 32.26
CA GLU D 583 -28.47 -37.26 32.89
C GLU D 583 -28.20 -37.21 34.39
N SER D 584 -29.06 -36.52 35.12
CA SER D 584 -28.86 -36.39 36.56
C SER D 584 -28.91 -37.78 37.18
N GLU D 585 -27.96 -38.03 38.08
CA GLU D 585 -27.74 -39.35 38.64
C GLU D 585 -28.98 -39.88 39.37
N ASP D 586 -29.79 -38.97 39.91
CA ASP D 586 -31.05 -39.34 40.54
C ASP D 586 -32.02 -39.95 39.52
N MET D 587 -31.81 -39.66 38.24
CA MET D 587 -32.67 -40.20 37.21
C MET D 587 -32.13 -41.56 36.79
N ALA D 588 -30.89 -41.84 37.17
CA ALA D 588 -30.36 -43.17 36.95
C ALA D 588 -30.87 -44.09 38.04
N GLN D 589 -31.27 -43.50 39.17
CA GLN D 589 -31.84 -44.30 40.26
C GLN D 589 -33.32 -44.60 40.05
N ARG D 590 -34.08 -43.61 39.59
CA ARG D 590 -35.49 -43.82 39.30
C ARG D 590 -35.71 -44.74 38.10
N ARG D 591 -34.89 -44.56 37.07
CA ARG D 591 -34.99 -45.35 35.84
C ARG D 591 -34.57 -46.81 36.01
N LYS D 592 -33.63 -47.05 36.92
CA LYS D 592 -33.11 -48.40 37.11
C LYS D 592 -34.01 -49.22 38.03
N GLU D 593 -34.60 -48.55 39.03
CA GLU D 593 -35.54 -49.20 39.94
C GLU D 593 -36.80 -49.68 39.22
N ALA D 594 -37.10 -49.07 38.08
CA ALA D 594 -38.29 -49.43 37.31
C ALA D 594 -37.94 -50.45 36.24
N ALA D 595 -36.80 -50.27 35.59
CA ALA D 595 -36.34 -51.18 34.55
C ALA D 595 -36.11 -52.57 35.14
N ASP D 596 -35.55 -52.62 36.34
CA ASP D 596 -35.29 -53.89 37.01
C ASP D 596 -36.57 -54.59 37.47
N MET D 597 -37.51 -53.81 37.98
CA MET D 597 -38.82 -54.33 38.40
C MET D 597 -39.74 -54.79 37.27
N LEU D 598 -39.80 -53.98 36.21
CA LEU D 598 -40.62 -54.27 35.04
C LEU D 598 -40.17 -55.53 34.29
N LYS D 599 -38.86 -55.68 34.09
CA LYS D 599 -38.33 -56.85 33.39
C LYS D 599 -38.87 -58.09 34.12
N ALA D 600 -38.75 -58.09 35.45
CA ALA D 600 -39.20 -59.22 36.27
C ALA D 600 -40.72 -59.39 36.18
N LEU D 601 -41.48 -58.29 36.20
CA LEU D 601 -42.94 -58.36 36.11
C LEU D 601 -43.35 -59.02 34.80
N GLN D 602 -42.66 -58.67 33.72
CA GLN D 602 -42.91 -59.25 32.41
C GLN D 602 -42.62 -60.73 32.49
N GLY D 603 -41.46 -61.06 33.04
CA GLY D 603 -41.02 -62.43 33.23
C GLY D 603 -42.06 -63.16 34.06
N ALA D 604 -42.47 -62.52 35.15
CA ALA D 604 -43.47 -63.08 36.07
C ALA D 604 -44.80 -63.29 35.37
N SER D 605 -45.21 -62.32 34.54
CA SER D 605 -46.45 -62.41 33.80
C SER D 605 -46.46 -63.64 32.89
N GLN D 606 -45.35 -63.84 32.17
CA GLN D 606 -45.24 -64.97 31.27
C GLN D 606 -45.33 -66.31 32.00
N ILE D 607 -44.87 -66.33 33.25
CA ILE D 607 -44.92 -67.54 34.07
C ILE D 607 -46.36 -67.96 34.34
N ILE D 608 -47.22 -66.97 34.60
CA ILE D 608 -48.62 -67.22 34.88
C ILE D 608 -49.36 -67.60 33.59
N ALA D 609 -48.85 -67.14 32.45
CA ALA D 609 -49.45 -67.45 31.16
C ALA D 609 -49.12 -68.86 30.71
N GLU D 610 -47.99 -69.39 31.16
CA GLU D 610 -47.60 -70.76 30.83
C GLU D 610 -48.32 -71.86 31.62
N ILE D 611 -48.90 -71.51 32.76
CA ILE D 611 -49.60 -72.51 33.57
C ILE D 611 -50.88 -72.99 32.88
N ARG D 612 -51.50 -72.11 32.11
CA ARG D 612 -52.76 -72.40 31.41
C ARG D 612 -53.82 -73.03 32.30
#